data_9BXA
#
_entry.id   9BXA
#
_cell.length_a   1.00
_cell.length_b   1.00
_cell.length_c   1.00
_cell.angle_alpha   90.00
_cell.angle_beta   90.00
_cell.angle_gamma   90.00
#
_symmetry.space_group_name_H-M   'P 1'
#
loop_
_entity.id
_entity.type
_entity.pdbx_description
1 polymer MnxG
2 polymer MnxE
3 polymer MnxF
#
loop_
_entity_poly.entity_id
_entity_poly.type
_entity_poly.pdbx_seq_one_letter_code
_entity_poly.pdbx_strand_id
1 'polypeptide(L)'
;MLRKFHVVGISTRIVVNTFGDHNPNGRIYVLKENESKLKDLVRKNPYKPIDLVQPLAIRANEGDIVEILFENQLSFSAGM
HFQEADYSVLSSDGADAGYNPDTTVEPGGEILYRLNVNQEGICFFTDLGNVSSTEQGSSVQGLFGALLVQKRGSSWTDPV
TGGPINSGVYADIHHPFLPSFREYAWFFNDEMEIRDLTGERPLNPMTNQEAESFHGVNLRYEPMTNRKRLMEAGVVCPDC
DSEEVHHDSWVFGDPATPILRGYVGDPAVIRLIHGGVKETHVFHYHVHQWLGDSSNINAEILDAQSISPQTHYSIQPLYG
LGSLHGAIGDSIIHCHLYPAFGIGMWGMNRVFDTLQDGSQCYPNGVRIKALMPLPDRPEPPKPTPEKPGFPNFIPGKVGY
KAPRPPLGIVGGREMTELERNAAIENPRPGAVFVDPCLDQDPVVVEFNVSAIEMPVVYNKQGWHDPKARFYVMDEDLDDI
LSGKKEPEPLVFHVPAGTCIRMNYTNRMPHILDGDAFQLVTRTYENGFHIHFVKFDVLACDGGNVGWNYDSAVLPGQTIR
YEWYAETELKAFFFHDHLFANSHQQHGVFGAGVIQPRFSKFLDSRTGDEVDHGTQISVEHPLIPDYRDQTLFVHDFALLF
DKNGRPIQPPEYPGSEDDPGVFGVNFKCEPLKFRLGEDCDPAYSFSSYVHGDPVTPILRAYEGDPIRIRLLQGAHEESHS
FNIHGLRWKEERPDLGSSMKAQQHIGISESFTFETEIPASGDYLWAFEDEEDVWLGTWGLIRAYKGRMEDLIVLTDREAL
PEGSAETPKPTGKPPEKANPLASLPPGAYQGSPVKKFEVVAFQTPIQYNSYGDHDPYGIIFALKEDVEDILTGKKNPVPL
ILRANVGDLVEVTLTSELKKELFPFQDGIHPYPPVKEQSFYPPSLRISLHTSLLNYDVKTSSGDTVGYNPDQTVGPGETI
TYRWFVDGQFGMCSMWDMADLRNHRSFGTFGAFVAESRFTTYLDPYSLEKAITGENVILRHPLLPATREFVLILHDGVRL
EDKDGKVIIDPMDGVVPDTEELEEVDTYDYGSRGFNYRSERLINRYKEHPVMHELFSSEVFGDPATPLFEAYPGEPVVMR
ITTPAERRRAHTFHLHGHYWKFDSKDLDSRIQSFLGHMVTGHTDDLRLIGGAGGVFNFPGDYLYRSGNIRWDIELGMWGI
FRVHKDSKENLPRLEEVEGGWDNEEKA
;
A
2 'polypeptide(L)'
;MHDSPLKSLSAASNVASVNDPLFDFFNKHMGKQILIITESSQLNILGQTFRPIFCGKVAEVEPGHLTLSPVTIKILNAPF
HKFPIPLSIPFEKIAHFTTDVDCSMRIPLV
;
B,C,D
3 'polypeptide(L)'
;MEALFPMSTDYSKMTDVNEIHDSAILEHFRNGIGHKTLVISPSYPYMFVGIIKELIGDTVMIDVETTHFAQLENREWYIH
IHNIEVFYIERPGAPKIPKLEDY
;
E,F,G
#
# COMPACT_ATOMS: atom_id res chain seq x y z
N MET A 1 12.91 29.61 -11.08
CA MET A 1 13.83 29.97 -12.15
C MET A 1 13.48 29.19 -13.42
N LEU A 2 13.79 29.79 -14.58
CA LEU A 2 13.54 29.19 -15.88
C LEU A 2 14.76 28.38 -16.28
N ARG A 3 14.54 27.11 -16.61
CA ARG A 3 15.61 26.21 -17.02
C ARG A 3 15.45 25.86 -18.50
N LYS A 4 16.59 25.54 -19.13
CA LYS A 4 16.61 25.20 -20.54
C LYS A 4 17.45 23.96 -20.76
N PHE A 5 17.18 23.26 -21.86
CA PHE A 5 17.92 22.06 -22.20
C PHE A 5 17.99 21.94 -23.72
N HIS A 6 18.93 21.12 -24.19
CA HIS A 6 19.11 20.86 -25.61
C HIS A 6 19.34 19.36 -25.78
N VAL A 7 18.41 18.68 -26.44
CA VAL A 7 18.39 17.23 -26.53
C VAL A 7 18.43 16.80 -27.99
N VAL A 8 19.25 15.80 -28.28
CA VAL A 8 19.40 15.25 -29.61
C VAL A 8 19.16 13.75 -29.56
N GLY A 9 18.66 13.19 -30.66
CA GLY A 9 18.45 11.76 -30.79
C GLY A 9 19.36 11.19 -31.87
N ILE A 10 20.11 10.15 -31.49
CA ILE A 10 21.14 9.56 -32.34
C ILE A 10 20.97 8.05 -32.36
N SER A 11 21.66 7.42 -33.31
CA SER A 11 21.70 5.97 -33.43
C SER A 11 23.15 5.51 -33.46
N THR A 12 23.48 4.52 -32.63
CA THR A 12 24.85 4.06 -32.53
C THR A 12 24.90 2.65 -31.94
N ARG A 13 26.05 2.01 -32.08
CA ARG A 13 26.27 0.70 -31.51
C ARG A 13 26.33 0.78 -29.99
N ILE A 14 25.84 -0.28 -29.33
CA ILE A 14 25.83 -0.37 -27.89
C ILE A 14 26.52 -1.66 -27.47
N VAL A 15 27.42 -1.57 -26.49
CA VAL A 15 28.14 -2.72 -25.94
C VAL A 15 27.63 -2.95 -24.52
N VAL A 16 27.34 -4.21 -24.21
CA VAL A 16 26.70 -4.54 -22.94
C VAL A 16 27.63 -5.22 -21.95
N ASN A 17 28.70 -5.86 -22.41
CA ASN A 17 29.62 -6.54 -21.49
C ASN A 17 30.97 -6.69 -22.17
N THR A 18 31.97 -7.05 -21.36
CA THR A 18 33.33 -7.14 -21.85
C THR A 18 33.53 -8.28 -22.86
N PHE A 19 32.62 -9.24 -22.91
CA PHE A 19 32.75 -10.36 -23.83
C PHE A 19 32.45 -9.98 -25.28
N GLY A 20 31.92 -8.78 -25.53
CA GLY A 20 31.74 -8.30 -26.87
C GLY A 20 30.33 -8.37 -27.43
N ASP A 21 29.35 -8.76 -26.62
CA ASP A 21 27.97 -8.73 -27.08
C ASP A 21 27.54 -7.30 -27.37
N HIS A 22 26.84 -7.10 -28.48
CA HIS A 22 26.53 -5.75 -28.92
C HIS A 22 25.21 -5.73 -29.69
N ASN A 23 24.63 -4.53 -29.76
CA ASN A 23 23.41 -4.28 -30.53
C ASN A 23 23.75 -3.29 -31.63
N PRO A 24 23.60 -3.65 -32.90
CA PRO A 24 23.99 -2.72 -33.98
C PRO A 24 22.93 -1.69 -34.35
N ASN A 25 21.78 -1.66 -33.69
CA ASN A 25 20.68 -0.77 -34.05
C ASN A 25 20.12 -0.07 -32.83
N GLY A 26 20.99 0.48 -31.98
CA GLY A 26 20.55 1.20 -30.82
C GLY A 26 20.16 2.64 -31.13
N ARG A 27 19.21 3.15 -30.36
CA ARG A 27 18.75 4.54 -30.51
C ARG A 27 18.49 5.10 -29.12
N ILE A 28 19.19 6.17 -28.76
CA ILE A 28 19.13 6.74 -27.42
C ILE A 28 19.07 8.26 -27.50
N TYR A 29 18.79 8.89 -26.37
CA TYR A 29 18.89 10.32 -26.20
C TYR A 29 20.27 10.69 -25.67
N VAL A 30 20.66 11.94 -25.89
CA VAL A 30 21.97 12.44 -25.44
C VAL A 30 21.92 13.96 -25.43
N LEU A 31 22.77 14.56 -24.61
CA LEU A 31 22.89 16.01 -24.59
C LEU A 31 23.74 16.49 -25.77
N LYS A 32 23.61 17.78 -26.07
CA LYS A 32 24.28 18.35 -27.24
C LYS A 32 25.79 18.30 -27.08
N GLU A 33 26.30 18.60 -25.89
CA GLU A 33 27.75 18.75 -25.70
C GLU A 33 28.48 17.44 -25.91
N ASN A 34 27.92 16.33 -25.43
CA ASN A 34 28.63 15.06 -25.35
C ASN A 34 28.58 14.25 -26.65
N GLU A 35 27.92 14.75 -27.68
CA GLU A 35 27.72 13.96 -28.90
C GLU A 35 29.04 13.61 -29.56
N SER A 36 29.89 14.61 -29.79
CA SER A 36 31.16 14.37 -30.48
C SER A 36 32.06 13.45 -29.67
N LYS A 37 32.14 13.67 -28.36
CA LYS A 37 32.96 12.82 -27.51
C LYS A 37 32.46 11.38 -27.53
N LEU A 38 31.14 11.19 -27.45
CA LEU A 38 30.58 9.84 -27.47
C LEU A 38 30.86 9.15 -28.80
N LYS A 39 30.71 9.86 -29.91
CA LYS A 39 30.97 9.26 -31.20
C LYS A 39 32.44 8.89 -31.36
N ASP A 40 33.34 9.77 -30.92
CA ASP A 40 34.77 9.46 -31.01
C ASP A 40 35.13 8.26 -30.14
N LEU A 41 34.60 8.20 -28.92
CA LEU A 41 34.90 7.07 -28.05
C LEU A 41 34.34 5.77 -28.60
N VAL A 42 33.14 5.82 -29.20
CA VAL A 42 32.57 4.64 -29.82
C VAL A 42 33.44 4.17 -30.97
N ARG A 43 33.92 5.11 -31.79
CA ARG A 43 34.81 4.75 -32.88
C ARG A 43 36.10 4.12 -32.37
N LYS A 44 36.66 4.67 -31.29
CA LYS A 44 37.95 4.17 -30.78
C LYS A 44 37.82 2.78 -30.19
N ASN A 45 36.69 2.44 -29.58
CA ASN A 45 36.50 1.18 -28.88
C ASN A 45 35.35 0.41 -29.53
N PRO A 46 35.64 -0.41 -30.53
CA PRO A 46 34.57 -1.14 -31.22
C PRO A 46 33.83 -2.13 -30.34
N TYR A 47 34.50 -2.78 -29.39
CA TYR A 47 33.91 -3.87 -28.63
C TYR A 47 34.26 -3.76 -27.15
N LYS A 48 34.14 -2.55 -26.60
CA LYS A 48 34.35 -2.33 -25.18
C LYS A 48 33.26 -1.43 -24.63
N PRO A 49 32.81 -1.67 -23.40
CA PRO A 49 31.79 -0.80 -22.81
C PRO A 49 32.30 0.61 -22.56
N ILE A 50 31.39 1.57 -22.66
CA ILE A 50 31.68 2.97 -22.38
C ILE A 50 30.62 3.48 -21.41
N ASP A 51 31.05 4.11 -20.33
CA ASP A 51 30.11 4.56 -19.30
C ASP A 51 29.19 5.67 -19.80
N LEU A 52 29.63 6.45 -20.79
CA LEU A 52 28.84 7.58 -21.26
C LEU A 52 27.57 7.12 -21.97
N VAL A 53 27.51 5.87 -22.43
CA VAL A 53 26.33 5.35 -23.11
C VAL A 53 25.42 4.78 -22.03
N GLN A 54 24.37 5.52 -21.70
CA GLN A 54 23.43 5.13 -20.66
C GLN A 54 22.15 5.94 -20.79
N PRO A 55 21.05 5.51 -20.17
CA PRO A 55 19.81 6.29 -20.25
C PRO A 55 19.98 7.69 -19.67
N LEU A 56 19.23 8.62 -20.23
CA LEU A 56 19.34 10.04 -19.89
C LEU A 56 18.53 10.34 -18.64
N ALA A 57 19.12 11.13 -17.74
CA ALA A 57 18.45 11.57 -16.53
C ALA A 57 18.81 13.03 -16.27
N ILE A 58 17.78 13.84 -15.99
CA ILE A 58 17.97 15.26 -15.70
C ILE A 58 17.19 15.60 -14.45
N ARG A 59 17.53 16.74 -13.85
CA ARG A 59 16.99 17.14 -12.56
C ARG A 59 16.50 18.58 -12.61
N ALA A 60 15.49 18.87 -11.79
CA ALA A 60 14.92 20.20 -11.70
C ALA A 60 14.27 20.36 -10.33
N ASN A 61 14.02 21.60 -9.96
CA ASN A 61 13.45 21.93 -8.66
C ASN A 61 11.93 22.06 -8.75
N GLU A 62 11.28 21.86 -7.60
CA GLU A 62 9.82 21.95 -7.52
C GLU A 62 9.36 23.39 -7.79
N GLY A 63 8.32 23.51 -8.60
CA GLY A 63 7.71 24.81 -8.86
C GLY A 63 8.35 25.62 -9.97
N ASP A 64 9.29 25.05 -10.71
CA ASP A 64 9.97 25.78 -11.77
C ASP A 64 9.21 25.62 -13.10
N ILE A 65 9.73 26.31 -14.11
CA ILE A 65 9.21 26.23 -15.47
C ILE A 65 10.34 25.74 -16.37
N VAL A 66 10.05 24.72 -17.17
CA VAL A 66 11.07 24.01 -17.95
C VAL A 66 10.79 24.22 -19.42
N GLU A 67 11.82 24.59 -20.17
CA GLU A 67 11.77 24.70 -21.63
C GLU A 67 12.76 23.72 -22.22
N ILE A 68 12.32 22.92 -23.19
CA ILE A 68 13.14 21.89 -23.81
C ILE A 68 13.13 22.11 -25.32
N LEU A 69 14.32 22.11 -25.92
CA LEU A 69 14.47 22.20 -27.37
C LEU A 69 14.93 20.83 -27.88
N PHE A 70 14.19 20.28 -28.84
CA PHE A 70 14.43 18.94 -29.33
C PHE A 70 14.87 18.98 -30.79
N GLU A 71 15.93 18.26 -31.10
CA GLU A 71 16.45 18.14 -32.46
C GLU A 71 16.51 16.66 -32.83
N ASN A 72 16.07 16.35 -34.05
CA ASN A 72 15.95 14.97 -34.50
C ASN A 72 17.00 14.66 -35.56
N GLN A 73 17.58 13.47 -35.47
CA GLN A 73 18.55 12.99 -36.46
C GLN A 73 18.33 11.52 -36.80
N LEU A 74 17.12 11.00 -36.56
CA LEU A 74 16.81 9.61 -36.86
C LEU A 74 16.25 9.50 -38.27
N SER A 75 15.73 8.32 -38.61
CA SER A 75 15.24 8.04 -39.96
C SER A 75 13.72 8.10 -40.07
N PHE A 76 13.03 8.63 -39.07
CA PHE A 76 11.58 8.70 -39.10
C PHE A 76 11.12 9.80 -38.16
N SER A 77 9.86 10.21 -38.34
CA SER A 77 9.27 11.21 -37.47
C SER A 77 9.18 10.67 -36.04
N ALA A 78 9.41 11.57 -35.08
CA ALA A 78 9.46 11.15 -33.68
C ALA A 78 9.11 12.34 -32.80
N GLY A 79 8.86 12.06 -31.53
CA GLY A 79 8.53 13.08 -30.55
C GLY A 79 8.81 12.63 -29.13
N MET A 80 8.34 13.39 -28.15
CA MET A 80 8.55 13.06 -26.75
C MET A 80 7.26 13.32 -25.98
N HIS A 81 6.73 12.27 -25.36
CA HIS A 81 5.52 12.35 -24.55
C HIS A 81 5.87 12.23 -23.08
N PHE A 82 5.35 13.15 -22.27
CA PHE A 82 5.71 13.27 -20.88
C PHE A 82 4.64 12.64 -19.99
N GLN A 83 4.85 12.75 -18.68
CA GLN A 83 3.95 12.18 -17.68
C GLN A 83 4.01 13.03 -16.42
N GLU A 84 2.89 13.07 -15.69
CA GLU A 84 2.80 13.75 -14.40
C GLU A 84 3.21 15.22 -14.49
N ALA A 85 2.84 15.90 -15.56
CA ALA A 85 3.17 17.30 -15.74
C ALA A 85 1.98 18.05 -16.32
N ASP A 86 1.92 19.35 -16.04
CA ASP A 86 0.86 20.21 -16.55
C ASP A 86 1.33 20.89 -17.82
N TYR A 87 0.55 20.76 -18.88
CA TYR A 87 0.90 21.33 -20.18
C TYR A 87 -0.35 21.39 -21.03
N SER A 88 -0.26 22.13 -22.14
CA SER A 88 -1.33 22.23 -23.11
C SER A 88 -1.10 21.20 -24.21
N VAL A 89 -2.08 20.33 -24.43
CA VAL A 89 -1.94 19.29 -25.43
C VAL A 89 -1.89 19.85 -26.84
N LEU A 90 -2.31 21.10 -27.03
CA LEU A 90 -2.29 21.71 -28.36
C LEU A 90 -0.89 22.02 -28.85
N SER A 91 0.12 21.94 -27.98
CA SER A 91 1.48 22.24 -28.40
C SER A 91 2.55 21.27 -27.90
N SER A 92 2.25 20.41 -26.91
CA SER A 92 3.28 19.55 -26.34
C SER A 92 2.78 18.15 -26.06
N ASP A 93 1.82 17.65 -26.84
CA ASP A 93 1.32 16.30 -26.62
C ASP A 93 2.32 15.25 -27.07
N GLY A 94 2.96 15.47 -28.22
CA GLY A 94 3.89 14.50 -28.76
C GLY A 94 3.30 13.53 -29.76
N ALA A 95 2.05 13.72 -30.16
CA ALA A 95 1.41 12.85 -31.14
C ALA A 95 0.25 13.59 -31.78
N ASP A 96 -0.23 13.06 -32.89
CA ASP A 96 -1.36 13.63 -33.63
C ASP A 96 -2.58 12.76 -33.37
N ALA A 97 -3.42 13.18 -32.43
CA ALA A 97 -4.61 12.44 -32.06
C ALA A 97 -5.83 13.36 -32.12
N GLY A 98 -6.96 12.79 -32.53
CA GLY A 98 -8.19 13.57 -32.62
C GLY A 98 -8.06 14.70 -33.61
N TYR A 99 -8.54 15.88 -33.21
CA TYR A 99 -8.48 17.07 -34.05
C TYR A 99 -7.30 17.97 -33.73
N ASN A 100 -6.40 17.53 -32.84
CA ASN A 100 -5.28 18.36 -32.45
C ASN A 100 -4.28 18.51 -33.59
N PRO A 101 -3.57 19.64 -33.65
CA PRO A 101 -2.52 19.78 -34.66
C PRO A 101 -1.35 18.85 -34.38
N ASP A 102 -0.62 18.52 -35.44
CA ASP A 102 0.51 17.60 -35.32
C ASP A 102 1.59 18.22 -34.46
N THR A 103 2.19 17.40 -33.60
CA THR A 103 3.26 17.84 -32.71
C THR A 103 4.56 17.08 -32.87
N THR A 104 4.60 16.05 -33.72
CA THR A 104 5.85 15.35 -33.97
C THR A 104 6.71 16.12 -34.97
N VAL A 105 7.97 15.72 -35.07
CA VAL A 105 8.95 16.42 -35.89
C VAL A 105 9.54 15.44 -36.90
N GLU A 106 9.57 15.84 -38.16
CA GLU A 106 10.26 15.07 -39.18
C GLU A 106 11.77 15.21 -38.99
N PRO A 107 12.55 14.29 -39.54
CA PRO A 107 14.01 14.35 -39.36
C PRO A 107 14.58 15.67 -39.85
N GLY A 108 15.52 16.21 -39.08
CA GLY A 108 16.17 17.46 -39.39
C GLY A 108 15.48 18.70 -38.84
N GLY A 109 14.32 18.55 -38.21
CA GLY A 109 13.58 19.69 -37.70
C GLY A 109 13.84 19.95 -36.23
N GLU A 110 13.13 20.94 -35.69
CA GLU A 110 13.26 21.34 -34.30
C GLU A 110 11.88 21.72 -33.76
N ILE A 111 11.75 21.69 -32.43
CA ILE A 111 10.50 22.03 -31.77
C ILE A 111 10.81 22.44 -30.35
N LEU A 112 9.87 23.15 -29.72
CA LEU A 112 10.02 23.65 -28.35
C LEU A 112 8.86 23.17 -27.50
N TYR A 113 9.16 22.83 -26.24
CA TYR A 113 8.16 22.37 -25.29
C TYR A 113 8.21 23.23 -24.03
N ARG A 114 7.05 23.41 -23.41
CA ARG A 114 6.94 24.13 -22.15
C ARG A 114 6.17 23.29 -21.16
N LEU A 115 6.72 23.15 -19.95
CA LEU A 115 6.10 22.35 -18.90
C LEU A 115 6.15 23.09 -17.58
N ASN A 116 5.17 22.81 -16.72
CA ASN A 116 5.13 23.31 -15.36
C ASN A 116 5.08 22.13 -14.40
N VAL A 117 5.92 22.17 -13.38
CA VAL A 117 6.01 21.10 -12.39
C VAL A 117 5.43 21.61 -11.08
N ASN A 118 4.45 20.88 -10.54
CA ASN A 118 3.82 21.25 -9.28
C ASN A 118 3.95 20.18 -8.20
N GLN A 119 4.17 18.92 -8.56
CA GLN A 119 4.32 17.85 -7.59
C GLN A 119 5.69 17.20 -7.77
N GLU A 120 6.35 16.92 -6.65
CA GLU A 120 7.64 16.24 -6.69
C GLU A 120 7.47 14.77 -7.08
N GLY A 121 8.58 14.15 -7.45
CA GLY A 121 8.57 12.74 -7.79
C GLY A 121 9.37 12.40 -9.03
N ILE A 122 8.79 11.60 -9.91
CA ILE A 122 9.46 11.08 -11.09
C ILE A 122 8.63 11.41 -12.33
N CYS A 123 9.29 11.94 -13.35
CA CYS A 123 8.64 12.29 -14.62
C CYS A 123 9.24 11.39 -15.70
N PHE A 124 8.47 10.40 -16.14
CA PHE A 124 8.93 9.46 -17.16
C PHE A 124 8.42 9.88 -18.53
N PHE A 125 9.34 9.90 -19.50
CA PHE A 125 8.99 10.33 -20.85
C PHE A 125 9.49 9.32 -21.86
N THR A 126 8.80 9.23 -22.98
CA THR A 126 9.13 8.30 -24.06
C THR A 126 8.60 8.86 -25.37
N ASP A 127 8.57 8.04 -26.40
CA ASP A 127 8.15 8.45 -27.73
C ASP A 127 6.96 7.62 -28.18
N LEU A 128 6.09 8.24 -28.98
CA LEU A 128 4.90 7.58 -29.50
C LEU A 128 4.78 7.61 -31.02
N GLY A 129 5.78 8.14 -31.72
CA GLY A 129 5.70 8.17 -33.17
C GLY A 129 5.69 6.79 -33.80
N ASN A 130 6.57 5.91 -33.33
CA ASN A 130 6.66 4.53 -33.80
C ASN A 130 6.24 3.62 -32.66
N VAL A 131 5.24 2.77 -32.90
CA VAL A 131 4.67 1.92 -31.87
C VAL A 131 4.70 0.45 -32.28
N SER A 132 5.56 0.09 -33.23
CA SER A 132 5.68 -1.31 -33.63
C SER A 132 6.33 -2.13 -32.52
N SER A 133 5.91 -3.39 -32.39
CA SER A 133 6.47 -4.30 -31.42
C SER A 133 7.58 -5.16 -31.99
N THR A 134 7.95 -4.96 -33.26
CA THR A 134 9.01 -5.73 -33.89
C THR A 134 10.35 -5.04 -33.64
N GLU A 135 11.39 -5.50 -34.34
CA GLU A 135 12.71 -4.91 -34.19
C GLU A 135 12.80 -3.50 -34.76
N GLN A 136 11.77 -3.07 -35.50
CA GLN A 136 11.75 -1.74 -36.08
C GLN A 136 11.13 -0.69 -35.17
N GLY A 137 10.74 -1.07 -33.95
CA GLY A 137 10.14 -0.14 -33.03
C GLY A 137 11.13 0.86 -32.48
N SER A 138 10.59 1.84 -31.74
CA SER A 138 11.41 2.91 -31.17
C SER A 138 11.72 2.66 -29.71
N SER A 139 10.68 2.48 -28.88
CA SER A 139 10.91 2.30 -27.44
C SER A 139 11.55 0.95 -27.15
N VAL A 140 11.35 -0.03 -28.03
CA VAL A 140 11.90 -1.36 -27.80
C VAL A 140 13.41 -1.36 -27.93
N GLN A 141 13.97 -0.37 -28.62
CA GLN A 141 15.40 -0.30 -28.86
C GLN A 141 16.15 0.56 -27.85
N GLY A 142 15.47 1.00 -26.79
CA GLY A 142 16.14 1.75 -25.75
C GLY A 142 16.06 3.25 -25.91
N LEU A 143 14.87 3.75 -26.24
CA LEU A 143 14.63 5.18 -26.43
C LEU A 143 13.68 5.64 -25.33
N PHE A 144 14.23 5.99 -24.17
CA PHE A 144 13.43 6.45 -23.04
C PHE A 144 14.34 7.18 -22.07
N GLY A 145 13.72 7.91 -21.15
CA GLY A 145 14.45 8.64 -20.14
C GLY A 145 13.50 9.15 -19.09
N ALA A 146 14.07 9.71 -18.02
CA ALA A 146 13.29 10.19 -16.90
C ALA A 146 13.82 11.53 -16.43
N LEU A 147 12.92 12.32 -15.84
CA LEU A 147 13.25 13.60 -15.24
C LEU A 147 12.87 13.55 -13.76
N LEU A 148 13.81 13.93 -12.90
CA LEU A 148 13.63 13.85 -11.46
C LEU A 148 13.42 15.23 -10.87
N VAL A 149 12.49 15.34 -9.93
CA VAL A 149 12.16 16.60 -9.28
C VAL A 149 12.53 16.48 -7.81
N GLN A 150 13.32 17.42 -7.32
CA GLN A 150 13.74 17.45 -5.92
C GLN A 150 12.87 18.43 -5.13
N LYS A 151 13.15 18.52 -3.84
CA LYS A 151 12.46 19.48 -2.99
C LYS A 151 12.95 20.89 -3.25
N ARG A 152 12.21 21.86 -2.71
CA ARG A 152 12.50 23.26 -2.98
C ARG A 152 13.84 23.67 -2.37
N GLY A 153 14.61 24.45 -3.13
CA GLY A 153 15.86 24.99 -2.63
C GLY A 153 17.00 24.01 -2.53
N SER A 154 16.98 22.93 -3.30
CA SER A 154 18.02 21.91 -3.23
C SER A 154 19.16 22.23 -4.19
N SER A 155 20.22 21.44 -4.08
CA SER A 155 21.38 21.56 -4.96
C SER A 155 22.05 20.20 -5.07
N TRP A 156 22.80 20.01 -6.16
CA TRP A 156 23.41 18.72 -6.45
C TRP A 156 24.84 18.91 -6.93
N THR A 157 25.71 17.97 -6.55
CA THR A 157 27.11 17.98 -6.96
C THR A 157 27.49 16.61 -7.49
N ASP A 158 28.78 16.43 -7.77
CA ASP A 158 29.33 15.16 -8.22
C ASP A 158 29.69 14.27 -7.04
N PRO A 159 29.55 12.96 -7.18
CA PRO A 159 29.96 12.06 -6.09
C PRO A 159 31.46 11.85 -5.99
N VAL A 160 32.21 12.06 -7.07
CA VAL A 160 33.64 11.76 -7.07
C VAL A 160 34.45 13.02 -6.75
N THR A 161 34.30 14.05 -7.57
CA THR A 161 35.09 15.27 -7.43
C THR A 161 34.32 16.43 -6.80
N GLY A 162 32.99 16.34 -6.75
CA GLY A 162 32.20 17.41 -6.16
C GLY A 162 31.91 18.58 -7.08
N GLY A 163 32.34 18.51 -8.33
CA GLY A 163 32.07 19.57 -9.28
C GLY A 163 30.64 19.51 -9.79
N PRO A 164 30.19 20.57 -10.46
CA PRO A 164 28.84 20.58 -11.00
C PRO A 164 28.67 19.55 -12.12
N ILE A 165 27.46 19.01 -12.22
CA ILE A 165 27.11 18.04 -13.24
C ILE A 165 25.78 18.41 -13.86
N ASN A 166 25.54 17.92 -15.07
CA ASN A 166 24.29 18.15 -15.77
C ASN A 166 23.43 16.92 -15.93
N SER A 167 24.02 15.77 -16.26
CA SER A 167 23.28 14.53 -16.38
C SER A 167 24.12 13.40 -15.84
N GLY A 168 23.45 12.36 -15.36
CA GLY A 168 24.15 11.22 -14.81
C GLY A 168 23.19 10.29 -14.09
N VAL A 169 23.76 9.26 -13.49
CA VAL A 169 22.99 8.25 -12.76
C VAL A 169 23.27 8.28 -11.26
N TYR A 170 24.44 8.74 -10.83
CA TYR A 170 24.79 8.84 -9.43
C TYR A 170 25.04 10.30 -9.06
N ALA A 171 24.47 10.73 -7.94
CA ALA A 171 24.61 12.11 -7.52
C ALA A 171 24.32 12.21 -6.03
N ASP A 172 24.67 13.36 -5.46
CA ASP A 172 24.41 13.68 -4.06
C ASP A 172 23.62 14.97 -3.97
N ILE A 173 22.85 15.10 -2.88
CA ILE A 173 21.89 16.19 -2.73
C ILE A 173 22.16 16.91 -1.42
N HIS A 174 22.15 18.24 -1.46
CA HIS A 174 22.32 19.08 -0.28
C HIS A 174 21.11 19.98 -0.11
N HIS A 175 20.75 20.22 1.14
CA HIS A 175 19.62 21.09 1.49
C HIS A 175 19.96 21.82 2.79
N PRO A 176 19.51 23.07 2.92
CA PRO A 176 19.80 23.83 4.16
C PRO A 176 19.13 23.25 5.40
N PHE A 177 17.82 23.02 5.32
CA PHE A 177 17.03 22.62 6.47
C PHE A 177 16.87 21.10 6.61
N LEU A 178 17.37 20.32 5.67
CA LEU A 178 17.13 18.89 5.63
C LEU A 178 18.45 18.14 5.46
N PRO A 179 18.50 16.88 5.91
CA PRO A 179 19.76 16.12 5.80
C PRO A 179 20.13 15.84 4.36
N SER A 180 21.44 15.76 4.12
CA SER A 180 21.96 15.38 2.83
C SER A 180 21.91 13.87 2.65
N PHE A 181 21.76 13.42 1.41
CA PHE A 181 21.65 12.00 1.11
C PHE A 181 22.14 11.74 -0.30
N ARG A 182 22.44 10.47 -0.55
CA ARG A 182 22.87 10.03 -1.87
C ARG A 182 21.68 9.55 -2.69
N GLU A 183 21.81 9.61 -4.01
CA GLU A 183 20.74 9.26 -4.93
C GLU A 183 21.22 8.21 -5.92
N TYR A 184 20.31 7.33 -6.32
CA TYR A 184 20.59 6.28 -7.28
C TYR A 184 19.42 6.12 -8.23
N ALA A 185 19.70 5.59 -9.42
CA ALA A 185 18.68 5.29 -10.41
C ALA A 185 18.81 3.84 -10.85
N TRP A 186 17.69 3.26 -11.26
CA TRP A 186 17.65 1.83 -11.58
C TRP A 186 16.60 1.62 -12.67
N PHE A 187 17.04 1.26 -13.87
CA PHE A 187 16.16 1.08 -15.01
C PHE A 187 16.06 -0.39 -15.37
N PHE A 188 14.83 -0.87 -15.58
CA PHE A 188 14.57 -2.22 -16.04
C PHE A 188 14.21 -2.20 -17.53
N ASN A 189 14.70 -3.19 -18.26
CA ASN A 189 14.45 -3.26 -19.70
C ASN A 189 14.63 -4.71 -20.15
N ASP A 190 13.92 -5.06 -21.22
CA ASP A 190 13.95 -6.42 -21.73
C ASP A 190 13.56 -6.42 -23.20
N GLU A 191 13.76 -7.58 -23.84
CA GLU A 191 13.36 -7.81 -25.23
C GLU A 191 14.08 -6.85 -26.18
N MET A 192 15.41 -6.96 -26.23
CA MET A 192 16.23 -6.20 -27.16
C MET A 192 17.05 -7.15 -28.02
N GLU A 193 17.31 -6.73 -29.25
CA GLU A 193 18.11 -7.52 -30.17
C GLU A 193 19.55 -7.65 -29.65
N ILE A 194 20.09 -8.87 -29.72
CA ILE A 194 21.42 -9.16 -29.19
C ILE A 194 22.18 -10.01 -30.19
N ARG A 195 23.43 -9.63 -30.46
CA ARG A 195 24.31 -10.38 -31.32
C ARG A 195 25.65 -10.61 -30.63
N ASP A 196 26.30 -11.72 -30.97
CA ASP A 196 27.59 -12.07 -30.39
C ASP A 196 28.70 -11.53 -31.27
N LEU A 197 29.94 -11.97 -31.02
CA LEU A 197 31.06 -11.52 -31.84
C LEU A 197 30.94 -12.00 -33.28
N THR A 198 30.24 -13.10 -33.51
CA THR A 198 30.07 -13.65 -34.84
C THR A 198 28.81 -13.16 -35.53
N GLY A 199 28.06 -12.25 -34.91
CA GLY A 199 26.85 -11.75 -35.51
C GLY A 199 25.67 -12.69 -35.47
N GLU A 200 25.74 -13.74 -34.66
CA GLU A 200 24.68 -14.73 -34.53
C GLU A 200 23.99 -14.59 -33.18
N ARG A 201 22.78 -15.16 -33.10
CA ARG A 201 22.05 -15.16 -31.85
C ARG A 201 22.75 -16.07 -30.84
N PRO A 202 22.70 -15.73 -29.56
CA PRO A 202 23.32 -16.59 -28.54
C PRO A 202 22.63 -17.94 -28.48
N LEU A 203 23.41 -18.97 -28.15
CA LEU A 203 22.93 -20.34 -28.07
C LEU A 203 23.26 -20.92 -26.70
N ASN A 204 22.37 -21.75 -26.18
CA ASN A 204 22.57 -22.35 -24.86
C ASN A 204 23.51 -23.54 -24.98
N PRO A 205 24.72 -23.47 -24.42
CA PRO A 205 25.71 -24.52 -24.66
C PRO A 205 25.32 -25.91 -24.17
N MET A 206 24.61 -26.02 -23.04
CA MET A 206 24.18 -27.35 -22.58
C MET A 206 23.19 -27.97 -23.57
N THR A 207 22.31 -27.17 -24.15
CA THR A 207 21.23 -27.66 -24.98
C THR A 207 21.44 -27.40 -26.47
N ASN A 208 22.43 -26.57 -26.83
CA ASN A 208 22.69 -26.19 -28.21
C ASN A 208 21.49 -25.54 -28.87
N GLN A 209 20.59 -24.98 -28.06
CA GLN A 209 19.40 -24.32 -28.54
C GLN A 209 19.52 -22.81 -28.31
N GLU A 210 18.51 -22.09 -28.80
CA GLU A 210 18.50 -20.64 -28.66
C GLU A 210 18.36 -20.24 -27.20
N ALA A 211 19.14 -19.23 -26.81
CA ALA A 211 19.02 -18.67 -25.48
C ALA A 211 17.90 -17.63 -25.45
N GLU A 212 17.50 -17.27 -24.23
CA GLU A 212 16.43 -16.29 -24.07
C GLU A 212 16.90 -14.89 -24.46
N SER A 213 15.94 -14.00 -24.64
CA SER A 213 16.23 -12.66 -25.13
C SER A 213 16.89 -11.82 -24.03
N PHE A 214 17.13 -10.55 -24.36
CA PHE A 214 17.83 -9.67 -23.45
C PHE A 214 16.98 -9.35 -22.21
N HIS A 215 17.63 -9.37 -21.05
CA HIS A 215 17.00 -8.97 -19.79
C HIS A 215 18.10 -8.35 -18.93
N GLY A 216 18.22 -7.02 -18.99
CA GLY A 216 19.32 -6.34 -18.35
C GLY A 216 18.87 -5.10 -17.61
N VAL A 217 19.84 -4.48 -16.92
CA VAL A 217 19.63 -3.26 -16.16
C VAL A 217 20.62 -2.21 -16.64
N ASN A 218 20.10 -1.05 -17.03
CA ASN A 218 20.93 0.05 -17.51
C ASN A 218 21.82 -0.39 -18.67
N LEU A 219 21.23 -1.13 -19.61
CA LEU A 219 21.92 -1.61 -20.81
C LEU A 219 23.15 -2.45 -20.46
N ARG A 220 23.04 -3.23 -19.37
CA ARG A 220 24.09 -4.15 -18.99
C ARG A 220 23.46 -5.43 -18.45
N TYR A 221 24.14 -6.55 -18.68
CA TYR A 221 23.74 -7.81 -18.07
C TYR A 221 24.94 -8.75 -18.05
N GLU A 222 24.86 -9.75 -17.17
CA GLU A 222 25.99 -10.66 -16.90
C GLU A 222 25.51 -12.10 -17.02
N PRO A 223 25.48 -12.65 -18.24
CA PRO A 223 25.10 -14.05 -18.39
C PRO A 223 26.10 -14.98 -17.72
N MET A 224 25.60 -16.09 -17.18
CA MET A 224 26.45 -17.11 -16.59
C MET A 224 27.11 -18.00 -17.64
N THR A 225 26.57 -18.02 -18.85
CA THR A 225 27.10 -18.90 -19.89
C THR A 225 28.54 -18.54 -20.24
N ASN A 226 28.84 -17.24 -20.31
CA ASN A 226 30.21 -16.82 -20.61
C ASN A 226 31.18 -17.29 -19.54
N ARG A 227 30.80 -17.14 -18.26
CA ARG A 227 31.68 -17.57 -17.18
C ARG A 227 31.86 -19.08 -17.19
N LYS A 228 30.79 -19.82 -17.47
CA LYS A 228 30.93 -21.28 -17.57
C LYS A 228 31.82 -21.67 -18.74
N ARG A 229 31.72 -20.95 -19.85
CA ARG A 229 32.59 -21.20 -20.99
C ARG A 229 34.05 -20.94 -20.63
N LEU A 230 34.31 -19.86 -19.88
CA LEU A 230 35.65 -19.61 -19.40
C LEU A 230 36.12 -20.71 -18.46
N MET A 231 35.23 -21.22 -17.63
CA MET A 231 35.56 -22.33 -16.74
C MET A 231 35.96 -23.57 -17.52
N GLU A 232 35.23 -23.89 -18.59
CA GLU A 232 35.48 -25.12 -19.34
C GLU A 232 36.86 -25.14 -19.98
N ALA A 233 37.49 -23.98 -20.16
CA ALA A 233 38.84 -23.94 -20.71
C ALA A 233 39.89 -24.49 -19.76
N GLY A 234 39.54 -24.70 -18.48
CA GLY A 234 40.49 -25.23 -17.52
C GLY A 234 41.48 -24.24 -16.98
N VAL A 235 41.22 -22.93 -17.11
CA VAL A 235 42.08 -21.89 -16.59
C VAL A 235 41.76 -21.57 -15.14
N VAL A 236 40.51 -21.17 -14.87
CA VAL A 236 40.05 -20.91 -13.51
C VAL A 236 39.83 -22.23 -12.80
N CYS A 237 39.57 -22.18 -11.49
CA CYS A 237 39.45 -23.31 -10.57
C CYS A 237 38.79 -24.52 -11.22
N PRO A 238 39.48 -25.66 -11.29
CA PRO A 238 38.90 -26.84 -11.95
C PRO A 238 37.86 -27.56 -11.11
N ASP A 239 37.92 -27.45 -9.78
CA ASP A 239 36.98 -28.15 -8.93
C ASP A 239 35.61 -27.47 -8.88
N CYS A 240 35.53 -26.19 -9.22
CA CYS A 240 34.25 -25.49 -9.25
C CYS A 240 33.39 -26.05 -10.38
N ASP A 241 32.14 -26.40 -10.04
CA ASP A 241 31.32 -27.20 -10.97
C ASP A 241 30.43 -26.36 -11.87
N SER A 242 29.40 -25.72 -11.30
CA SER A 242 28.51 -24.96 -12.17
C SER A 242 28.11 -23.57 -11.68
N GLU A 243 27.78 -23.44 -10.39
CA GLU A 243 27.10 -22.21 -9.95
C GLU A 243 27.66 -21.67 -8.64
N GLU A 244 28.32 -22.53 -7.85
CA GLU A 244 28.76 -22.14 -6.53
C GLU A 244 29.77 -21.00 -6.55
N VAL A 245 30.37 -20.72 -7.71
CA VAL A 245 31.32 -19.62 -7.83
C VAL A 245 30.80 -18.61 -8.85
N HIS A 246 29.48 -18.54 -9.01
CA HIS A 246 28.90 -17.65 -10.01
C HIS A 246 29.12 -16.19 -9.66
N HIS A 247 28.94 -15.83 -8.38
CA HIS A 247 29.05 -14.45 -7.94
C HIS A 247 30.30 -14.18 -7.12
N ASP A 248 31.21 -15.14 -7.02
CA ASP A 248 32.41 -14.96 -6.20
C ASP A 248 33.39 -14.05 -6.93
N SER A 249 33.74 -12.93 -6.31
CA SER A 249 34.64 -11.98 -6.93
C SER A 249 36.09 -12.42 -6.87
N TRP A 250 36.43 -13.38 -6.00
CA TRP A 250 37.81 -13.85 -5.91
C TRP A 250 38.26 -14.59 -7.15
N VAL A 251 37.33 -15.00 -8.01
CA VAL A 251 37.64 -15.80 -9.19
C VAL A 251 37.63 -14.97 -10.46
N PHE A 252 36.55 -14.21 -10.69
CA PHE A 252 36.38 -13.48 -11.94
C PHE A 252 36.54 -11.97 -11.81
N GLY A 253 36.39 -11.42 -10.61
CA GLY A 253 36.43 -9.97 -10.44
C GLY A 253 35.05 -9.35 -10.56
N ASP A 254 35.04 -8.02 -10.42
CA ASP A 254 33.78 -7.29 -10.43
C ASP A 254 33.13 -7.36 -11.82
N PRO A 255 31.80 -7.40 -11.87
CA PRO A 255 31.10 -7.43 -13.15
C PRO A 255 30.91 -6.02 -13.69
N ALA A 256 30.21 -5.94 -14.83
CA ALA A 256 29.91 -4.67 -15.47
C ALA A 256 28.58 -4.08 -15.02
N THR A 257 27.84 -4.76 -14.16
CA THR A 257 26.57 -4.28 -13.67
C THR A 257 26.80 -3.12 -12.70
N PRO A 258 25.78 -2.28 -12.48
CA PRO A 258 25.97 -1.13 -11.59
C PRO A 258 26.38 -1.53 -10.19
N ILE A 259 27.27 -0.73 -9.60
CA ILE A 259 27.74 -0.93 -8.24
C ILE A 259 27.53 0.36 -7.47
N LEU A 260 26.91 0.26 -6.29
CA LEU A 260 26.61 1.42 -5.46
C LEU A 260 27.57 1.46 -4.28
N ARG A 261 28.15 2.63 -4.03
CA ARG A 261 29.16 2.80 -3.00
C ARG A 261 28.72 3.88 -2.01
N GLY A 262 29.12 3.70 -0.75
CA GLY A 262 28.78 4.66 0.28
C GLY A 262 29.38 4.24 1.60
N TYR A 263 29.24 5.12 2.58
CA TYR A 263 29.75 4.90 3.92
C TYR A 263 28.64 4.45 4.86
N VAL A 264 29.03 4.09 6.08
CA VAL A 264 28.07 3.60 7.06
C VAL A 264 27.23 4.74 7.60
N GLY A 265 25.92 4.53 7.64
CA GLY A 265 25.00 5.49 8.21
C GLY A 265 24.54 6.59 7.28
N ASP A 266 24.95 6.58 6.03
CA ASP A 266 24.54 7.61 5.08
C ASP A 266 23.11 7.35 4.62
N PRO A 267 22.19 8.30 4.78
CA PRO A 267 20.85 8.12 4.21
C PRO A 267 20.92 8.03 2.69
N ALA A 268 20.04 7.20 2.13
CA ALA A 268 20.03 6.96 0.70
C ALA A 268 18.61 6.90 0.18
N VAL A 269 18.45 7.22 -1.11
CA VAL A 269 17.17 7.13 -1.80
C VAL A 269 17.40 6.46 -3.15
N ILE A 270 16.54 5.52 -3.50
CA ILE A 270 16.65 4.78 -4.75
C ILE A 270 15.41 5.05 -5.59
N ARG A 271 15.62 5.44 -6.85
CA ARG A 271 14.54 5.65 -7.80
C ARG A 271 14.43 4.41 -8.68
N LEU A 272 13.23 3.89 -8.82
CA LEU A 272 12.98 2.66 -9.59
C LEU A 272 12.06 2.97 -10.76
N ILE A 273 12.50 2.61 -11.96
CA ILE A 273 11.75 2.86 -13.19
C ILE A 273 11.75 1.61 -14.04
N HIS A 274 10.58 1.27 -14.58
CA HIS A 274 10.43 0.12 -15.47
C HIS A 274 10.11 0.62 -16.86
N GLY A 275 11.02 0.38 -17.81
CA GLY A 275 10.82 0.82 -19.17
C GLY A 275 10.61 -0.33 -20.13
N GLY A 276 10.48 -1.54 -19.61
CA GLY A 276 10.28 -2.72 -20.44
C GLY A 276 8.95 -2.72 -21.17
N VAL A 277 8.65 -3.80 -21.89
CA VAL A 277 7.46 -3.80 -22.73
C VAL A 277 6.54 -4.97 -22.42
N LYS A 278 7.08 -6.09 -21.93
CA LYS A 278 6.29 -7.31 -21.84
C LYS A 278 6.11 -7.82 -20.40
N GLU A 279 7.18 -8.07 -19.67
CA GLU A 279 7.10 -8.91 -18.49
C GLU A 279 6.99 -8.10 -17.20
N THR A 280 6.64 -8.80 -16.12
CA THR A 280 6.52 -8.24 -14.78
C THR A 280 7.61 -8.81 -13.90
N HIS A 281 8.33 -7.93 -13.21
CA HIS A 281 9.49 -8.33 -12.42
C HIS A 281 9.24 -8.04 -10.95
N VAL A 282 10.08 -8.67 -10.10
CA VAL A 282 10.02 -8.48 -8.66
C VAL A 282 11.40 -8.01 -8.19
N PHE A 283 11.41 -6.95 -7.38
CA PHE A 283 12.63 -6.33 -6.91
C PHE A 283 12.87 -6.72 -5.46
N HIS A 284 14.05 -7.28 -5.19
CA HIS A 284 14.41 -7.75 -3.87
C HIS A 284 15.75 -7.16 -3.44
N TYR A 285 15.83 -6.75 -2.17
CA TYR A 285 17.02 -6.10 -1.64
C TYR A 285 17.33 -6.73 -0.30
N HIS A 286 18.58 -7.19 -0.13
CA HIS A 286 18.95 -7.89 1.09
C HIS A 286 19.13 -6.94 2.26
N VAL A 287 18.91 -7.47 3.46
CA VAL A 287 19.22 -6.85 4.75
C VAL A 287 18.77 -5.39 4.83
N HIS A 288 17.65 -5.09 4.17
CA HIS A 288 17.10 -3.74 4.22
C HIS A 288 15.59 -3.81 4.15
N GLN A 289 14.94 -2.78 4.70
CA GLN A 289 13.49 -2.66 4.71
C GLN A 289 13.10 -1.24 4.37
N TRP A 290 11.82 -1.06 4.03
CA TRP A 290 11.30 0.26 3.72
C TRP A 290 9.80 0.26 3.95
N LEU A 291 9.23 1.46 4.05
CA LEU A 291 7.78 1.61 4.22
C LEU A 291 7.07 1.44 2.89
N GLY A 292 5.82 1.00 2.96
CA GLY A 292 5.06 0.74 1.74
C GLY A 292 4.87 2.01 0.91
N ASP A 293 4.42 3.08 1.54
CA ASP A 293 4.28 4.38 0.89
C ASP A 293 5.01 5.41 1.74
N SER A 294 5.92 6.16 1.11
CA SER A 294 6.73 7.11 1.85
C SER A 294 5.91 8.26 2.42
N SER A 295 4.78 8.59 1.77
CA SER A 295 4.01 9.76 2.18
C SER A 295 3.45 9.60 3.58
N ASN A 296 2.85 8.44 3.89
CA ASN A 296 2.23 8.22 5.18
C ASN A 296 3.11 7.34 6.05
N ILE A 297 3.04 7.56 7.36
CA ILE A 297 3.85 6.81 8.32
C ILE A 297 3.12 5.62 8.91
N ASN A 298 1.95 5.24 8.37
CA ASN A 298 1.16 4.15 8.90
C ASN A 298 1.09 2.96 7.95
N ALA A 299 1.98 2.89 6.97
CA ALA A 299 1.98 1.76 6.05
C ALA A 299 2.69 0.56 6.68
N GLU A 300 2.69 -0.55 5.95
CA GLU A 300 3.34 -1.77 6.40
C GLU A 300 4.84 -1.70 6.14
N ILE A 301 5.54 -2.76 6.55
CA ILE A 301 6.98 -2.90 6.33
C ILE A 301 7.18 -3.99 5.28
N LEU A 302 7.91 -3.65 4.22
CA LEU A 302 8.12 -4.54 3.10
C LEU A 302 9.60 -4.68 2.81
N ASP A 303 9.93 -5.71 2.03
CA ASP A 303 11.28 -5.88 1.51
C ASP A 303 11.31 -6.30 0.05
N ALA A 304 10.17 -6.37 -0.62
CA ALA A 304 10.10 -6.69 -2.04
C ALA A 304 8.83 -6.11 -2.61
N GLN A 305 8.83 -5.87 -3.92
CA GLN A 305 7.69 -5.26 -4.57
C GLN A 305 7.63 -5.70 -6.02
N SER A 306 6.41 -5.78 -6.54
CA SER A 306 6.16 -6.08 -7.95
C SER A 306 6.23 -4.81 -8.77
N ILE A 307 6.34 -4.97 -10.08
CA ILE A 307 6.47 -3.83 -10.97
C ILE A 307 5.92 -4.24 -12.34
N SER A 308 5.42 -3.25 -13.08
CA SER A 308 4.77 -3.48 -14.36
C SER A 308 5.38 -2.55 -15.41
N PRO A 309 5.09 -2.75 -16.70
CA PRO A 309 5.61 -1.82 -17.71
C PRO A 309 5.11 -0.40 -17.47
N GLN A 310 6.01 0.56 -17.69
CA GLN A 310 5.71 1.99 -17.59
C GLN A 310 5.11 2.35 -16.24
N THR A 311 5.91 2.15 -15.20
CA THR A 311 5.52 2.53 -13.85
C THR A 311 6.79 2.77 -13.04
N HIS A 312 6.62 3.44 -11.90
CA HIS A 312 7.77 3.86 -11.10
C HIS A 312 7.40 3.86 -9.63
N TYR A 313 8.43 3.86 -8.78
CA TYR A 313 8.27 3.88 -7.34
C TYR A 313 9.48 4.57 -6.71
N SER A 314 9.35 4.91 -5.44
CA SER A 314 10.44 5.49 -4.66
C SER A 314 10.74 4.59 -3.46
N ILE A 315 12.01 4.55 -3.08
CA ILE A 315 12.49 3.64 -2.05
C ILE A 315 13.34 4.42 -1.05
N GLN A 316 13.09 4.21 0.24
CA GLN A 316 13.85 4.88 1.30
C GLN A 316 14.17 3.86 2.37
N PRO A 317 15.40 3.33 2.38
CA PRO A 317 15.78 2.34 3.40
C PRO A 317 15.71 2.93 4.80
N LEU A 318 15.30 2.11 5.75
CA LEU A 318 15.17 2.54 7.14
C LEU A 318 16.54 2.64 7.80
N TYR A 319 16.70 3.67 8.63
CA TYR A 319 17.91 3.92 9.41
C TYR A 319 19.15 4.10 8.55
N GLY A 320 19.00 4.33 7.26
CA GLY A 320 20.14 4.48 6.38
C GLY A 320 20.79 3.14 6.06
N LEU A 321 21.95 3.24 5.40
CA LEU A 321 22.69 2.04 5.04
C LEU A 321 23.20 1.32 6.28
N GLY A 322 23.26 -0.01 6.20
CA GLY A 322 23.68 -0.83 7.32
C GLY A 322 22.59 -1.17 8.31
N SER A 323 21.37 -0.70 8.09
CA SER A 323 20.24 -0.98 8.97
C SER A 323 20.49 -0.52 10.40
N LEU A 324 19.73 -1.07 11.35
CA LEU A 324 19.79 -0.60 12.73
C LEU A 324 21.15 -0.88 13.36
N HIS A 325 21.68 -2.08 13.17
CA HIS A 325 22.91 -2.49 13.85
C HIS A 325 24.17 -2.05 13.12
N GLY A 326 24.04 -1.43 11.95
CA GLY A 326 25.21 -0.92 11.23
C GLY A 326 26.12 -2.01 10.72
N ALA A 327 25.65 -2.81 9.77
CA ALA A 327 26.47 -3.87 9.21
C ALA A 327 27.30 -3.36 8.05
N ILE A 328 28.41 -4.07 7.78
CA ILE A 328 29.32 -3.72 6.70
C ILE A 328 29.55 -4.96 5.85
N GLY A 329 29.94 -4.74 4.59
CA GLY A 329 30.20 -5.81 3.65
C GLY A 329 29.53 -5.56 2.31
N ASP A 330 29.23 -6.65 1.61
CA ASP A 330 28.63 -6.60 0.29
C ASP A 330 27.19 -7.11 0.37
N SER A 331 26.27 -6.35 -0.22
CA SER A 331 24.86 -6.72 -0.28
C SER A 331 24.44 -6.81 -1.74
N ILE A 332 23.72 -7.87 -2.08
CA ILE A 332 23.35 -8.14 -3.47
C ILE A 332 21.94 -7.59 -3.74
N ILE A 333 21.72 -7.19 -4.98
CA ILE A 333 20.41 -6.72 -5.45
C ILE A 333 20.10 -7.46 -6.74
N HIS A 334 18.93 -8.11 -6.79
CA HIS A 334 18.61 -8.93 -7.94
C HIS A 334 17.10 -9.12 -8.03
N CYS A 335 16.65 -9.47 -9.22
CA CYS A 335 15.29 -9.93 -9.41
C CYS A 335 15.15 -11.37 -8.91
N HIS A 336 13.96 -11.72 -8.45
CA HIS A 336 13.74 -13.01 -7.82
C HIS A 336 13.28 -14.09 -8.80
N LEU A 337 13.11 -13.76 -10.08
CA LEU A 337 12.74 -14.75 -11.08
C LEU A 337 13.97 -15.59 -11.40
N TYR A 338 13.90 -16.88 -11.08
CA TYR A 338 15.08 -17.75 -11.21
C TYR A 338 15.59 -17.86 -12.63
N PRO A 339 14.76 -18.08 -13.67
CA PRO A 339 15.30 -18.02 -15.03
C PRO A 339 15.91 -16.67 -15.37
N ALA A 340 15.27 -15.58 -14.94
CA ALA A 340 15.83 -14.24 -15.17
C ALA A 340 17.12 -14.04 -14.40
N PHE A 341 17.19 -14.55 -13.17
CA PHE A 341 18.43 -14.47 -12.40
C PHE A 341 19.54 -15.23 -13.10
N GLY A 342 19.23 -16.40 -13.65
CA GLY A 342 20.21 -17.15 -14.43
C GLY A 342 20.65 -16.40 -15.66
N ILE A 343 19.72 -15.64 -16.28
CA ILE A 343 20.08 -14.79 -17.39
C ILE A 343 21.09 -13.72 -16.97
N GLY A 344 21.04 -13.28 -15.73
CA GLY A 344 22.03 -12.34 -15.23
C GLY A 344 21.54 -10.93 -15.01
N MET A 345 20.33 -10.77 -14.49
CA MET A 345 19.79 -9.46 -14.13
C MET A 345 20.00 -9.26 -12.63
N TRP A 346 21.19 -8.82 -12.26
CA TRP A 346 21.53 -8.65 -10.85
C TRP A 346 22.56 -7.55 -10.71
N GLY A 347 22.66 -7.02 -9.49
CA GLY A 347 23.61 -5.98 -9.17
C GLY A 347 24.14 -6.17 -7.75
N MET A 348 25.10 -5.33 -7.39
CA MET A 348 25.75 -5.44 -6.09
C MET A 348 25.84 -4.06 -5.44
N ASN A 349 25.82 -4.04 -4.12
CA ASN A 349 25.95 -2.83 -3.34
C ASN A 349 27.08 -2.99 -2.34
N ARG A 350 27.94 -1.99 -2.25
CA ARG A 350 29.16 -2.05 -1.45
C ARG A 350 29.14 -0.96 -0.38
N VAL A 351 29.54 -1.33 0.83
CA VAL A 351 29.60 -0.42 1.96
C VAL A 351 31.00 -0.44 2.55
N PHE A 352 31.60 0.73 2.73
CA PHE A 352 32.91 0.85 3.33
C PHE A 352 32.80 1.34 4.76
N ASP A 353 33.94 1.37 5.46
CA ASP A 353 34.01 1.91 6.80
C ASP A 353 35.23 2.78 7.02
N THR A 354 36.11 2.95 6.03
CA THR A 354 37.31 3.76 6.16
C THR A 354 37.38 4.74 5.00
N LEU A 355 38.08 5.84 5.23
CA LEU A 355 38.20 6.88 4.20
C LEU A 355 38.95 6.33 2.99
N GLN A 356 38.47 6.72 1.80
CA GLN A 356 39.05 6.28 0.53
C GLN A 356 39.47 7.52 -0.25
N ASP A 357 40.77 7.81 -0.26
CA ASP A 357 41.33 8.95 -0.98
C ASP A 357 41.70 8.62 -2.41
N GLY A 358 41.60 7.36 -2.82
CA GLY A 358 41.99 6.95 -4.15
C GLY A 358 43.39 6.39 -4.26
N SER A 359 44.08 6.16 -3.14
CA SER A 359 45.42 5.62 -3.15
C SER A 359 45.47 4.14 -2.75
N GLN A 360 44.32 3.50 -2.59
CA GLN A 360 44.26 2.10 -2.22
C GLN A 360 44.01 1.22 -3.45
N CYS A 361 44.19 -0.08 -3.26
CA CYS A 361 44.06 -1.03 -4.35
C CYS A 361 43.32 -2.27 -3.88
N TYR A 362 42.60 -2.90 -4.82
CA TYR A 362 41.95 -4.17 -4.57
C TYR A 362 42.99 -5.28 -4.53
N PRO A 363 42.64 -6.45 -3.98
CA PRO A 363 43.63 -7.54 -3.93
C PRO A 363 44.16 -7.95 -5.29
N ASN A 364 43.39 -7.75 -6.36
CA ASN A 364 43.86 -8.08 -7.70
C ASN A 364 44.72 -6.98 -8.31
N GLY A 365 44.89 -5.85 -7.63
CA GLY A 365 45.72 -4.78 -8.11
C GLY A 365 45.00 -3.61 -8.75
N VAL A 366 43.67 -3.65 -8.80
CA VAL A 366 42.90 -2.57 -9.41
C VAL A 366 42.77 -1.42 -8.42
N ARG A 367 43.09 -0.22 -8.86
CA ARG A 367 43.00 0.96 -8.02
C ARG A 367 41.55 1.29 -7.71
N ILE A 368 41.30 1.71 -6.47
CA ILE A 368 39.97 2.08 -6.01
C ILE A 368 39.83 3.60 -6.07
N LYS A 369 38.79 4.08 -6.73
CA LYS A 369 38.55 5.50 -6.86
C LYS A 369 38.12 6.11 -5.54
N ALA A 370 38.29 7.43 -5.43
CA ALA A 370 37.98 8.13 -4.20
C ALA A 370 36.48 8.28 -4.01
N LEU A 371 36.10 8.91 -2.89
CA LEU A 371 34.71 9.10 -2.54
C LEU A 371 34.60 10.24 -1.54
N MET A 372 33.91 11.30 -1.93
CA MET A 372 33.78 12.49 -1.08
C MET A 372 32.78 12.23 0.04
N PRO A 373 33.15 12.42 1.29
CA PRO A 373 32.20 12.22 2.39
C PRO A 373 31.17 13.34 2.44
N LEU A 374 30.05 13.05 3.10
CA LEU A 374 29.03 14.06 3.30
C LEU A 374 29.51 15.11 4.30
N PRO A 375 29.05 16.36 4.16
CA PRO A 375 29.62 17.45 4.96
C PRO A 375 29.02 17.60 6.35
N ASP A 376 27.91 16.95 6.67
CA ASP A 376 27.22 17.17 7.93
C ASP A 376 27.34 15.97 8.88
N ARG A 377 28.30 15.10 8.67
CA ARG A 377 28.50 13.94 9.52
C ARG A 377 29.98 13.76 9.79
N PRO A 378 30.34 13.13 10.92
CA PRO A 378 31.76 12.89 11.19
C PRO A 378 32.38 11.96 10.17
N GLU A 379 33.67 12.17 9.90
CA GLU A 379 34.37 11.41 8.89
C GLU A 379 34.88 10.08 9.45
N PRO A 380 34.97 9.05 8.61
CA PRO A 380 35.54 7.77 9.05
C PRO A 380 37.03 7.91 9.30
N PRO A 381 37.59 7.09 10.18
CA PRO A 381 39.03 7.17 10.44
C PRO A 381 39.85 6.73 9.23
N LYS A 382 41.06 7.28 9.14
CA LYS A 382 41.95 6.95 8.04
C LYS A 382 42.45 5.51 8.17
N PRO A 383 42.70 4.84 7.04
CA PRO A 383 43.23 3.48 7.10
C PRO A 383 44.67 3.45 7.59
N THR A 384 45.03 2.34 8.20
CA THR A 384 46.36 2.11 8.74
C THR A 384 46.83 0.73 8.35
N PRO A 385 48.13 0.47 8.34
CA PRO A 385 48.60 -0.90 8.06
C PRO A 385 48.04 -1.93 9.02
N GLU A 386 47.85 -1.56 10.29
CA GLU A 386 47.28 -2.49 11.26
C GLU A 386 45.78 -2.67 11.07
N LYS A 387 45.09 -1.63 10.59
CA LYS A 387 43.65 -1.69 10.34
C LYS A 387 43.36 -1.22 8.93
N PRO A 388 43.71 -2.04 7.92
CA PRO A 388 43.47 -1.61 6.53
C PRO A 388 42.01 -1.45 6.18
N GLY A 389 41.10 -2.06 6.93
CA GLY A 389 39.69 -1.97 6.63
C GLY A 389 39.24 -2.97 5.57
N PHE A 390 37.94 -3.00 5.37
CA PHE A 390 37.37 -3.89 4.37
C PHE A 390 37.82 -3.47 2.97
N PRO A 391 38.16 -4.40 2.09
CA PRO A 391 38.21 -5.86 2.30
C PRO A 391 39.65 -6.37 2.43
N ASN A 392 40.59 -5.51 2.81
CA ASN A 392 42.00 -5.88 2.77
C ASN A 392 42.41 -6.84 3.88
N PHE A 393 41.57 -7.07 4.88
CA PHE A 393 41.94 -7.93 6.00
C PHE A 393 41.45 -9.37 5.85
N ILE A 394 40.80 -9.70 4.74
CA ILE A 394 40.33 -11.06 4.51
C ILE A 394 41.47 -11.89 3.94
N PRO A 395 41.83 -13.02 4.58
CA PRO A 395 42.95 -13.84 4.09
C PRO A 395 42.54 -14.77 2.95
N GLY A 396 42.18 -14.16 1.81
CA GLY A 396 41.82 -14.92 0.63
C GLY A 396 42.97 -15.06 -0.34
N LYS A 397 42.69 -15.74 -1.46
CA LYS A 397 43.68 -15.95 -2.51
C LYS A 397 42.99 -15.81 -3.86
N VAL A 398 43.69 -15.17 -4.80
CA VAL A 398 43.13 -14.93 -6.13
C VAL A 398 43.05 -16.22 -6.90
N GLY A 399 41.95 -16.41 -7.62
CA GLY A 399 41.77 -17.59 -8.45
C GLY A 399 41.25 -18.81 -7.73
N TYR A 400 40.82 -18.68 -6.48
CA TYR A 400 40.29 -19.80 -5.71
C TYR A 400 39.06 -19.36 -4.95
N LYS A 401 38.30 -20.34 -4.47
CA LYS A 401 37.07 -20.06 -3.76
C LYS A 401 37.36 -19.38 -2.42
N ALA A 402 36.41 -18.58 -1.97
CA ALA A 402 36.58 -17.83 -0.73
C ALA A 402 36.69 -18.78 0.47
N PRO A 403 37.47 -18.41 1.47
CA PRO A 403 37.64 -19.28 2.64
C PRO A 403 36.44 -19.23 3.57
N ARG A 404 36.37 -20.22 4.46
CA ARG A 404 35.29 -20.30 5.41
C ARG A 404 35.43 -19.23 6.49
N PRO A 405 34.32 -18.76 7.05
CA PRO A 405 34.40 -17.81 8.16
C PRO A 405 34.89 -18.49 9.42
N PRO A 406 35.54 -17.75 10.32
CA PRO A 406 36.05 -18.36 11.56
C PRO A 406 34.95 -18.55 12.60
N LEU A 407 35.17 -19.56 13.44
CA LEU A 407 34.30 -19.91 14.58
C LEU A 407 32.88 -20.25 14.16
N GLY A 408 32.65 -20.61 12.91
CA GLY A 408 31.33 -21.00 12.47
C GLY A 408 31.11 -22.49 12.50
N ILE A 409 32.04 -23.24 11.93
CA ILE A 409 31.98 -24.70 11.88
C ILE A 409 32.69 -25.26 13.09
N VAL A 410 32.12 -26.30 13.70
CA VAL A 410 32.76 -26.97 14.81
C VAL A 410 34.11 -27.52 14.35
N GLY A 411 35.16 -27.19 15.10
CA GLY A 411 36.50 -27.54 14.68
C GLY A 411 36.98 -26.82 13.44
N GLY A 412 36.60 -25.55 13.28
CA GLY A 412 36.98 -24.77 12.13
C GLY A 412 38.36 -24.16 12.29
N ARG A 413 38.69 -23.26 11.36
CA ARG A 413 39.98 -22.62 11.35
C ARG A 413 40.07 -21.59 12.47
N GLU A 414 41.29 -21.12 12.72
CA GLU A 414 41.55 -20.13 13.76
C GLU A 414 41.56 -18.72 13.18
N MET A 415 41.65 -17.74 14.06
CA MET A 415 41.66 -16.34 13.68
C MET A 415 43.10 -15.84 13.54
N THR A 416 43.28 -14.85 12.66
CA THR A 416 44.55 -14.20 12.48
C THR A 416 44.58 -12.88 13.27
N GLU A 417 45.75 -12.23 13.28
CA GLU A 417 45.89 -10.98 14.02
C GLU A 417 45.07 -9.87 13.38
N LEU A 418 44.92 -9.89 12.07
CA LEU A 418 44.12 -8.87 11.39
C LEU A 418 42.66 -8.96 11.80
N GLU A 419 42.09 -10.18 11.79
CA GLU A 419 40.72 -10.36 12.22
C GLU A 419 40.54 -10.01 13.69
N ARG A 420 41.54 -10.36 14.51
CA ARG A 420 41.48 -10.01 15.93
C ARG A 420 41.44 -8.51 16.12
N ASN A 421 42.25 -7.76 15.36
CA ASN A 421 42.26 -6.31 15.47
C ASN A 421 41.00 -5.70 14.86
N ALA A 422 40.35 -6.40 13.94
CA ALA A 422 39.18 -5.86 13.26
C ALA A 422 37.86 -6.24 13.92
N ALA A 423 37.78 -7.41 14.56
CA ALA A 423 36.54 -7.86 15.15
C ALA A 423 36.30 -7.15 16.49
N ILE A 424 35.12 -7.39 17.06
CA ILE A 424 34.74 -6.82 18.35
C ILE A 424 35.55 -7.47 19.46
N GLU A 425 35.51 -6.86 20.65
CA GLU A 425 36.36 -7.32 21.75
C GLU A 425 35.94 -8.68 22.30
N ASN A 426 34.69 -9.09 22.11
CA ASN A 426 34.17 -10.34 22.65
C ASN A 426 33.46 -11.13 21.56
N PRO A 427 34.22 -11.71 20.63
CA PRO A 427 33.57 -12.50 19.57
C PRO A 427 32.99 -13.79 20.11
N ARG A 428 31.83 -14.17 19.57
CA ARG A 428 31.17 -15.43 19.87
C ARG A 428 30.65 -16.00 18.56
N PRO A 429 30.45 -17.32 18.48
CA PRO A 429 29.98 -17.91 17.23
C PRO A 429 28.67 -17.29 16.78
N GLY A 430 28.60 -16.95 15.49
CA GLY A 430 27.45 -16.29 14.92
C GLY A 430 27.47 -14.78 15.00
N ALA A 431 28.43 -14.19 15.72
CA ALA A 431 28.54 -12.74 15.83
C ALA A 431 30.00 -12.41 16.07
N VAL A 432 30.71 -12.03 15.01
CA VAL A 432 32.14 -11.76 15.07
C VAL A 432 32.42 -10.26 14.93
N PHE A 433 31.83 -9.61 13.93
CA PHE A 433 32.10 -8.21 13.65
C PHE A 433 31.01 -7.27 14.10
N VAL A 434 29.75 -7.70 14.10
CA VAL A 434 28.64 -6.88 14.57
C VAL A 434 27.76 -7.74 15.46
N ASP A 435 27.40 -7.20 16.62
CA ASP A 435 26.49 -7.89 17.52
C ASP A 435 25.07 -7.43 17.25
N PRO A 436 24.20 -8.28 16.72
CA PRO A 436 22.86 -7.81 16.33
C PRO A 436 21.90 -7.69 17.49
N CYS A 437 22.09 -8.45 18.56
CA CYS A 437 21.15 -8.49 19.66
C CYS A 437 21.41 -7.40 20.71
N LEU A 438 22.10 -6.33 20.33
CA LEU A 438 22.22 -5.10 21.11
C LEU A 438 22.92 -5.28 22.45
N ASP A 439 23.69 -6.36 22.61
CA ASP A 439 24.45 -6.61 23.84
C ASP A 439 23.56 -6.64 25.08
N GLN A 440 22.32 -7.08 24.91
CA GLN A 440 21.35 -7.16 26.00
C GLN A 440 21.25 -8.61 26.49
N ASP A 441 20.27 -8.87 27.34
CA ASP A 441 19.99 -10.22 27.83
C ASP A 441 18.52 -10.57 27.61
N PRO A 442 18.11 -10.76 26.35
CA PRO A 442 16.73 -11.11 26.06
C PRO A 442 16.52 -12.62 26.16
N VAL A 443 15.32 -13.05 25.79
CA VAL A 443 15.02 -14.47 25.76
C VAL A 443 15.83 -15.15 24.66
N VAL A 444 16.20 -16.41 24.89
CA VAL A 444 17.01 -17.19 23.97
C VAL A 444 16.25 -18.45 23.61
N VAL A 445 16.15 -18.73 22.32
CA VAL A 445 15.43 -19.90 21.82
C VAL A 445 16.37 -20.71 20.92
N GLU A 446 16.24 -22.03 21.00
CA GLU A 446 17.11 -22.95 20.29
C GLU A 446 16.29 -23.81 19.34
N PHE A 447 16.93 -24.26 18.26
CA PHE A 447 16.27 -25.10 17.26
C PHE A 447 17.29 -26.06 16.65
N ASN A 448 16.76 -27.12 16.04
CA ASN A 448 17.58 -28.10 15.34
C ASN A 448 16.83 -28.56 14.10
N VAL A 449 17.44 -28.36 12.92
CA VAL A 449 16.77 -28.61 11.65
C VAL A 449 17.69 -29.41 10.75
N SER A 450 17.12 -30.37 10.03
CA SER A 450 17.83 -31.14 9.03
C SER A 450 16.94 -31.34 7.81
N ALA A 451 17.55 -31.69 6.69
CA ALA A 451 16.86 -31.87 5.43
C ALA A 451 16.93 -33.33 5.00
N ILE A 452 15.84 -33.84 4.43
CA ILE A 452 15.71 -35.24 4.03
C ILE A 452 15.12 -35.30 2.62
N GLU A 453 14.89 -36.52 2.16
CA GLU A 453 14.33 -36.78 0.83
C GLU A 453 13.49 -38.04 0.90
N MET A 454 12.20 -37.93 0.57
CA MET A 454 11.28 -39.04 0.78
C MET A 454 10.00 -38.79 -0.04
N PRO A 455 9.53 -39.79 -0.79
CA PRO A 455 8.49 -39.53 -1.80
C PRO A 455 7.16 -39.10 -1.21
N VAL A 456 6.41 -38.34 -2.01
CA VAL A 456 5.20 -37.68 -1.55
C VAL A 456 4.03 -38.07 -2.46
N VAL A 457 2.87 -38.27 -1.85
CA VAL A 457 1.64 -38.59 -2.57
C VAL A 457 0.77 -37.34 -2.60
N TYR A 458 0.14 -37.08 -3.74
CA TYR A 458 -0.61 -35.85 -3.96
C TYR A 458 -2.12 -36.03 -3.83
N ASN A 459 -2.72 -36.95 -4.59
CA ASN A 459 -4.17 -37.08 -4.62
C ASN A 459 -4.56 -38.55 -4.57
N LYS A 460 -5.86 -38.81 -4.75
CA LYS A 460 -6.36 -40.17 -4.67
C LYS A 460 -6.02 -40.98 -5.91
N GLN A 461 -5.85 -40.31 -7.06
CA GLN A 461 -5.58 -41.03 -8.31
C GLN A 461 -4.18 -41.62 -8.36
N GLY A 462 -3.32 -41.29 -7.40
CA GLY A 462 -1.98 -41.85 -7.37
C GLY A 462 -0.88 -40.95 -7.91
N TRP A 463 -1.19 -39.70 -8.22
CA TRP A 463 -0.15 -38.76 -8.64
C TRP A 463 0.86 -38.58 -7.53
N HIS A 464 2.14 -38.79 -7.84
CA HIS A 464 3.17 -38.79 -6.82
C HIS A 464 4.51 -38.40 -7.43
N ASP A 465 5.44 -38.00 -6.56
CA ASP A 465 6.78 -37.62 -6.96
C ASP A 465 7.76 -38.39 -6.10
N PRO A 466 8.57 -39.28 -6.67
CA PRO A 466 9.52 -40.04 -5.83
C PRO A 466 10.65 -39.18 -5.28
N LYS A 467 11.01 -38.10 -5.95
CA LYS A 467 12.14 -37.25 -5.53
C LYS A 467 11.58 -35.93 -5.00
N ALA A 468 11.38 -35.90 -3.69
CA ALA A 468 10.89 -34.71 -2.99
C ALA A 468 11.77 -34.43 -1.78
N ARG A 469 12.01 -33.15 -1.52
CA ARG A 469 12.94 -32.71 -0.49
C ARG A 469 12.34 -31.54 0.28
N PHE A 470 12.51 -31.55 1.59
CA PHE A 470 11.93 -30.52 2.45
C PHE A 470 12.66 -30.54 3.79
N TYR A 471 12.28 -29.61 4.67
CA TYR A 471 12.87 -29.48 5.99
C TYR A 471 12.02 -30.20 7.03
N VAL A 472 12.70 -30.76 8.03
CA VAL A 472 12.04 -31.43 9.16
C VAL A 472 12.78 -31.06 10.43
N MET A 473 12.06 -31.09 11.55
CA MET A 473 12.68 -30.89 12.84
C MET A 473 13.40 -32.17 13.28
N ASP A 474 14.44 -31.99 14.09
CA ASP A 474 15.26 -33.13 14.50
C ASP A 474 14.48 -34.12 15.35
N GLU A 475 13.61 -33.61 16.24
CA GLU A 475 12.91 -34.49 17.17
C GLU A 475 11.96 -35.43 16.44
N ASP A 476 11.26 -34.93 15.43
CA ASP A 476 10.21 -35.69 14.75
C ASP A 476 10.74 -36.51 13.58
N LEU A 477 12.05 -36.64 13.44
CA LEU A 477 12.63 -37.34 12.28
C LEU A 477 12.20 -38.80 12.26
N ASP A 478 12.27 -39.47 13.41
CA ASP A 478 11.95 -40.90 13.45
C ASP A 478 10.49 -41.15 13.11
N ASP A 479 9.59 -40.31 13.62
CA ASP A 479 8.17 -40.52 13.36
C ASP A 479 7.83 -40.33 11.88
N ILE A 480 8.36 -39.28 11.26
CA ILE A 480 8.05 -39.03 9.86
C ILE A 480 8.71 -40.08 8.98
N LEU A 481 9.92 -40.53 9.32
CA LEU A 481 10.60 -41.53 8.52
C LEU A 481 9.89 -42.88 8.55
N SER A 482 9.13 -43.17 9.61
CA SER A 482 8.40 -44.42 9.72
C SER A 482 7.04 -44.36 9.05
N GLY A 483 6.65 -43.22 8.49
CA GLY A 483 5.36 -43.09 7.84
C GLY A 483 4.19 -42.85 8.76
N LYS A 484 4.44 -42.63 10.06
CA LYS A 484 3.37 -42.41 11.02
C LYS A 484 2.79 -41.01 10.96
N LYS A 485 3.48 -40.07 10.30
CA LYS A 485 3.02 -38.70 10.21
C LYS A 485 3.01 -38.26 8.75
N GLU A 486 2.21 -37.24 8.45
CA GLU A 486 2.08 -36.75 7.09
C GLU A 486 3.05 -35.59 6.84
N PRO A 487 3.87 -35.65 5.79
CA PRO A 487 4.81 -34.57 5.52
C PRO A 487 4.09 -33.29 5.13
N GLU A 488 4.73 -32.16 5.43
CA GLU A 488 4.21 -30.84 5.12
C GLU A 488 5.35 -29.83 5.30
N PRO A 489 5.21 -28.62 4.74
CA PRO A 489 6.24 -27.60 4.94
C PRO A 489 6.41 -27.24 6.40
N LEU A 490 7.51 -26.55 6.68
CA LEU A 490 7.92 -26.25 8.04
C LEU A 490 7.57 -24.81 8.41
N VAL A 491 6.86 -24.65 9.51
CA VAL A 491 6.50 -23.33 10.03
C VAL A 491 6.67 -23.35 11.55
N PHE A 492 7.31 -22.33 12.10
CA PHE A 492 7.46 -22.19 13.54
C PHE A 492 7.12 -20.77 13.96
N HIS A 493 6.71 -20.63 15.21
CA HIS A 493 6.22 -19.36 15.74
C HIS A 493 7.03 -18.93 16.95
N VAL A 494 7.36 -17.64 17.01
CA VAL A 494 8.07 -17.05 18.15
C VAL A 494 7.48 -15.68 18.44
N PRO A 495 7.52 -15.22 19.68
CA PRO A 495 7.09 -13.84 19.99
C PRO A 495 8.20 -12.86 19.66
N ALA A 496 7.87 -11.57 19.74
CA ALA A 496 8.81 -10.52 19.41
C ALA A 496 9.84 -10.33 20.52
N GLY A 497 10.90 -9.58 20.20
CA GLY A 497 11.95 -9.30 21.16
C GLY A 497 12.72 -10.52 21.60
N THR A 498 13.20 -11.32 20.64
CA THR A 498 13.85 -12.58 20.93
C THR A 498 15.16 -12.69 20.17
N CYS A 499 16.19 -13.22 20.84
CA CYS A 499 17.47 -13.56 20.23
C CYS A 499 17.44 -15.04 19.88
N ILE A 500 17.59 -15.35 18.60
CA ILE A 500 17.36 -16.71 18.09
C ILE A 500 18.70 -17.37 17.78
N ARG A 501 18.84 -18.63 18.19
CA ARG A 501 20.00 -19.44 17.88
C ARG A 501 19.53 -20.72 17.19
N MET A 502 20.22 -21.10 16.12
CA MET A 502 19.84 -22.24 15.30
C MET A 502 21.07 -23.07 14.97
N ASN A 503 20.91 -24.40 14.96
CA ASN A 503 21.96 -25.30 14.52
C ASN A 503 21.43 -26.09 13.32
N TYR A 504 22.20 -26.10 12.24
CA TYR A 504 21.77 -26.66 10.97
C TYR A 504 22.68 -27.82 10.57
N THR A 505 22.08 -28.86 10.00
CA THR A 505 22.80 -30.04 9.58
C THR A 505 22.25 -30.51 8.24
N ASN A 506 23.11 -31.11 7.43
CA ASN A 506 22.76 -31.58 6.10
C ASN A 506 22.84 -33.10 6.06
N ARG A 507 21.77 -33.72 5.59
CA ARG A 507 21.67 -35.18 5.51
C ARG A 507 21.18 -35.58 4.11
N MET A 508 21.85 -35.04 3.09
CA MET A 508 21.42 -35.13 1.70
C MET A 508 22.44 -35.88 0.86
N PRO A 509 22.00 -36.64 -0.13
CA PRO A 509 22.95 -37.18 -1.11
C PRO A 509 23.49 -36.07 -1.99
N HIS A 510 24.72 -36.26 -2.46
CA HIS A 510 25.41 -35.22 -3.22
C HIS A 510 25.15 -35.30 -4.72
N ILE A 511 24.39 -36.30 -5.18
CA ILE A 511 24.11 -36.48 -6.60
C ILE A 511 22.60 -36.52 -6.80
N LEU A 512 22.10 -35.71 -7.74
CA LEU A 512 20.70 -35.69 -8.11
C LEU A 512 20.51 -36.44 -9.41
N ASP A 513 19.61 -37.42 -9.41
CA ASP A 513 19.39 -38.24 -10.59
C ASP A 513 18.75 -37.43 -11.71
N GLY A 514 19.12 -37.77 -12.95
CA GLY A 514 18.52 -37.13 -14.09
C GLY A 514 17.16 -37.72 -14.45
N ASP A 515 16.44 -36.99 -15.30
CA ASP A 515 15.11 -37.41 -15.73
C ASP A 515 14.77 -36.67 -17.02
N ALA A 516 13.53 -36.86 -17.49
CA ALA A 516 13.09 -36.19 -18.71
C ALA A 516 13.01 -34.68 -18.56
N PHE A 517 12.85 -34.18 -17.33
CA PHE A 517 12.73 -32.75 -17.11
C PHE A 517 14.08 -32.08 -16.91
N GLN A 518 14.92 -32.63 -16.04
CA GLN A 518 16.21 -32.03 -15.70
C GLN A 518 17.33 -33.02 -15.96
N LEU A 519 18.52 -32.48 -16.19
CA LEU A 519 19.70 -33.30 -16.41
C LEU A 519 20.31 -33.69 -15.06
N VAL A 520 21.51 -34.29 -15.11
CA VAL A 520 22.19 -34.70 -13.89
C VAL A 520 22.81 -33.48 -13.23
N THR A 521 22.50 -33.27 -11.95
CA THR A 521 23.01 -32.15 -11.19
C THR A 521 23.76 -32.66 -9.97
N ARG A 522 24.93 -32.08 -9.72
CA ARG A 522 25.79 -32.48 -8.61
C ARG A 522 25.67 -31.42 -7.52
N THR A 523 24.78 -31.66 -6.57
CA THR A 523 24.54 -30.74 -5.46
C THR A 523 25.26 -31.30 -4.22
N TYR A 524 26.55 -30.99 -4.12
CA TYR A 524 27.37 -31.44 -3.00
C TYR A 524 27.39 -30.45 -1.84
N GLU A 525 26.69 -29.32 -1.97
CA GLU A 525 26.69 -28.31 -0.92
C GLU A 525 25.39 -27.54 -0.98
N ASN A 526 25.07 -26.89 0.13
CA ASN A 526 23.83 -26.11 0.23
C ASN A 526 24.01 -25.08 1.33
N GLY A 527 23.10 -24.10 1.36
CA GLY A 527 23.16 -23.03 2.32
C GLY A 527 21.82 -22.72 2.97
N PHE A 528 21.71 -21.53 3.56
CA PHE A 528 20.51 -21.12 4.29
C PHE A 528 20.39 -19.61 4.23
N HIS A 529 19.36 -19.11 3.56
CA HIS A 529 19.12 -17.68 3.45
C HIS A 529 17.81 -17.31 4.13
N ILE A 530 17.75 -16.08 4.65
CA ILE A 530 16.67 -15.64 5.52
C ILE A 530 16.32 -14.20 5.14
N HIS A 531 15.07 -13.82 5.42
CA HIS A 531 14.56 -12.48 5.11
C HIS A 531 14.13 -11.78 6.39
N PHE A 532 14.02 -10.46 6.30
CA PHE A 532 13.29 -9.58 7.20
C PHE A 532 13.94 -9.36 8.56
N VAL A 533 15.06 -10.01 8.88
CA VAL A 533 15.61 -9.91 10.23
C VAL A 533 17.02 -9.35 10.16
N LYS A 534 17.49 -8.91 11.33
CA LYS A 534 18.83 -8.35 11.48
C LYS A 534 19.82 -9.47 11.77
N PHE A 535 20.99 -9.39 11.14
CA PHE A 535 22.03 -10.39 11.31
C PHE A 535 23.32 -9.85 10.71
N ASP A 536 24.41 -10.59 10.90
CA ASP A 536 25.69 -10.24 10.32
C ASP A 536 25.75 -10.81 8.90
N VAL A 537 25.97 -9.94 7.92
CA VAL A 537 25.96 -10.39 6.53
C VAL A 537 27.21 -11.21 6.22
N LEU A 538 28.30 -10.97 6.96
CA LEU A 538 29.56 -11.63 6.64
C LEU A 538 29.52 -13.13 6.93
N ALA A 539 28.92 -13.51 8.07
CA ALA A 539 28.98 -14.89 8.53
C ALA A 539 27.61 -15.53 8.69
N CYS A 540 26.55 -14.88 8.20
CA CYS A 540 25.22 -15.46 8.32
C CYS A 540 24.38 -15.31 7.06
N ASP A 541 24.98 -14.99 5.92
CA ASP A 541 24.20 -14.81 4.69
C ASP A 541 23.73 -16.15 4.11
N GLY A 542 24.56 -17.18 4.18
CA GLY A 542 24.24 -18.45 3.57
C GLY A 542 24.61 -18.57 2.10
N GLY A 543 25.34 -17.60 1.56
CA GLY A 543 25.76 -17.64 0.18
C GLY A 543 27.20 -17.21 -0.01
N ASN A 544 27.60 -16.97 -1.26
CA ASN A 544 28.96 -16.54 -1.59
C ASN A 544 28.84 -15.39 -2.59
N VAL A 545 28.90 -14.16 -2.09
CA VAL A 545 28.69 -12.96 -2.90
C VAL A 545 29.88 -12.04 -2.73
N GLY A 546 30.43 -11.56 -3.85
CA GLY A 546 31.50 -10.58 -3.79
C GLY A 546 32.74 -11.13 -3.12
N TRP A 547 33.32 -10.32 -2.25
CA TRP A 547 34.55 -10.67 -1.53
C TRP A 547 34.28 -11.34 -0.19
N ASN A 548 33.03 -11.62 0.14
CA ASN A 548 32.69 -12.18 1.44
C ASN A 548 33.10 -13.65 1.52
N TYR A 549 32.94 -14.22 2.71
CA TYR A 549 33.27 -15.61 2.94
C TYR A 549 32.24 -16.52 2.29
N ASP A 550 32.52 -17.82 2.32
CA ASP A 550 31.60 -18.85 1.87
C ASP A 550 30.98 -19.50 3.11
N SER A 551 29.66 -19.48 3.19
CA SER A 551 28.94 -19.93 4.38
C SER A 551 28.03 -21.11 4.06
N ALA A 552 28.56 -22.09 3.33
CA ALA A 552 27.85 -23.32 3.04
C ALA A 552 28.42 -24.47 3.86
N VAL A 553 27.74 -25.62 3.81
CA VAL A 553 28.10 -26.77 4.62
C VAL A 553 28.10 -28.03 3.76
N LEU A 554 29.14 -28.84 3.93
CA LEU A 554 29.19 -30.16 3.34
C LEU A 554 28.30 -31.12 4.14
N PRO A 555 27.89 -32.24 3.54
CA PRO A 555 27.07 -33.21 4.28
C PRO A 555 27.79 -33.71 5.51
N GLY A 556 27.03 -33.90 6.60
CA GLY A 556 27.58 -34.38 7.84
C GLY A 556 28.21 -33.32 8.73
N GLN A 557 28.10 -32.05 8.38
CA GLN A 557 28.66 -30.96 9.17
C GLN A 557 27.55 -30.17 9.85
N THR A 558 27.94 -29.23 10.69
CA THR A 558 27.01 -28.43 11.46
C THR A 558 27.49 -26.99 11.54
N ILE A 559 26.57 -26.05 11.34
CA ILE A 559 26.85 -24.63 11.46
C ILE A 559 25.75 -24.01 12.32
N ARG A 560 26.05 -22.83 12.87
CA ARG A 560 25.12 -22.13 13.75
C ARG A 560 24.98 -20.68 13.30
N TYR A 561 23.77 -20.14 13.47
CA TYR A 561 23.46 -18.77 13.09
C TYR A 561 22.87 -18.04 14.29
N GLU A 562 22.70 -16.74 14.14
CA GLU A 562 22.10 -15.90 15.18
C GLU A 562 21.36 -14.75 14.53
N TRP A 563 20.09 -14.57 14.92
CA TRP A 563 19.26 -13.51 14.39
C TRP A 563 18.54 -12.79 15.53
N TYR A 564 18.11 -11.56 15.25
CA TYR A 564 17.41 -10.74 16.22
C TYR A 564 16.14 -10.18 15.62
N ALA A 565 15.06 -10.23 16.40
CA ALA A 565 13.79 -9.62 16.03
C ALA A 565 13.44 -8.59 17.10
N GLU A 566 13.35 -7.32 16.71
CA GLU A 566 13.19 -6.24 17.66
C GLU A 566 11.74 -5.79 17.83
N THR A 567 10.90 -5.91 16.80
CA THR A 567 9.53 -5.43 16.85
C THR A 567 8.62 -6.43 16.15
N GLU A 568 7.33 -6.16 16.22
CA GLU A 568 6.35 -7.03 15.57
C GLU A 568 6.55 -7.01 14.06
N LEU A 569 6.60 -8.18 13.46
CA LEU A 569 6.76 -8.33 12.03
C LEU A 569 5.87 -9.46 11.55
N LYS A 570 5.51 -9.42 10.26
CA LYS A 570 4.65 -10.42 9.67
C LYS A 570 5.46 -11.66 9.30
N ALA A 571 4.87 -12.55 8.53
CA ALA A 571 5.56 -13.79 8.15
C ALA A 571 6.77 -13.47 7.27
N PHE A 572 7.87 -14.15 7.55
CA PHE A 572 9.11 -13.97 6.82
C PHE A 572 9.49 -15.26 6.10
N PHE A 573 10.17 -15.11 4.96
CA PHE A 573 10.45 -16.19 4.05
C PHE A 573 11.92 -16.57 4.08
N PHE A 574 12.19 -17.88 4.13
CA PHE A 574 13.56 -18.38 4.09
C PHE A 574 13.63 -19.56 3.13
N HIS A 575 14.79 -19.71 2.49
CA HIS A 575 15.00 -20.76 1.50
C HIS A 575 16.50 -20.90 1.26
N ASP A 576 16.85 -21.78 0.33
CA ASP A 576 18.23 -21.96 -0.09
C ASP A 576 18.56 -20.99 -1.22
N HIS A 577 19.82 -20.54 -1.26
CA HIS A 577 20.23 -19.53 -2.21
C HIS A 577 21.40 -19.97 -3.11
N LEU A 578 21.81 -21.23 -3.04
CA LEU A 578 22.92 -21.72 -3.86
C LEU A 578 22.44 -22.50 -5.08
N PHE A 579 21.65 -23.53 -4.86
CA PHE A 579 21.17 -24.42 -5.93
C PHE A 579 19.68 -24.30 -6.14
N ALA A 580 19.16 -23.07 -6.11
CA ALA A 580 17.72 -22.86 -6.25
C ALA A 580 17.20 -23.42 -7.56
N ASN A 581 17.84 -23.07 -8.68
CA ASN A 581 17.40 -23.57 -9.98
C ASN A 581 17.52 -25.07 -10.11
N SER A 582 18.31 -25.71 -9.24
CA SER A 582 18.51 -27.15 -9.34
C SER A 582 17.36 -27.93 -8.70
N HIS A 583 17.01 -27.59 -7.45
CA HIS A 583 16.04 -28.40 -6.73
C HIS A 583 15.03 -27.62 -5.90
N GLN A 584 14.90 -26.29 -6.09
CA GLN A 584 13.88 -25.55 -5.36
C GLN A 584 12.48 -25.97 -5.78
N GLN A 585 12.32 -26.37 -7.05
CA GLN A 585 11.04 -26.86 -7.54
C GLN A 585 10.56 -28.08 -6.77
N HIS A 586 11.47 -28.82 -6.14
CA HIS A 586 11.11 -30.03 -5.40
C HIS A 586 10.55 -29.72 -4.02
N GLY A 587 10.54 -28.46 -3.60
CA GLY A 587 9.85 -28.08 -2.39
C GLY A 587 10.74 -27.85 -1.16
N VAL A 588 11.88 -27.19 -1.35
CA VAL A 588 12.74 -26.86 -0.23
C VAL A 588 12.57 -25.39 0.13
N PHE A 589 11.64 -25.10 1.04
CA PHE A 589 11.40 -23.74 1.50
C PHE A 589 10.52 -23.81 2.75
N GLY A 590 10.42 -22.66 3.42
CA GLY A 590 9.62 -22.56 4.63
C GLY A 590 9.46 -21.11 5.02
N ALA A 591 8.72 -20.91 6.11
CA ALA A 591 8.47 -19.56 6.59
C ALA A 591 8.31 -19.58 8.10
N GLY A 592 8.54 -18.42 8.72
CA GLY A 592 8.34 -18.26 10.14
C GLY A 592 7.41 -17.10 10.44
N VAL A 593 6.75 -17.13 11.59
CA VAL A 593 5.75 -16.14 11.96
C VAL A 593 6.14 -15.51 13.29
N ILE A 594 6.08 -14.18 13.36
CA ILE A 594 6.35 -13.43 14.58
C ILE A 594 5.01 -12.94 15.11
N GLN A 595 4.70 -13.30 16.35
CA GLN A 595 3.44 -12.99 16.99
C GLN A 595 3.61 -11.85 17.97
N PRO A 596 2.52 -11.20 18.38
CA PRO A 596 2.62 -10.15 19.39
C PRO A 596 3.18 -10.68 20.70
N ARG A 597 3.71 -9.76 21.51
CA ARG A 597 4.42 -10.14 22.72
C ARG A 597 3.49 -10.86 23.70
N PHE A 598 4.10 -11.70 24.54
CA PHE A 598 3.42 -12.43 25.61
C PHE A 598 2.32 -13.36 25.09
N SER A 599 2.45 -13.83 23.86
CA SER A 599 1.44 -14.72 23.28
C SER A 599 1.68 -16.16 23.71
N LYS A 600 0.65 -16.99 23.51
CA LYS A 600 0.72 -18.41 23.78
C LYS A 600 0.20 -19.18 22.57
N PHE A 601 0.73 -20.38 22.38
CA PHE A 601 0.36 -21.23 21.26
C PHE A 601 -0.22 -22.54 21.78
N LEU A 602 -1.38 -22.92 21.25
CA LEU A 602 -2.07 -24.13 21.67
C LEU A 602 -2.49 -24.93 20.45
N ASP A 603 -2.48 -26.25 20.58
CA ASP A 603 -2.95 -27.12 19.52
C ASP A 603 -4.47 -27.04 19.41
N SER A 604 -4.96 -27.00 18.17
CA SER A 604 -6.38 -26.78 17.92
C SER A 604 -7.26 -27.96 18.32
N ARG A 605 -6.68 -29.12 18.61
CA ARG A 605 -7.46 -30.31 18.90
C ARG A 605 -7.46 -30.68 20.37
N THR A 606 -6.29 -30.68 21.01
CA THR A 606 -6.16 -31.10 22.41
C THR A 606 -5.76 -29.96 23.34
N GLY A 607 -5.27 -28.84 22.83
CA GLY A 607 -4.88 -27.73 23.66
C GLY A 607 -3.49 -27.82 24.25
N ASP A 608 -2.72 -28.84 23.89
CA ASP A 608 -1.36 -28.96 24.39
C ASP A 608 -0.46 -27.94 23.71
N GLU A 609 0.48 -27.40 24.48
CA GLU A 609 1.37 -26.38 23.96
C GLU A 609 2.31 -26.96 22.90
N VAL A 610 2.45 -26.23 21.80
CA VAL A 610 3.31 -26.61 20.68
C VAL A 610 4.07 -25.38 20.22
N ASP A 611 4.98 -25.58 19.26
CA ASP A 611 5.75 -24.49 18.70
C ASP A 611 5.89 -24.54 17.19
N HIS A 612 5.24 -25.49 16.51
CA HIS A 612 5.33 -25.59 15.07
C HIS A 612 4.02 -26.13 14.52
N GLY A 613 3.76 -25.83 13.25
CA GLY A 613 2.54 -26.26 12.60
C GLY A 613 1.96 -25.21 11.67
N THR A 614 0.89 -25.56 10.95
CA THR A 614 0.26 -24.63 10.03
C THR A 614 -1.14 -24.20 10.46
N GLN A 615 -1.69 -24.81 11.50
CA GLN A 615 -3.05 -24.49 11.97
C GLN A 615 -3.06 -24.59 13.49
N ILE A 616 -3.02 -23.45 14.16
CA ILE A 616 -2.98 -23.41 15.62
C ILE A 616 -3.91 -22.31 16.13
N SER A 617 -4.01 -22.19 17.46
CA SER A 617 -4.79 -21.16 18.10
C SER A 617 -3.88 -20.32 18.99
N VAL A 618 -4.11 -19.01 18.97
CA VAL A 618 -3.28 -18.05 19.71
C VAL A 618 -4.10 -17.47 20.84
N GLU A 619 -3.55 -17.49 22.05
CA GLU A 619 -4.21 -16.97 23.24
C GLU A 619 -3.38 -15.86 23.84
N HIS A 620 -4.03 -14.71 24.11
CA HIS A 620 -3.35 -13.55 24.67
C HIS A 620 -4.18 -12.98 25.81
N PRO A 621 -3.55 -12.53 26.89
CA PRO A 621 -4.32 -12.04 28.05
C PRO A 621 -5.19 -10.82 27.75
N LEU A 622 -4.73 -9.90 26.90
CA LEU A 622 -5.43 -8.63 26.72
C LEU A 622 -6.15 -8.54 25.37
N ILE A 623 -5.43 -8.71 24.27
CA ILE A 623 -6.00 -8.52 22.94
C ILE A 623 -6.87 -9.73 22.61
N PRO A 624 -7.84 -9.61 21.70
CA PRO A 624 -8.70 -10.75 21.38
C PRO A 624 -7.92 -11.92 20.79
N ASP A 625 -8.36 -13.12 21.14
CA ASP A 625 -7.76 -14.34 20.61
C ASP A 625 -8.32 -14.64 19.22
N TYR A 626 -7.61 -15.49 18.49
CA TYR A 626 -7.97 -15.77 17.11
C TYR A 626 -7.36 -17.12 16.70
N ARG A 627 -7.63 -17.52 15.47
CA ARG A 627 -7.12 -18.75 14.88
C ARG A 627 -6.27 -18.41 13.67
N ASP A 628 -5.16 -19.10 13.52
CA ASP A 628 -4.18 -18.81 12.48
C ASP A 628 -4.11 -19.95 11.47
N GLN A 629 -3.92 -19.60 10.21
CA GLN A 629 -3.79 -20.56 9.13
C GLN A 629 -2.85 -20.00 8.07
N THR A 630 -2.00 -20.88 7.53
CA THR A 630 -0.99 -20.48 6.55
C THR A 630 -1.16 -21.28 5.26
N LEU A 631 -0.94 -20.63 4.13
CA LEU A 631 -1.11 -21.23 2.82
C LEU A 631 0.16 -21.06 2.00
N PHE A 632 0.51 -22.10 1.24
CA PHE A 632 1.66 -22.08 0.34
C PHE A 632 1.20 -22.47 -1.05
N VAL A 633 1.59 -21.68 -2.05
CA VAL A 633 1.28 -21.94 -3.45
C VAL A 633 2.59 -22.09 -4.22
N HIS A 634 2.69 -23.16 -5.01
CA HIS A 634 3.90 -23.42 -5.77
C HIS A 634 3.53 -24.09 -7.09
N ASP A 635 4.41 -23.95 -8.07
CA ASP A 635 4.20 -24.54 -9.38
C ASP A 635 5.39 -25.40 -9.79
N PHE A 636 5.42 -25.81 -11.06
CA PHE A 636 6.50 -26.65 -11.59
C PHE A 636 6.58 -27.97 -10.84
N ALA A 637 5.42 -28.52 -10.50
CA ALA A 637 5.36 -29.80 -9.79
C ALA A 637 5.68 -30.94 -10.76
N LEU A 638 6.79 -31.62 -10.51
CA LEU A 638 7.21 -32.74 -11.34
C LEU A 638 6.48 -33.99 -10.88
N LEU A 639 5.44 -34.39 -11.62
CA LEU A 639 4.57 -35.48 -11.20
C LEU A 639 4.54 -36.59 -12.24
N PHE A 640 4.40 -37.81 -11.75
CA PHE A 640 4.24 -39.00 -12.58
C PHE A 640 2.95 -39.70 -12.16
N ASP A 641 2.28 -40.31 -13.13
CA ASP A 641 1.06 -41.05 -12.81
C ASP A 641 1.40 -42.37 -12.14
N LYS A 642 0.37 -43.18 -11.90
CA LYS A 642 0.57 -44.45 -11.21
C LYS A 642 1.38 -45.45 -12.04
N ASN A 643 1.49 -45.23 -13.36
CA ASN A 643 2.26 -46.11 -14.23
C ASN A 643 3.64 -45.57 -14.57
N GLY A 644 4.03 -44.44 -13.99
CA GLY A 644 5.36 -43.90 -14.22
C GLY A 644 5.53 -43.11 -15.49
N ARG A 645 4.46 -42.88 -16.24
CA ARG A 645 4.56 -42.09 -17.47
C ARG A 645 4.67 -40.61 -17.12
N PRO A 646 5.67 -39.89 -17.62
CA PRO A 646 5.80 -38.47 -17.29
C PRO A 646 4.61 -37.67 -17.80
N ILE A 647 4.29 -36.60 -17.06
CA ILE A 647 3.12 -35.77 -17.34
C ILE A 647 3.61 -34.43 -17.87
N GLN A 648 3.18 -34.08 -19.08
CA GLN A 648 3.50 -32.82 -19.73
C GLN A 648 5.01 -32.53 -19.76
N PRO A 649 5.80 -33.37 -20.44
CA PRO A 649 7.23 -33.10 -20.52
C PRO A 649 7.50 -31.96 -21.49
N PRO A 650 8.62 -31.25 -21.33
CA PRO A 650 8.97 -30.20 -22.29
C PRO A 650 9.40 -30.78 -23.63
N GLU A 651 9.67 -29.91 -24.61
CA GLU A 651 10.07 -30.38 -25.93
C GLU A 651 11.41 -31.12 -25.86
N TYR A 652 12.37 -30.58 -25.12
CA TYR A 652 13.66 -31.23 -24.94
C TYR A 652 14.07 -31.14 -23.48
N PRO A 653 14.84 -32.11 -22.99
CA PRO A 653 15.28 -32.07 -21.59
C PRO A 653 16.13 -30.84 -21.32
N GLY A 654 15.99 -30.30 -20.11
CA GLY A 654 16.72 -29.13 -19.69
C GLY A 654 16.10 -27.80 -20.07
N SER A 655 15.01 -27.82 -20.83
CA SER A 655 14.34 -26.58 -21.20
C SER A 655 13.65 -25.96 -20.00
N GLU A 656 13.58 -24.63 -20.00
CA GLU A 656 12.90 -23.89 -18.95
C GLU A 656 11.43 -23.64 -19.25
N ASP A 657 10.90 -24.21 -20.33
CA ASP A 657 9.48 -24.11 -20.60
C ASP A 657 8.68 -24.83 -19.51
N ASP A 658 7.58 -24.23 -19.11
CA ASP A 658 6.83 -24.72 -17.96
C ASP A 658 6.10 -26.01 -18.30
N PRO A 659 6.35 -27.11 -17.57
CA PRO A 659 5.49 -28.30 -17.74
C PRO A 659 4.04 -28.04 -17.41
N GLY A 660 3.77 -27.18 -16.43
CA GLY A 660 2.41 -26.73 -16.17
C GLY A 660 1.59 -27.59 -15.24
N VAL A 661 2.10 -27.83 -14.03
CA VAL A 661 1.33 -28.48 -12.97
C VAL A 661 1.51 -27.67 -11.69
N PHE A 662 0.40 -27.34 -11.04
CA PHE A 662 0.41 -26.53 -9.83
C PHE A 662 -0.01 -27.39 -8.63
N GLY A 663 0.03 -26.79 -7.46
CA GLY A 663 -0.36 -27.48 -6.25
C GLY A 663 -0.23 -26.56 -5.05
N VAL A 664 -0.92 -26.94 -3.98
CA VAL A 664 -0.92 -26.19 -2.73
C VAL A 664 -0.60 -27.17 -1.60
N ASN A 665 0.51 -26.94 -0.91
CA ASN A 665 0.95 -27.77 0.21
C ASN A 665 0.99 -29.24 -0.19
N PHE A 666 1.57 -29.51 -1.36
CA PHE A 666 1.70 -30.87 -1.89
C PHE A 666 0.34 -31.54 -2.08
N LYS A 667 -0.68 -30.74 -2.41
CA LYS A 667 -2.02 -31.25 -2.62
C LYS A 667 -2.62 -30.61 -3.86
N CYS A 668 -3.55 -31.32 -4.47
CA CYS A 668 -4.27 -30.83 -5.65
C CYS A 668 -5.59 -31.59 -5.76
N GLU A 669 -6.48 -31.06 -6.58
CA GLU A 669 -7.81 -31.64 -6.77
C GLU A 669 -8.38 -31.19 -8.11
N PRO A 670 -7.95 -31.83 -9.20
CA PRO A 670 -8.42 -31.43 -10.53
C PRO A 670 -9.92 -31.63 -10.68
N LEU A 671 -10.53 -30.75 -11.48
CA LEU A 671 -11.98 -30.78 -11.66
C LEU A 671 -12.45 -31.89 -12.60
N LYS A 672 -11.54 -32.48 -13.38
CA LYS A 672 -11.94 -33.45 -14.39
C LYS A 672 -12.44 -34.76 -13.79
N PHE A 673 -12.23 -34.98 -12.50
CA PHE A 673 -12.65 -36.21 -11.84
C PHE A 673 -13.91 -36.05 -11.01
N ARG A 674 -14.57 -34.90 -11.07
CA ARG A 674 -15.71 -34.61 -10.22
C ARG A 674 -16.98 -34.38 -11.05
N LEU A 675 -17.14 -35.16 -12.12
CA LEU A 675 -18.28 -34.98 -13.01
C LEU A 675 -19.58 -35.49 -12.38
N GLY A 676 -19.55 -36.66 -11.76
CA GLY A 676 -20.74 -37.26 -11.21
C GLY A 676 -21.54 -38.03 -12.24
N GLU A 677 -22.71 -38.50 -11.80
CA GLU A 677 -23.55 -39.31 -12.67
C GLU A 677 -24.19 -38.47 -13.78
N ASP A 678 -24.74 -37.31 -13.42
CA ASP A 678 -25.45 -36.48 -14.39
C ASP A 678 -24.52 -35.76 -15.35
N CYS A 679 -23.21 -35.78 -15.11
CA CYS A 679 -22.23 -35.07 -15.95
C CYS A 679 -22.58 -33.59 -16.07
N ASP A 680 -23.04 -33.00 -14.97
CA ASP A 680 -23.42 -31.60 -14.93
C ASP A 680 -22.36 -30.81 -14.19
N PRO A 681 -21.65 -29.89 -14.85
CA PRO A 681 -20.57 -29.15 -14.16
C PRO A 681 -21.06 -28.28 -13.02
N ALA A 682 -22.36 -27.97 -12.97
CA ALA A 682 -22.86 -27.05 -11.94
C ALA A 682 -22.66 -27.59 -10.54
N TYR A 683 -22.61 -28.90 -10.38
CA TYR A 683 -22.44 -29.54 -9.06
C TYR A 683 -21.02 -30.01 -8.84
N SER A 684 -20.04 -29.27 -9.36
CA SER A 684 -18.64 -29.69 -9.21
C SER A 684 -18.16 -29.54 -7.76
N PHE A 685 -18.54 -28.47 -7.09
CA PHE A 685 -18.04 -28.17 -5.76
C PHE A 685 -18.86 -28.80 -4.63
N SER A 686 -19.99 -29.42 -4.95
CA SER A 686 -20.86 -29.97 -3.92
C SER A 686 -20.22 -31.20 -3.29
N SER A 687 -20.17 -31.21 -1.95
CA SER A 687 -19.67 -32.38 -1.24
C SER A 687 -20.67 -33.51 -1.22
N TYR A 688 -21.93 -33.25 -1.56
CA TYR A 688 -22.93 -34.30 -1.65
C TYR A 688 -22.65 -35.26 -2.80
N VAL A 689 -21.82 -34.85 -3.76
CA VAL A 689 -21.56 -35.66 -4.94
C VAL A 689 -20.31 -36.51 -4.74
N HIS A 690 -19.17 -35.86 -4.50
CA HIS A 690 -17.89 -36.56 -4.43
C HIS A 690 -17.17 -36.34 -3.11
N GLY A 691 -17.79 -35.67 -2.14
CA GLY A 691 -17.19 -35.48 -0.84
C GLY A 691 -16.23 -34.30 -0.78
N ASP A 692 -15.73 -34.05 0.42
CA ASP A 692 -14.81 -32.95 0.65
C ASP A 692 -13.45 -33.24 0.01
N PRO A 693 -12.72 -32.20 -0.37
CA PRO A 693 -11.41 -32.38 -1.00
C PRO A 693 -10.33 -32.64 0.05
N VAL A 694 -9.11 -32.85 -0.44
CA VAL A 694 -7.95 -33.08 0.43
C VAL A 694 -7.14 -31.81 0.67
N THR A 695 -7.56 -30.69 0.11
CA THR A 695 -6.87 -29.43 0.33
C THR A 695 -7.11 -28.96 1.78
N PRO A 696 -6.27 -28.06 2.28
CA PRO A 696 -6.42 -27.62 3.67
C PRO A 696 -7.80 -27.02 3.94
N ILE A 697 -8.34 -27.35 5.11
CA ILE A 697 -9.67 -26.91 5.53
C ILE A 697 -9.54 -26.22 6.88
N LEU A 698 -10.17 -25.06 7.01
CA LEU A 698 -10.13 -24.29 8.26
C LEU A 698 -11.41 -24.52 9.04
N ARG A 699 -11.27 -24.79 10.35
CA ARG A 699 -12.38 -25.06 11.23
C ARG A 699 -12.44 -24.00 12.31
N ALA A 700 -13.65 -23.46 12.54
CA ALA A 700 -13.84 -22.45 13.57
C ALA A 700 -15.31 -22.37 13.93
N TYR A 701 -15.59 -21.79 15.09
CA TYR A 701 -16.95 -21.53 15.52
C TYR A 701 -17.41 -20.16 15.02
N GLU A 702 -18.72 -19.95 15.10
CA GLU A 702 -19.30 -18.69 14.65
C GLU A 702 -18.79 -17.53 15.51
N GLY A 703 -18.40 -16.44 14.84
CA GLY A 703 -17.93 -15.26 15.53
C GLY A 703 -16.48 -15.27 15.93
N ASP A 704 -15.72 -16.28 15.54
CA ASP A 704 -14.32 -16.37 15.93
C ASP A 704 -13.46 -15.52 15.00
N PRO A 705 -12.70 -14.55 15.52
CA PRO A 705 -11.75 -13.83 14.67
C PRO A 705 -10.70 -14.76 14.10
N ILE A 706 -10.27 -14.47 12.87
CA ILE A 706 -9.30 -15.30 12.17
C ILE A 706 -8.24 -14.42 11.52
N ARG A 707 -7.09 -15.04 11.25
CA ARG A 707 -6.00 -14.41 10.52
C ARG A 707 -5.47 -15.40 9.49
N ILE A 708 -5.03 -14.88 8.35
CA ILE A 708 -4.54 -15.69 7.25
C ILE A 708 -3.21 -15.13 6.76
N ARG A 709 -2.21 -16.00 6.62
CA ARG A 709 -0.93 -15.65 6.05
C ARG A 709 -0.83 -16.25 4.66
N LEU A 710 -0.34 -15.48 3.70
CA LEU A 710 -0.30 -15.89 2.30
C LEU A 710 1.11 -15.72 1.77
N LEU A 711 1.64 -16.77 1.15
CA LEU A 711 2.99 -16.76 0.60
C LEU A 711 3.02 -17.58 -0.68
N GLN A 712 4.03 -17.32 -1.50
CA GLN A 712 4.25 -18.04 -2.75
C GLN A 712 5.67 -18.57 -2.78
N GLY A 713 5.80 -19.88 -3.03
CA GLY A 713 7.10 -20.49 -3.19
C GLY A 713 7.27 -21.03 -4.60
N ALA A 714 6.49 -20.48 -5.53
CA ALA A 714 6.49 -20.95 -6.91
C ALA A 714 7.74 -20.46 -7.64
N HIS A 715 7.80 -20.66 -8.95
CA HIS A 715 8.99 -20.36 -9.72
C HIS A 715 8.88 -19.04 -10.49
N GLU A 716 7.95 -18.94 -11.44
CA GLU A 716 7.95 -17.78 -12.33
C GLU A 716 6.59 -17.17 -12.59
N GLU A 717 5.48 -17.85 -12.31
CA GLU A 717 4.16 -17.40 -12.72
C GLU A 717 3.50 -16.56 -11.62
N SER A 718 2.62 -15.67 -12.04
CA SER A 718 1.83 -14.84 -11.13
C SER A 718 0.46 -15.48 -10.89
N HIS A 719 -0.22 -14.99 -9.85
CA HIS A 719 -1.51 -15.55 -9.47
C HIS A 719 -2.37 -14.47 -8.82
N SER A 720 -3.66 -14.79 -8.69
CA SER A 720 -4.63 -13.92 -8.03
C SER A 720 -5.41 -14.73 -7.00
N PHE A 721 -5.69 -14.12 -5.85
CA PHE A 721 -6.33 -14.80 -4.73
C PHE A 721 -7.65 -14.10 -4.41
N ASN A 722 -8.75 -14.86 -4.43
CA ASN A 722 -10.07 -14.33 -4.14
C ASN A 722 -10.73 -15.17 -3.05
N ILE A 723 -11.66 -14.53 -2.33
CA ILE A 723 -12.45 -15.19 -1.30
C ILE A 723 -13.91 -14.78 -1.48
N HIS A 724 -14.80 -15.75 -1.38
CA HIS A 724 -16.23 -15.52 -1.57
C HIS A 724 -16.92 -15.42 -0.21
N GLY A 725 -17.53 -14.27 0.06
CA GLY A 725 -18.34 -14.09 1.25
C GLY A 725 -17.68 -13.36 2.40
N LEU A 726 -16.45 -12.88 2.25
CA LEU A 726 -15.74 -12.20 3.32
C LEU A 726 -15.04 -10.98 2.74
N ARG A 727 -14.49 -10.15 3.64
CA ARG A 727 -13.80 -8.93 3.25
C ARG A 727 -12.84 -8.53 4.35
N TRP A 728 -11.90 -7.66 4.01
CA TRP A 728 -10.88 -7.23 4.96
C TRP A 728 -10.38 -5.86 4.57
N LYS A 729 -9.73 -5.19 5.52
CA LYS A 729 -9.13 -3.89 5.29
C LYS A 729 -7.81 -4.04 4.55
N GLU A 730 -7.40 -2.95 3.89
CA GLU A 730 -6.18 -2.95 3.10
C GLU A 730 -4.95 -2.75 3.98
N GLU A 731 -4.86 -1.62 4.67
CA GLU A 731 -3.75 -1.31 5.55
C GLU A 731 -4.24 -1.43 6.99
N ARG A 732 -3.69 -2.40 7.72
CA ARG A 732 -4.13 -2.61 9.09
C ARG A 732 -3.84 -1.42 10.01
N PRO A 733 -2.62 -0.86 10.05
CA PRO A 733 -2.40 0.29 10.95
C PRO A 733 -3.25 1.51 10.62
N ASP A 734 -3.55 1.74 9.34
CA ASP A 734 -4.28 2.92 8.92
C ASP A 734 -5.74 2.56 8.69
N LEU A 735 -6.62 3.06 9.56
CA LEU A 735 -8.05 2.75 9.45
C LEU A 735 -8.72 3.50 8.31
N GLY A 736 -8.05 4.46 7.68
CA GLY A 736 -8.62 5.20 6.57
C GLY A 736 -8.48 4.56 5.21
N SER A 737 -7.89 3.37 5.13
CA SER A 737 -7.71 2.71 3.85
C SER A 737 -9.04 2.15 3.34
N SER A 738 -9.01 1.70 2.09
CA SER A 738 -10.18 1.11 1.45
C SER A 738 -10.34 -0.35 1.85
N MET A 739 -11.49 -0.91 1.51
CA MET A 739 -11.81 -2.30 1.80
C MET A 739 -11.80 -3.10 0.51
N LYS A 740 -11.12 -4.24 0.53
CA LYS A 740 -10.92 -5.06 -0.67
C LYS A 740 -11.34 -6.49 -0.38
N ALA A 741 -11.42 -7.28 -1.46
CA ALA A 741 -11.70 -8.71 -1.35
C ALA A 741 -10.83 -9.54 -2.30
N GLN A 742 -9.76 -8.97 -2.84
CA GLN A 742 -8.90 -9.69 -3.77
C GLN A 742 -7.50 -9.10 -3.70
N GLN A 743 -6.50 -9.96 -3.82
CA GLN A 743 -5.11 -9.52 -3.73
C GLN A 743 -4.27 -10.23 -4.79
N HIS A 744 -3.43 -9.46 -5.47
CA HIS A 744 -2.46 -10.00 -6.41
C HIS A 744 -1.16 -10.31 -5.67
N ILE A 745 -0.53 -11.42 -6.04
CA ILE A 745 0.65 -11.90 -5.35
C ILE A 745 1.73 -12.27 -6.36
N GLY A 746 2.95 -11.82 -6.10
CA GLY A 746 4.12 -12.25 -6.83
C GLY A 746 4.98 -13.19 -6.00
N ILE A 747 6.03 -13.70 -6.66
CA ILE A 747 6.92 -14.65 -6.00
C ILE A 747 7.62 -13.97 -4.82
N SER A 748 7.79 -14.73 -3.73
CA SER A 748 8.48 -14.31 -2.51
C SER A 748 7.81 -13.13 -1.83
N GLU A 749 6.50 -12.96 -1.99
CA GLU A 749 5.77 -11.90 -1.32
C GLU A 749 5.10 -12.42 -0.05
N SER A 750 4.68 -11.48 0.80
CA SER A 750 4.01 -11.82 2.04
C SER A 750 2.83 -10.88 2.26
N PHE A 751 1.76 -11.42 2.85
CA PHE A 751 0.56 -10.64 3.11
C PHE A 751 -0.14 -11.21 4.34
N THR A 752 -1.04 -10.41 4.91
CA THR A 752 -1.78 -10.81 6.10
C THR A 752 -3.16 -10.17 6.05
N PHE A 753 -4.19 -10.97 6.35
CA PHE A 753 -5.56 -10.50 6.34
C PHE A 753 -6.24 -10.87 7.66
N GLU A 754 -7.18 -10.02 8.09
CA GLU A 754 -7.92 -10.26 9.31
C GLU A 754 -9.40 -9.99 9.05
N THR A 755 -10.25 -10.82 9.64
CA THR A 755 -11.70 -10.70 9.49
C THR A 755 -12.35 -11.63 10.52
N GLU A 756 -13.68 -11.69 10.48
CA GLU A 756 -14.45 -12.53 11.38
C GLU A 756 -15.58 -13.20 10.63
N ILE A 757 -16.07 -14.30 11.18
CA ILE A 757 -17.14 -15.08 10.57
C ILE A 757 -18.48 -14.52 11.05
N PRO A 758 -19.33 -14.03 10.15
CA PRO A 758 -20.59 -13.43 10.59
C PRO A 758 -21.69 -14.44 10.87
N ALA A 759 -21.69 -15.57 10.16
CA ALA A 759 -22.78 -16.53 10.29
C ALA A 759 -22.28 -17.92 9.89
N SER A 760 -23.06 -18.92 10.28
CA SER A 760 -22.71 -20.31 9.99
C SER A 760 -22.91 -20.63 8.52
N GLY A 761 -22.14 -21.61 8.05
CA GLY A 761 -22.21 -22.03 6.68
C GLY A 761 -20.83 -22.48 6.19
N ASP A 762 -20.67 -22.48 4.87
CA ASP A 762 -19.41 -22.83 4.24
C ASP A 762 -18.99 -21.71 3.29
N TYR A 763 -17.70 -21.40 3.29
CA TYR A 763 -17.13 -20.34 2.47
C TYR A 763 -16.07 -20.92 1.56
N LEU A 764 -15.93 -20.33 0.38
CA LEU A 764 -15.03 -20.83 -0.65
C LEU A 764 -13.89 -19.85 -0.89
N TRP A 765 -12.67 -20.38 -0.94
CA TRP A 765 -11.48 -19.62 -1.30
C TRP A 765 -10.76 -20.34 -2.42
N ALA A 766 -10.29 -19.58 -3.41
CA ALA A 766 -9.62 -20.18 -4.56
C ALA A 766 -8.86 -19.11 -5.31
N PHE A 767 -7.93 -19.56 -6.15
CA PHE A 767 -7.25 -18.69 -7.11
C PHE A 767 -8.05 -18.70 -8.40
N GLU A 768 -8.57 -17.54 -8.79
CA GLU A 768 -9.61 -17.45 -9.81
C GLU A 768 -9.07 -17.48 -11.23
N ASP A 769 -7.78 -17.73 -11.43
CA ASP A 769 -7.28 -17.92 -12.79
C ASP A 769 -7.89 -19.17 -13.39
N GLU A 770 -8.15 -19.12 -14.71
CA GLU A 770 -8.85 -20.22 -15.37
C GLU A 770 -8.07 -21.53 -15.25
N GLU A 771 -6.78 -21.50 -15.62
CA GLU A 771 -5.98 -22.72 -15.53
C GLU A 771 -5.79 -23.15 -14.08
N ASP A 772 -5.69 -22.19 -13.16
CA ASP A 772 -5.53 -22.53 -11.74
C ASP A 772 -6.75 -23.28 -11.23
N VAL A 773 -7.95 -22.80 -11.56
CA VAL A 773 -9.17 -23.50 -11.15
C VAL A 773 -9.25 -24.86 -11.84
N TRP A 774 -8.94 -24.91 -13.14
CA TRP A 774 -9.03 -26.16 -13.88
C TRP A 774 -8.05 -27.21 -13.35
N LEU A 775 -6.94 -26.78 -12.75
CA LEU A 775 -5.96 -27.70 -12.19
C LEU A 775 -6.21 -28.03 -10.73
N GLY A 776 -7.15 -27.35 -10.08
CA GLY A 776 -7.59 -27.76 -8.76
C GLY A 776 -6.87 -27.14 -7.58
N THR A 777 -6.86 -25.80 -7.50
CA THR A 777 -6.28 -25.08 -6.37
C THR A 777 -7.41 -24.33 -5.68
N TRP A 778 -8.08 -25.00 -4.73
CA TRP A 778 -9.18 -24.38 -4.00
C TRP A 778 -9.38 -25.14 -2.69
N GLY A 779 -10.09 -24.49 -1.77
CA GLY A 779 -10.37 -25.08 -0.48
C GLY A 779 -11.64 -24.51 0.11
N LEU A 780 -11.86 -24.84 1.38
CA LEU A 780 -13.09 -24.47 2.06
C LEU A 780 -12.78 -23.94 3.45
N ILE A 781 -13.70 -23.12 3.96
CA ILE A 781 -13.71 -22.68 5.35
C ILE A 781 -15.04 -23.09 5.94
N ARG A 782 -15.01 -23.83 7.05
CA ARG A 782 -16.21 -24.41 7.65
C ARG A 782 -16.46 -23.76 9.00
N ALA A 783 -17.73 -23.44 9.27
CA ALA A 783 -18.14 -22.84 10.54
C ALA A 783 -19.29 -23.67 11.12
N TYR A 784 -19.05 -24.29 12.26
CA TYR A 784 -20.06 -25.11 12.92
C TYR A 784 -21.08 -24.23 13.64
N LYS A 785 -22.06 -24.87 14.27
CA LYS A 785 -23.09 -24.14 15.01
C LYS A 785 -23.18 -24.63 16.44
N GLY A 786 -23.01 -25.94 16.64
CA GLY A 786 -23.00 -26.53 17.96
C GLY A 786 -21.60 -26.63 18.54
N ARG A 787 -21.47 -27.50 19.54
CA ARG A 787 -20.18 -27.78 20.15
C ARG A 787 -19.73 -29.20 19.83
N MET A 788 -18.66 -29.32 19.05
CA MET A 788 -18.04 -30.59 18.74
C MET A 788 -17.10 -31.00 19.87
N GLU A 789 -16.85 -32.30 19.97
CA GLU A 789 -15.91 -32.81 20.96
C GLU A 789 -14.45 -32.58 20.56
N ASP A 790 -14.15 -32.46 19.26
CA ASP A 790 -12.79 -32.35 18.77
C ASP A 790 -12.43 -30.94 18.37
N LEU A 791 -12.94 -29.93 19.09
CA LEU A 791 -12.62 -28.55 18.80
C LEU A 791 -12.72 -27.75 20.09
N ILE A 792 -11.59 -27.23 20.56
CA ILE A 792 -11.56 -26.49 21.83
C ILE A 792 -12.25 -25.14 21.67
N VAL A 793 -12.53 -24.49 22.79
CA VAL A 793 -13.21 -23.20 22.81
C VAL A 793 -12.26 -22.15 23.36
N LEU A 794 -12.23 -20.99 22.72
CA LEU A 794 -11.36 -19.91 23.17
C LEU A 794 -11.80 -19.44 24.57
N THR A 795 -10.82 -19.00 25.35
CA THR A 795 -11.09 -18.70 26.76
C THR A 795 -12.05 -17.53 26.92
N ASP A 796 -11.77 -16.41 26.24
CA ASP A 796 -12.59 -15.21 26.41
C ASP A 796 -13.94 -15.30 25.72
N ARG A 797 -14.10 -16.20 24.75
CA ARG A 797 -15.36 -16.36 24.06
C ARG A 797 -16.32 -17.20 24.89
N GLU A 798 -17.60 -17.09 24.56
CA GLU A 798 -18.64 -17.82 25.27
C GLU A 798 -18.95 -19.14 24.56
N ALA A 799 -19.13 -20.19 25.35
CA ALA A 799 -19.40 -21.51 24.79
C ALA A 799 -20.79 -21.54 24.16
N LEU A 800 -20.87 -22.04 22.93
CA LEU A 800 -22.14 -22.14 22.25
C LEU A 800 -22.99 -23.26 22.84
N PRO A 801 -24.31 -23.13 22.80
CA PRO A 801 -25.17 -24.22 23.27
C PRO A 801 -25.04 -25.45 22.38
N GLU A 802 -25.22 -26.61 22.99
CA GLU A 802 -25.09 -27.87 22.27
C GLU A 802 -26.26 -28.06 21.30
N GLY A 803 -26.13 -29.08 20.46
CA GLY A 803 -27.17 -29.38 19.48
C GLY A 803 -26.84 -30.62 18.67
N SER A 804 -27.86 -31.45 18.42
CA SER A 804 -27.68 -32.69 17.68
C SER A 804 -27.56 -32.35 16.19
N ALA A 805 -26.35 -32.48 15.65
CA ALA A 805 -26.08 -32.17 14.25
C ALA A 805 -25.64 -33.45 13.54
N GLU A 806 -26.51 -33.98 12.67
CA GLU A 806 -26.19 -35.16 11.89
C GLU A 806 -25.34 -34.74 10.70
N THR A 807 -24.09 -35.15 10.69
CA THR A 807 -23.18 -34.76 9.60
C THR A 807 -23.61 -35.42 8.30
N PRO A 808 -23.86 -34.66 7.24
CA PRO A 808 -24.26 -35.28 5.97
C PRO A 808 -23.15 -36.11 5.36
N LYS A 809 -23.55 -37.13 4.62
CA LYS A 809 -22.64 -38.02 3.91
C LYS A 809 -22.90 -37.92 2.41
N PRO A 810 -21.88 -38.19 1.59
CA PRO A 810 -22.08 -38.13 0.14
C PRO A 810 -23.15 -39.11 -0.32
N THR A 811 -23.95 -38.67 -1.28
CA THR A 811 -25.03 -39.49 -1.84
C THR A 811 -25.03 -39.54 -3.36
N GLY A 812 -24.27 -38.69 -4.04
CA GLY A 812 -24.24 -38.69 -5.48
C GLY A 812 -25.44 -38.07 -6.15
N LYS A 813 -26.21 -37.26 -5.43
CA LYS A 813 -27.38 -36.59 -5.97
C LYS A 813 -27.37 -35.14 -5.52
N PRO A 814 -27.95 -34.24 -6.31
CA PRO A 814 -27.96 -32.81 -5.93
C PRO A 814 -28.77 -32.57 -4.68
N PRO A 815 -28.42 -31.55 -3.90
CA PRO A 815 -29.20 -31.26 -2.68
C PRO A 815 -30.50 -30.53 -2.98
N GLU A 816 -31.24 -30.16 -1.94
CA GLU A 816 -32.50 -29.47 -2.09
C GLU A 816 -32.29 -27.97 -2.26
N LYS A 817 -33.32 -27.31 -2.76
CA LYS A 817 -33.26 -25.87 -2.98
C LYS A 817 -33.47 -25.12 -1.67
N ALA A 818 -33.13 -23.83 -1.70
CA ALA A 818 -33.24 -22.96 -0.53
C ALA A 818 -34.39 -21.97 -0.70
N ASN A 819 -34.70 -21.29 0.40
CA ASN A 819 -35.78 -20.30 0.43
C ASN A 819 -35.22 -19.02 1.04
N PRO A 820 -34.56 -18.18 0.23
CA PRO A 820 -33.91 -16.98 0.78
C PRO A 820 -34.86 -15.98 1.41
N LEU A 821 -36.14 -16.02 1.06
CA LEU A 821 -37.09 -15.03 1.55
C LEU A 821 -37.45 -15.23 3.02
N ALA A 822 -37.04 -16.35 3.63
CA ALA A 822 -37.43 -16.64 5.01
C ALA A 822 -36.61 -15.90 6.05
N SER A 823 -35.47 -15.30 5.67
CA SER A 823 -34.61 -14.65 6.64
C SER A 823 -34.08 -13.34 6.06
N LEU A 824 -33.25 -12.66 6.85
CA LEU A 824 -32.65 -11.40 6.48
C LEU A 824 -31.14 -11.46 6.65
N PRO A 825 -30.38 -10.73 5.84
CA PRO A 825 -28.93 -10.71 6.00
C PRO A 825 -28.54 -10.01 7.29
N PRO A 826 -27.40 -10.37 7.88
CA PRO A 826 -26.96 -9.67 9.10
C PRO A 826 -26.71 -8.20 8.83
N GLY A 827 -27.03 -7.37 9.82
CA GLY A 827 -26.87 -5.94 9.75
C GLY A 827 -28.11 -5.19 9.31
N ALA A 828 -28.95 -5.83 8.50
CA ALA A 828 -30.17 -5.18 8.03
C ALA A 828 -31.17 -5.02 9.16
N TYR A 829 -32.04 -4.01 9.03
CA TYR A 829 -33.09 -3.75 9.99
C TYR A 829 -34.43 -3.72 9.26
N GLN A 830 -35.50 -4.00 10.02
CA GLN A 830 -36.83 -4.03 9.43
C GLN A 830 -37.32 -2.61 9.17
N GLY A 831 -37.73 -2.35 7.93
CA GLY A 831 -38.24 -1.05 7.57
C GLY A 831 -37.39 -0.31 6.56
N SER A 832 -36.38 -0.99 6.00
CA SER A 832 -35.47 -0.39 5.06
C SER A 832 -36.12 -0.24 3.68
N PRO A 833 -35.64 0.70 2.87
CA PRO A 833 -36.17 0.82 1.50
C PRO A 833 -35.83 -0.40 0.66
N VAL A 834 -36.64 -0.63 -0.36
CA VAL A 834 -36.58 -1.83 -1.18
C VAL A 834 -36.42 -1.44 -2.64
N LYS A 835 -35.56 -2.15 -3.36
CA LYS A 835 -35.39 -2.02 -4.80
C LYS A 835 -35.65 -3.36 -5.47
N LYS A 836 -36.12 -3.31 -6.71
CA LYS A 836 -36.47 -4.52 -7.44
C LYS A 836 -35.90 -4.46 -8.85
N PHE A 837 -35.64 -5.64 -9.41
CA PHE A 837 -35.06 -5.77 -10.75
C PHE A 837 -35.53 -7.08 -11.38
N GLU A 838 -35.40 -7.15 -12.71
CA GLU A 838 -35.70 -8.36 -13.46
C GLU A 838 -34.56 -8.63 -14.42
N VAL A 839 -34.04 -9.85 -14.41
CA VAL A 839 -32.85 -10.20 -15.18
C VAL A 839 -33.13 -11.48 -15.98
N VAL A 840 -32.77 -11.45 -17.27
CA VAL A 840 -32.87 -12.61 -18.14
C VAL A 840 -31.55 -12.76 -18.87
N ALA A 841 -31.30 -13.99 -19.36
CA ALA A 841 -30.10 -14.31 -20.10
C ALA A 841 -30.47 -15.07 -21.37
N PHE A 842 -29.68 -14.86 -22.42
CA PHE A 842 -29.95 -15.46 -23.72
C PHE A 842 -28.67 -15.39 -24.56
N GLN A 843 -28.78 -15.78 -25.82
CA GLN A 843 -27.66 -15.80 -26.75
C GLN A 843 -27.99 -14.92 -27.96
N THR A 844 -26.96 -14.24 -28.48
CA THR A 844 -27.12 -13.35 -29.62
C THR A 844 -25.76 -12.95 -30.20
N PRO A 845 -25.67 -12.73 -31.51
CA PRO A 845 -24.42 -12.24 -32.09
C PRO A 845 -24.12 -10.81 -31.65
N ILE A 846 -22.83 -10.47 -31.67
CA ILE A 846 -22.36 -9.17 -31.22
C ILE A 846 -21.48 -8.55 -32.30
N GLN A 847 -21.71 -7.27 -32.58
CA GLN A 847 -20.89 -6.50 -33.51
C GLN A 847 -19.84 -5.74 -32.73
N TYR A 848 -18.59 -5.78 -33.22
CA TYR A 848 -17.48 -5.18 -32.50
C TYR A 848 -16.99 -3.87 -33.08
N ASN A 849 -17.03 -3.71 -34.40
CA ASN A 849 -16.62 -2.46 -35.04
C ASN A 849 -17.25 -2.39 -36.43
N SER A 850 -16.86 -1.36 -37.17
CA SER A 850 -17.45 -1.12 -38.49
C SER A 850 -16.79 -1.93 -39.60
N TYR A 851 -15.74 -2.67 -39.31
CA TYR A 851 -15.02 -3.42 -40.33
C TYR A 851 -15.50 -4.86 -40.47
N GLY A 852 -16.54 -5.25 -39.74
CA GLY A 852 -17.15 -6.55 -39.91
C GLY A 852 -16.79 -7.58 -38.85
N ASP A 853 -15.83 -7.29 -37.99
CA ASP A 853 -15.49 -8.23 -36.92
C ASP A 853 -16.67 -8.45 -36.00
N HIS A 854 -16.97 -9.71 -35.71
CA HIS A 854 -18.15 -10.06 -34.93
C HIS A 854 -17.95 -11.42 -34.28
N ASP A 855 -18.78 -11.68 -33.27
CA ASP A 855 -18.77 -12.96 -32.57
C ASP A 855 -20.17 -13.58 -32.63
N PRO A 856 -20.32 -14.75 -33.24
CA PRO A 856 -21.66 -15.36 -33.38
C PRO A 856 -22.08 -16.26 -32.22
N TYR A 857 -21.35 -16.26 -31.10
CA TYR A 857 -21.65 -17.13 -29.97
C TYR A 857 -21.60 -16.35 -28.66
N GLY A 858 -22.25 -15.19 -28.64
CA GLY A 858 -22.25 -14.36 -27.45
C GLY A 858 -23.39 -14.66 -26.51
N ILE A 859 -23.09 -14.62 -25.21
CA ILE A 859 -24.07 -14.80 -24.14
C ILE A 859 -23.98 -13.60 -23.22
N ILE A 860 -25.12 -12.95 -22.96
CA ILE A 860 -25.14 -11.69 -22.21
C ILE A 860 -26.27 -11.71 -21.20
N PHE A 861 -26.16 -10.86 -20.19
CA PHE A 861 -27.27 -10.53 -19.31
C PHE A 861 -27.99 -9.30 -19.84
N ALA A 862 -29.26 -9.17 -19.47
CA ALA A 862 -30.06 -8.03 -19.90
C ALA A 862 -31.30 -7.93 -19.03
N LEU A 863 -31.87 -6.73 -18.97
CA LEU A 863 -33.13 -6.52 -18.31
C LEU A 863 -34.26 -7.18 -19.11
N LYS A 864 -35.33 -7.55 -18.41
CA LYS A 864 -36.43 -8.25 -19.06
C LYS A 864 -37.09 -7.38 -20.12
N GLU A 865 -37.20 -6.08 -19.86
CA GLU A 865 -37.88 -5.18 -20.78
C GLU A 865 -37.11 -4.99 -22.08
N ASP A 866 -35.79 -5.19 -22.08
CA ASP A 866 -34.95 -4.91 -23.24
C ASP A 866 -34.77 -6.10 -24.17
N VAL A 867 -35.44 -7.21 -23.92
CA VAL A 867 -35.18 -8.42 -24.69
C VAL A 867 -35.68 -8.27 -26.13
N GLU A 868 -36.89 -7.73 -26.31
CA GLU A 868 -37.47 -7.66 -27.65
C GLU A 868 -36.66 -6.74 -28.56
N ASP A 869 -36.17 -5.62 -28.01
CA ASP A 869 -35.43 -4.67 -28.83
C ASP A 869 -34.13 -5.28 -29.35
N ILE A 870 -33.39 -5.96 -28.47
CA ILE A 870 -32.12 -6.56 -28.89
C ILE A 870 -32.37 -7.76 -29.80
N LEU A 871 -33.48 -8.47 -29.59
CA LEU A 871 -33.79 -9.61 -30.44
C LEU A 871 -34.18 -9.21 -31.85
N THR A 872 -34.58 -7.96 -32.06
CA THR A 872 -34.95 -7.48 -33.39
C THR A 872 -33.76 -6.95 -34.18
N GLY A 873 -32.58 -6.86 -33.57
CA GLY A 873 -31.41 -6.38 -34.26
C GLY A 873 -31.29 -4.88 -34.37
N LYS A 874 -32.17 -4.12 -33.72
CA LYS A 874 -32.13 -2.67 -33.79
C LYS A 874 -31.17 -2.04 -32.78
N LYS A 875 -30.53 -2.85 -31.94
CA LYS A 875 -29.65 -2.35 -30.90
C LYS A 875 -28.36 -3.17 -30.86
N ASN A 876 -27.29 -2.53 -30.39
CA ASN A 876 -26.03 -3.23 -30.17
C ASN A 876 -25.85 -3.50 -28.69
N PRO A 877 -25.74 -4.75 -28.26
CA PRO A 877 -25.77 -5.05 -26.82
C PRO A 877 -24.59 -4.44 -26.07
N VAL A 878 -24.85 -4.09 -24.82
CA VAL A 878 -23.84 -3.51 -23.92
C VAL A 878 -23.90 -4.23 -22.59
N PRO A 879 -22.82 -4.19 -21.83
CA PRO A 879 -22.81 -4.87 -20.52
C PRO A 879 -23.86 -4.29 -19.58
N LEU A 880 -24.07 -5.01 -18.48
CA LEU A 880 -25.12 -4.70 -17.51
C LEU A 880 -24.52 -3.96 -16.32
N ILE A 881 -25.16 -2.87 -15.92
CA ILE A 881 -24.71 -2.04 -14.80
C ILE A 881 -25.91 -1.72 -13.92
N LEU A 882 -25.74 -1.84 -12.61
CA LEU A 882 -26.78 -1.55 -11.64
C LEU A 882 -26.27 -0.58 -10.60
N ARG A 883 -27.18 0.24 -10.06
CA ARG A 883 -26.84 1.25 -9.08
C ARG A 883 -27.81 1.18 -7.91
N ALA A 884 -27.33 1.58 -6.74
CA ALA A 884 -28.14 1.61 -5.53
C ALA A 884 -27.48 2.54 -4.52
N ASN A 885 -28.23 2.87 -3.48
CA ASN A 885 -27.77 3.78 -2.44
C ASN A 885 -27.50 3.02 -1.14
N VAL A 886 -26.74 3.66 -0.25
CA VAL A 886 -26.39 3.03 1.01
C VAL A 886 -27.63 2.83 1.88
N GLY A 887 -27.71 1.66 2.50
CA GLY A 887 -28.81 1.34 3.40
C GLY A 887 -30.03 0.73 2.74
N ASP A 888 -29.99 0.48 1.43
CA ASP A 888 -31.13 -0.09 0.74
C ASP A 888 -31.05 -1.61 0.71
N LEU A 889 -32.21 -2.23 0.51
CA LEU A 889 -32.32 -3.68 0.37
C LEU A 889 -32.68 -4.02 -1.06
N VAL A 890 -31.91 -4.89 -1.69
CA VAL A 890 -32.04 -5.18 -3.12
C VAL A 890 -32.57 -6.59 -3.29
N GLU A 891 -33.62 -6.73 -4.10
CA GLU A 891 -34.19 -8.03 -4.46
C GLU A 891 -34.07 -8.22 -5.96
N VAL A 892 -33.52 -9.35 -6.38
CA VAL A 892 -33.25 -9.64 -7.77
C VAL A 892 -33.98 -10.91 -8.17
N THR A 893 -34.69 -10.86 -9.30
CA THR A 893 -35.39 -12.01 -9.86
C THR A 893 -34.65 -12.46 -11.11
N LEU A 894 -34.35 -13.75 -11.20
CA LEU A 894 -33.51 -14.29 -12.26
C LEU A 894 -34.25 -15.37 -13.03
N THR A 895 -33.98 -15.45 -14.33
CA THR A 895 -34.58 -16.44 -15.20
C THR A 895 -33.57 -16.81 -16.28
N SER A 896 -33.65 -18.04 -16.76
CA SER A 896 -32.73 -18.56 -17.77
C SER A 896 -33.52 -19.00 -19.01
N GLU A 897 -32.91 -18.80 -20.18
CA GLU A 897 -33.56 -19.13 -21.45
C GLU A 897 -32.58 -19.76 -22.43
N LEU A 898 -31.61 -20.51 -21.93
CA LEU A 898 -30.58 -21.08 -22.79
C LEU A 898 -31.12 -22.25 -23.60
N LYS A 899 -30.39 -22.61 -24.66
CA LYS A 899 -30.72 -23.74 -25.50
C LYS A 899 -29.46 -24.51 -25.83
N LYS A 900 -29.62 -25.78 -26.21
CA LYS A 900 -28.49 -26.67 -26.40
C LYS A 900 -27.90 -26.61 -27.80
N GLU A 901 -28.74 -26.56 -28.84
CA GLU A 901 -28.24 -26.68 -30.20
C GLU A 901 -27.40 -25.49 -30.64
N LEU A 902 -27.41 -24.39 -29.88
CA LEU A 902 -26.66 -23.20 -30.25
C LEU A 902 -25.22 -23.23 -29.74
N PHE A 903 -24.83 -24.23 -28.96
CA PHE A 903 -23.46 -24.30 -28.46
C PHE A 903 -22.54 -24.85 -29.54
N PRO A 904 -21.39 -24.23 -29.78
CA PRO A 904 -20.51 -24.69 -30.86
C PRO A 904 -19.82 -26.02 -30.57
N PHE A 905 -19.29 -26.17 -29.36
CA PHE A 905 -18.51 -27.35 -28.98
C PHE A 905 -19.30 -28.14 -27.94
N GLN A 906 -20.01 -29.16 -28.41
CA GLN A 906 -20.80 -29.99 -27.51
C GLN A 906 -19.94 -30.99 -26.73
N ASP A 907 -18.74 -31.30 -27.22
CA ASP A 907 -17.86 -32.22 -26.52
C ASP A 907 -17.04 -31.55 -25.42
N GLY A 908 -17.01 -30.22 -25.38
CA GLY A 908 -16.27 -29.51 -24.35
C GLY A 908 -14.80 -29.31 -24.64
N ILE A 909 -14.33 -29.61 -25.85
CA ILE A 909 -12.94 -29.44 -26.22
C ILE A 909 -12.83 -28.18 -27.08
N HIS A 910 -11.98 -27.25 -26.66
CA HIS A 910 -11.81 -25.98 -27.36
C HIS A 910 -10.46 -25.95 -28.04
N PRO A 911 -10.40 -26.03 -29.38
CA PRO A 911 -9.09 -25.94 -30.06
C PRO A 911 -8.46 -24.56 -29.98
N TYR A 912 -9.25 -23.51 -29.78
CA TYR A 912 -8.71 -22.15 -29.72
C TYR A 912 -9.68 -21.22 -28.99
N PRO A 913 -9.24 -20.50 -27.96
CA PRO A 913 -7.89 -20.50 -27.37
C PRO A 913 -7.65 -21.77 -26.55
N PRO A 914 -6.44 -22.29 -26.55
CA PRO A 914 -6.18 -23.58 -25.90
C PRO A 914 -5.74 -23.44 -24.45
N VAL A 915 -6.06 -24.48 -23.68
CA VAL A 915 -5.56 -24.65 -22.32
C VAL A 915 -5.03 -26.07 -22.20
N LYS A 916 -4.07 -26.26 -21.31
CA LYS A 916 -3.42 -27.57 -21.18
C LYS A 916 -4.36 -28.58 -20.55
N GLU A 917 -4.14 -29.85 -20.90
CA GLU A 917 -4.87 -30.99 -20.34
C GLU A 917 -6.37 -30.89 -20.63
N GLN A 918 -6.70 -30.85 -21.92
CA GLN A 918 -8.10 -30.88 -22.33
C GLN A 918 -8.70 -32.26 -22.08
N SER A 919 -10.01 -32.27 -21.79
CA SER A 919 -10.71 -33.52 -21.50
C SER A 919 -12.20 -33.31 -21.72
N PHE A 920 -12.95 -34.39 -21.55
CA PHE A 920 -14.39 -34.36 -21.78
C PHE A 920 -15.08 -33.52 -20.72
N TYR A 921 -15.90 -32.57 -21.15
CA TYR A 921 -16.55 -31.62 -20.26
C TYR A 921 -17.75 -30.98 -20.93
N PRO A 922 -18.90 -31.64 -20.96
CA PRO A 922 -20.06 -31.08 -21.66
C PRO A 922 -20.54 -29.81 -20.98
N PRO A 923 -21.10 -28.87 -21.74
CA PRO A 923 -21.61 -27.64 -21.12
C PRO A 923 -22.94 -27.88 -20.42
N SER A 924 -23.30 -26.92 -19.57
CA SER A 924 -24.50 -27.00 -18.76
C SER A 924 -25.51 -25.94 -19.18
N LEU A 925 -26.76 -26.11 -18.72
CA LEU A 925 -27.83 -25.19 -19.02
C LEU A 925 -28.24 -24.31 -17.86
N ARG A 926 -28.01 -24.76 -16.62
CA ARG A 926 -28.35 -23.95 -15.45
C ARG A 926 -27.37 -22.79 -15.32
N ILE A 927 -27.77 -21.79 -14.52
CA ILE A 927 -26.98 -20.57 -14.38
C ILE A 927 -27.27 -19.99 -13.00
N SER A 928 -26.32 -19.18 -12.51
CA SER A 928 -26.47 -18.49 -11.23
C SER A 928 -25.83 -17.11 -11.38
N LEU A 929 -25.65 -16.41 -10.25
CA LEU A 929 -25.06 -15.09 -10.25
C LEU A 929 -24.37 -14.86 -8.92
N HIS A 930 -23.20 -14.21 -8.96
CA HIS A 930 -22.39 -13.99 -7.77
C HIS A 930 -21.86 -12.56 -7.77
N THR A 931 -21.68 -12.01 -6.57
CA THR A 931 -21.12 -10.67 -6.40
C THR A 931 -20.18 -10.70 -5.21
N SER A 932 -19.68 -9.52 -4.84
CA SER A 932 -18.70 -9.40 -3.77
C SER A 932 -18.90 -8.10 -3.01
N LEU A 933 -18.32 -8.04 -1.82
CA LEU A 933 -18.27 -6.87 -0.96
C LEU A 933 -19.65 -6.43 -0.47
N LEU A 934 -20.60 -7.36 -0.36
CA LEU A 934 -21.93 -7.06 0.12
C LEU A 934 -22.32 -8.05 1.22
N ASN A 935 -23.24 -7.62 2.08
CA ASN A 935 -23.71 -8.48 3.16
C ASN A 935 -24.88 -9.34 2.68
N TYR A 936 -24.78 -10.64 2.94
CA TYR A 936 -25.82 -11.59 2.59
C TYR A 936 -25.57 -12.89 3.33
N ASP A 937 -26.63 -13.66 3.53
CA ASP A 937 -26.50 -14.98 4.12
C ASP A 937 -25.82 -15.90 3.12
N VAL A 938 -24.77 -16.59 3.56
CA VAL A 938 -24.02 -17.45 2.65
C VAL A 938 -24.81 -18.69 2.30
N LYS A 939 -25.80 -19.05 3.11
CA LYS A 939 -26.56 -20.27 2.87
C LYS A 939 -27.71 -20.07 1.88
N THR A 940 -28.04 -18.83 1.53
CA THR A 940 -29.18 -18.59 0.66
C THR A 940 -28.91 -17.63 -0.49
N SER A 941 -27.82 -16.86 -0.49
CA SER A 941 -27.61 -15.87 -1.53
C SER A 941 -26.17 -15.83 -2.04
N SER A 942 -25.38 -16.87 -1.79
CA SER A 942 -24.00 -16.87 -2.27
C SER A 942 -23.91 -17.10 -3.77
N GLY A 943 -24.94 -17.69 -4.37
CA GLY A 943 -24.92 -17.95 -5.80
C GLY A 943 -24.14 -19.17 -6.22
N ASP A 944 -23.73 -20.03 -5.29
CA ASP A 944 -22.97 -21.22 -5.60
C ASP A 944 -23.49 -22.39 -4.77
N THR A 945 -23.16 -23.59 -5.22
CA THR A 945 -23.43 -24.82 -4.47
C THR A 945 -22.10 -25.34 -3.96
N VAL A 946 -21.75 -24.96 -2.74
CA VAL A 946 -20.44 -25.27 -2.15
C VAL A 946 -20.66 -26.03 -0.85
N GLY A 947 -19.92 -27.14 -0.70
CA GLY A 947 -20.02 -27.92 0.51
C GLY A 947 -21.40 -28.51 0.68
N TYR A 948 -21.95 -28.37 1.89
CA TYR A 948 -23.26 -28.92 2.22
C TYR A 948 -24.39 -27.91 2.06
N ASN A 949 -24.10 -26.74 1.50
CA ASN A 949 -25.12 -25.71 1.32
C ASN A 949 -26.15 -26.15 0.29
N PRO A 950 -27.38 -25.65 0.41
CA PRO A 950 -28.42 -25.99 -0.57
C PRO A 950 -28.10 -25.42 -1.95
N ASP A 951 -28.90 -25.84 -2.92
CA ASP A 951 -28.73 -25.42 -4.30
C ASP A 951 -29.10 -23.95 -4.47
N GLN A 952 -28.36 -23.26 -5.33
CA GLN A 952 -28.62 -21.85 -5.62
C GLN A 952 -28.59 -21.58 -7.13
N THR A 953 -28.98 -22.57 -7.93
CA THR A 953 -29.00 -22.44 -9.38
C THR A 953 -30.41 -22.71 -9.90
N VAL A 954 -30.70 -22.16 -11.08
CA VAL A 954 -32.00 -22.28 -11.70
C VAL A 954 -31.84 -22.83 -13.11
N GLY A 955 -32.65 -23.84 -13.44
CA GLY A 955 -32.72 -24.35 -14.79
C GLY A 955 -33.82 -23.64 -15.56
N PRO A 956 -34.08 -24.10 -16.78
CA PRO A 956 -35.17 -23.51 -17.57
C PRO A 956 -36.51 -23.67 -16.88
N GLY A 957 -37.35 -22.65 -16.97
CA GLY A 957 -38.67 -22.69 -16.38
C GLY A 957 -38.71 -22.58 -14.87
N GLU A 958 -37.67 -22.00 -14.26
CA GLU A 958 -37.62 -21.84 -12.82
C GLU A 958 -37.27 -20.40 -12.47
N THR A 959 -37.54 -20.02 -11.22
CA THR A 959 -37.35 -18.66 -10.77
C THR A 959 -36.86 -18.67 -9.32
N ILE A 960 -35.86 -17.82 -9.05
CA ILE A 960 -35.31 -17.65 -7.72
C ILE A 960 -35.15 -16.16 -7.44
N THR A 961 -35.09 -15.82 -6.16
CA THR A 961 -34.95 -14.42 -5.75
C THR A 961 -33.88 -14.33 -4.67
N TYR A 962 -32.96 -13.38 -4.84
CA TYR A 962 -31.87 -13.16 -3.89
C TYR A 962 -32.19 -11.96 -3.00
N ARG A 963 -31.42 -11.84 -1.92
CA ARG A 963 -31.53 -10.73 -1.00
C ARG A 963 -30.14 -10.22 -0.65
N TRP A 964 -29.88 -8.95 -0.94
CA TRP A 964 -28.60 -8.33 -0.66
C TRP A 964 -28.82 -7.04 0.13
N PHE A 965 -27.85 -6.70 0.97
CA PHE A 965 -27.92 -5.48 1.77
C PHE A 965 -26.62 -4.71 1.64
N VAL A 966 -26.74 -3.39 1.59
CA VAL A 966 -25.60 -2.48 1.50
C VAL A 966 -25.39 -1.85 2.88
N ASP A 967 -24.14 -1.86 3.34
CA ASP A 967 -23.82 -1.34 4.66
C ASP A 967 -22.72 -0.28 4.67
N GLY A 968 -22.04 -0.05 3.55
CA GLY A 968 -20.97 0.92 3.54
C GLY A 968 -20.71 1.44 2.13
N GLN A 969 -20.04 2.58 2.07
CA GLN A 969 -19.68 3.20 0.80
C GLN A 969 -18.40 2.56 0.29
N PHE A 970 -18.54 1.62 -0.65
CA PHE A 970 -17.39 0.88 -1.17
C PHE A 970 -17.00 1.27 -2.59
N GLY A 971 -17.93 1.78 -3.38
CA GLY A 971 -17.62 2.20 -4.75
C GLY A 971 -18.13 1.19 -5.78
N MET A 972 -17.21 0.41 -6.34
CA MET A 972 -17.52 -0.53 -7.41
C MET A 972 -17.34 -1.96 -6.95
N CYS A 973 -18.29 -2.82 -7.32
CA CYS A 973 -18.24 -4.24 -7.03
C CYS A 973 -18.40 -5.02 -8.33
N SER A 974 -17.79 -6.21 -8.37
CA SER A 974 -17.78 -7.03 -9.57
C SER A 974 -18.82 -8.14 -9.48
N MET A 975 -19.38 -8.49 -10.63
CA MET A 975 -20.37 -9.57 -10.73
C MET A 975 -20.00 -10.48 -11.88
N TRP A 976 -20.19 -11.78 -11.68
CA TRP A 976 -20.01 -12.78 -12.73
C TRP A 976 -20.71 -14.06 -12.30
N ASP A 977 -20.75 -15.02 -13.22
CA ASP A 977 -21.42 -16.30 -12.99
C ASP A 977 -20.39 -17.42 -12.87
N MET A 978 -20.66 -18.34 -11.95
CA MET A 978 -19.77 -19.47 -11.71
C MET A 978 -20.47 -20.81 -11.89
N ALA A 979 -21.47 -20.88 -12.78
CA ALA A 979 -22.12 -22.15 -13.06
C ALA A 979 -21.23 -23.04 -13.93
N ASP A 980 -20.56 -22.45 -14.91
CA ASP A 980 -19.68 -23.20 -15.82
C ASP A 980 -18.56 -22.25 -16.25
N LEU A 981 -17.38 -22.44 -15.69
CA LEU A 981 -16.26 -21.54 -15.98
C LEU A 981 -15.64 -21.78 -17.35
N ARG A 982 -15.75 -22.99 -17.89
CA ARG A 982 -15.11 -23.33 -19.15
C ARG A 982 -15.98 -23.04 -20.37
N ASN A 983 -17.24 -22.64 -20.18
CA ASN A 983 -18.14 -22.41 -21.30
C ASN A 983 -18.98 -21.14 -21.19
N HIS A 984 -18.86 -20.38 -20.11
CA HIS A 984 -19.68 -19.18 -19.93
C HIS A 984 -18.88 -17.92 -19.68
N ARG A 985 -17.76 -18.02 -18.95
CA ARG A 985 -17.01 -16.83 -18.57
C ARG A 985 -16.43 -16.13 -19.79
N SER A 986 -15.88 -16.90 -20.72
CA SER A 986 -15.15 -16.32 -21.85
C SER A 986 -16.07 -15.60 -22.83
N PHE A 987 -17.35 -15.95 -22.88
CA PHE A 987 -18.24 -15.43 -23.91
C PHE A 987 -18.99 -14.17 -23.47
N GLY A 988 -18.70 -13.63 -22.29
CA GLY A 988 -19.22 -12.33 -21.92
C GLY A 988 -20.40 -12.31 -20.99
N THR A 989 -20.39 -13.15 -19.96
CA THR A 989 -21.45 -13.17 -18.95
C THR A 989 -20.87 -12.58 -17.66
N PHE A 990 -20.94 -11.26 -17.53
CA PHE A 990 -20.45 -10.57 -16.35
C PHE A 990 -21.08 -9.19 -16.31
N GLY A 991 -20.95 -8.53 -15.15
CA GLY A 991 -21.50 -7.21 -14.97
C GLY A 991 -20.82 -6.52 -13.81
N ALA A 992 -21.27 -5.29 -13.54
CA ALA A 992 -20.69 -4.47 -12.49
C ALA A 992 -21.80 -3.91 -11.62
N PHE A 993 -21.45 -3.60 -10.37
CA PHE A 993 -22.38 -3.04 -9.40
C PHE A 993 -21.71 -1.85 -8.72
N VAL A 994 -22.47 -0.77 -8.56
CA VAL A 994 -21.96 0.47 -7.99
C VAL A 994 -22.82 0.87 -6.80
N ALA A 995 -22.17 1.26 -5.72
CA ALA A 995 -22.84 1.75 -4.51
C ALA A 995 -22.48 3.21 -4.30
N GLU A 996 -23.48 4.07 -4.21
CA GLU A 996 -23.29 5.51 -4.06
C GLU A 996 -23.70 5.94 -2.66
N SER A 997 -23.58 7.25 -2.42
CA SER A 997 -23.89 7.82 -1.12
C SER A 997 -25.40 7.97 -0.95
N ARG A 998 -25.80 8.30 0.27
CA ARG A 998 -27.21 8.46 0.59
C ARG A 998 -27.80 9.67 -0.12
N PHE A 999 -29.10 9.61 -0.40
CA PHE A 999 -29.85 10.72 -0.99
C PHE A 999 -29.28 11.15 -2.33
N THR A 1000 -28.93 10.19 -3.18
CA THR A 1000 -28.37 10.48 -4.49
C THR A 1000 -29.40 10.19 -5.57
N THR A 1001 -29.29 10.92 -6.69
CA THR A 1001 -30.21 10.79 -7.81
C THR A 1001 -29.40 10.71 -9.10
N TYR A 1002 -29.93 9.93 -10.05
CA TYR A 1002 -29.28 9.72 -11.34
C TYR A 1002 -30.12 10.30 -12.46
N LEU A 1003 -29.47 10.93 -13.43
CA LEU A 1003 -30.15 11.58 -14.53
C LEU A 1003 -29.44 11.27 -15.85
N ASP A 1004 -30.24 11.18 -16.91
CA ASP A 1004 -29.70 10.97 -18.24
C ASP A 1004 -29.02 12.25 -18.73
N PRO A 1005 -27.77 12.15 -19.22
CA PRO A 1005 -27.05 13.35 -19.66
C PRO A 1005 -27.59 14.01 -20.91
N TYR A 1006 -28.63 13.46 -21.55
CA TYR A 1006 -29.20 14.06 -22.74
C TYR A 1006 -30.61 14.60 -22.51
N SER A 1007 -31.54 13.77 -22.05
CA SER A 1007 -32.91 14.21 -21.84
C SER A 1007 -33.19 14.62 -20.40
N LEU A 1008 -32.20 14.54 -19.52
CA LEU A 1008 -32.33 14.89 -18.10
C LEU A 1008 -33.39 14.07 -17.39
N GLU A 1009 -33.74 12.89 -17.91
CA GLU A 1009 -34.73 12.03 -17.30
C GLU A 1009 -34.06 11.04 -16.36
N LYS A 1010 -34.88 10.34 -15.57
CA LYS A 1010 -34.37 9.34 -14.65
C LYS A 1010 -33.74 8.19 -15.42
N ALA A 1011 -32.57 7.76 -14.97
CA ALA A 1011 -31.81 6.71 -15.63
C ALA A 1011 -31.60 5.54 -14.67
N ILE A 1012 -31.56 4.34 -15.22
CA ILE A 1012 -31.32 3.14 -14.44
C ILE A 1012 -30.12 2.33 -14.91
N THR A 1013 -29.74 2.43 -16.19
CA THR A 1013 -28.60 1.69 -16.71
C THR A 1013 -27.78 2.63 -17.60
N GLY A 1014 -26.53 2.25 -17.82
CA GLY A 1014 -25.64 3.02 -18.67
C GLY A 1014 -24.31 3.33 -18.02
N GLU A 1015 -23.34 3.76 -18.82
CA GLU A 1015 -22.00 4.06 -18.34
C GLU A 1015 -21.69 5.55 -18.38
N ASN A 1016 -22.72 6.40 -18.51
CA ASN A 1016 -22.52 7.85 -18.55
C ASN A 1016 -23.79 8.49 -17.99
N VAL A 1017 -23.74 8.89 -16.73
CA VAL A 1017 -24.87 9.47 -16.02
C VAL A 1017 -24.41 10.72 -15.28
N ILE A 1018 -25.35 11.35 -14.58
CA ILE A 1018 -25.10 12.55 -13.80
C ILE A 1018 -25.64 12.34 -12.39
N LEU A 1019 -24.84 12.66 -11.39
CA LEU A 1019 -25.22 12.51 -9.99
C LEU A 1019 -25.52 13.89 -9.40
N ARG A 1020 -26.68 14.01 -8.77
CA ARG A 1020 -27.09 15.24 -8.11
C ARG A 1020 -27.31 14.97 -6.63
N HIS A 1021 -26.72 15.81 -5.78
CA HIS A 1021 -26.82 15.65 -4.34
C HIS A 1021 -27.18 16.99 -3.72
N PRO A 1022 -28.01 16.99 -2.68
CA PRO A 1022 -28.41 18.26 -2.04
C PRO A 1022 -27.25 19.00 -1.39
N LEU A 1023 -26.36 18.27 -0.73
CA LEU A 1023 -25.27 18.87 0.03
C LEU A 1023 -23.91 18.73 -0.63
N LEU A 1024 -23.84 18.16 -1.82
CA LEU A 1024 -22.57 17.92 -2.50
C LEU A 1024 -22.65 18.41 -3.94
N PRO A 1025 -21.51 18.79 -4.53
CA PRO A 1025 -21.53 19.28 -5.91
C PRO A 1025 -21.89 18.19 -6.90
N ALA A 1026 -22.50 18.61 -8.01
CA ALA A 1026 -22.85 17.68 -9.07
C ALA A 1026 -21.59 17.13 -9.73
N THR A 1027 -21.70 15.90 -10.22
CA THR A 1027 -20.54 15.20 -10.78
C THR A 1027 -20.99 14.33 -11.94
N ARG A 1028 -20.05 14.06 -12.85
CA ARG A 1028 -20.24 13.11 -13.94
C ARG A 1028 -19.53 11.81 -13.59
N GLU A 1029 -20.08 10.69 -14.08
CA GLU A 1029 -19.55 9.37 -13.77
C GLU A 1029 -19.34 8.59 -15.06
N PHE A 1030 -18.20 7.90 -15.14
CA PHE A 1030 -17.87 7.04 -16.27
C PHE A 1030 -17.55 5.64 -15.77
N VAL A 1031 -17.95 4.64 -16.54
CA VAL A 1031 -17.77 3.24 -16.18
C VAL A 1031 -17.02 2.53 -17.30
N LEU A 1032 -16.07 1.67 -16.91
CA LEU A 1032 -15.27 0.93 -17.87
C LEU A 1032 -15.10 -0.50 -17.40
N ILE A 1033 -15.17 -1.44 -18.35
CA ILE A 1033 -14.98 -2.86 -18.08
C ILE A 1033 -13.93 -3.40 -19.04
N LEU A 1034 -12.98 -4.16 -18.52
CA LEU A 1034 -11.89 -4.71 -19.30
C LEU A 1034 -11.99 -6.22 -19.34
N HIS A 1035 -11.72 -6.80 -20.51
CA HIS A 1035 -11.78 -8.25 -20.69
C HIS A 1035 -10.91 -8.64 -21.86
N ASP A 1036 -10.61 -9.93 -21.96
CA ASP A 1036 -9.77 -10.47 -23.02
C ASP A 1036 -10.17 -11.92 -23.26
N GLY A 1037 -9.35 -12.62 -24.04
CA GLY A 1037 -9.60 -14.02 -24.33
C GLY A 1037 -10.87 -14.27 -25.12
N VAL A 1038 -11.08 -13.49 -26.17
CA VAL A 1038 -12.30 -13.56 -26.98
C VAL A 1038 -11.97 -14.19 -28.32
N ARG A 1039 -12.93 -14.92 -28.87
CA ARG A 1039 -12.81 -15.56 -30.17
C ARG A 1039 -13.64 -14.77 -31.18
N LEU A 1040 -13.03 -14.43 -32.31
CA LEU A 1040 -13.63 -13.53 -33.28
C LEU A 1040 -13.54 -14.12 -34.68
N GLU A 1041 -14.38 -13.61 -35.57
CA GLU A 1041 -14.40 -13.97 -36.98
C GLU A 1041 -14.44 -12.71 -37.82
N ASP A 1042 -13.91 -12.81 -39.04
CA ASP A 1042 -13.88 -11.68 -39.95
C ASP A 1042 -15.23 -11.53 -40.66
N LYS A 1043 -15.27 -10.62 -41.64
CA LYS A 1043 -16.47 -10.43 -42.43
C LYS A 1043 -16.80 -11.69 -43.23
N ASP A 1044 -15.77 -12.33 -43.79
CA ASP A 1044 -15.95 -13.52 -44.61
C ASP A 1044 -16.19 -14.78 -43.80
N GLY A 1045 -16.31 -14.66 -42.48
CA GLY A 1045 -16.59 -15.81 -41.64
C GLY A 1045 -15.40 -16.68 -41.31
N LYS A 1046 -14.20 -16.28 -41.66
CA LYS A 1046 -13.00 -17.04 -41.36
C LYS A 1046 -12.52 -16.72 -39.94
N VAL A 1047 -11.99 -17.74 -39.27
CA VAL A 1047 -11.48 -17.55 -37.92
C VAL A 1047 -10.25 -16.66 -37.96
N ILE A 1048 -10.06 -15.86 -36.91
CA ILE A 1048 -8.93 -14.95 -36.80
C ILE A 1048 -8.04 -15.45 -35.65
N ILE A 1049 -6.74 -15.25 -35.80
CA ILE A 1049 -5.75 -15.75 -34.84
C ILE A 1049 -4.96 -14.54 -34.36
N ASP A 1050 -5.17 -14.16 -33.10
CA ASP A 1050 -4.42 -13.07 -32.48
C ASP A 1050 -3.35 -13.63 -31.54
N PRO A 1051 -2.23 -12.91 -31.35
CA PRO A 1051 -1.84 -11.65 -31.98
C PRO A 1051 -1.04 -11.85 -33.27
N MET A 1052 -1.09 -13.06 -33.84
CA MET A 1052 -0.28 -13.36 -35.01
C MET A 1052 -0.67 -12.48 -36.20
N ASP A 1053 -1.97 -12.27 -36.41
CA ASP A 1053 -2.45 -11.50 -37.54
C ASP A 1053 -2.58 -10.01 -37.26
N GLY A 1054 -2.25 -9.57 -36.05
CA GLY A 1054 -2.37 -8.16 -35.71
C GLY A 1054 -1.04 -7.45 -35.58
N VAL A 1055 0.01 -8.01 -36.17
CA VAL A 1055 1.35 -7.44 -36.05
C VAL A 1055 1.51 -6.31 -37.05
N VAL A 1056 1.95 -5.16 -36.56
CA VAL A 1056 2.18 -3.98 -37.40
C VAL A 1056 3.64 -3.55 -37.25
N PRO A 1057 4.39 -3.39 -38.34
CA PRO A 1057 3.99 -3.54 -39.75
C PRO A 1057 3.87 -5.00 -40.16
N ASP A 1058 3.34 -5.26 -41.35
CA ASP A 1058 3.10 -6.63 -41.80
C ASP A 1058 4.43 -7.33 -42.07
N THR A 1059 4.76 -8.31 -41.23
CA THR A 1059 5.93 -9.16 -41.43
C THR A 1059 5.52 -10.61 -41.23
N GLU A 1060 6.23 -11.51 -41.91
CA GLU A 1060 5.87 -12.92 -41.90
C GLU A 1060 6.59 -13.72 -40.83
N GLU A 1061 7.59 -13.15 -40.16
CA GLU A 1061 8.41 -13.88 -39.20
C GLU A 1061 8.10 -13.41 -37.78
N LEU A 1062 7.88 -14.37 -36.88
CA LEU A 1062 7.71 -14.10 -35.45
C LEU A 1062 7.74 -15.44 -34.73
N GLU A 1063 8.39 -15.46 -33.56
CA GLU A 1063 8.67 -16.69 -32.85
C GLU A 1063 7.41 -17.27 -32.20
N GLU A 1064 7.59 -18.35 -31.45
CA GLU A 1064 6.48 -18.95 -30.73
C GLU A 1064 6.09 -18.09 -29.53
N VAL A 1065 4.87 -18.30 -29.05
CA VAL A 1065 4.34 -17.56 -27.92
C VAL A 1065 3.79 -18.55 -26.90
N ASP A 1066 3.55 -18.04 -25.69
CA ASP A 1066 3.06 -18.89 -24.61
C ASP A 1066 1.61 -19.30 -24.88
N THR A 1067 1.18 -20.35 -24.17
CA THR A 1067 -0.17 -20.88 -24.37
C THR A 1067 -1.23 -19.87 -23.95
N TYR A 1068 -1.00 -19.17 -22.85
CA TYR A 1068 -1.99 -18.26 -22.28
C TYR A 1068 -1.92 -16.85 -22.87
N ASP A 1069 -1.16 -16.65 -23.95
CA ASP A 1069 -1.06 -15.36 -24.59
C ASP A 1069 -1.98 -15.21 -25.79
N TYR A 1070 -2.74 -16.25 -26.13
CA TYR A 1070 -3.65 -16.18 -27.26
C TYR A 1070 -4.93 -15.43 -26.88
N GLY A 1071 -5.70 -15.07 -27.90
CA GLY A 1071 -6.98 -14.44 -27.70
C GLY A 1071 -6.93 -12.94 -27.95
N SER A 1072 -8.10 -12.38 -28.24
CA SER A 1072 -8.26 -10.96 -28.49
C SER A 1072 -8.71 -10.25 -27.21
N ARG A 1073 -8.80 -8.92 -27.29
CA ARG A 1073 -9.11 -8.12 -26.11
C ARG A 1073 -9.79 -6.82 -26.57
N GLY A 1074 -10.41 -6.15 -25.61
CA GLY A 1074 -11.07 -4.89 -25.92
C GLY A 1074 -11.83 -4.36 -24.73
N PHE A 1075 -12.56 -3.27 -24.96
CA PHE A 1075 -13.35 -2.60 -23.95
C PHE A 1075 -14.84 -2.69 -24.30
N ASN A 1076 -15.65 -3.13 -23.34
CA ASN A 1076 -17.10 -3.08 -23.41
C ASN A 1076 -17.63 -3.59 -24.76
N TYR A 1077 -17.24 -4.82 -25.08
CA TYR A 1077 -17.65 -5.48 -26.31
C TYR A 1077 -17.21 -4.71 -27.55
N ARG A 1078 -16.12 -3.96 -27.45
CA ARG A 1078 -15.62 -3.18 -28.57
C ARG A 1078 -14.11 -3.29 -28.65
N SER A 1079 -13.58 -3.11 -29.86
CA SER A 1079 -12.15 -3.11 -30.10
C SER A 1079 -11.88 -2.45 -31.44
N GLU A 1080 -10.70 -1.84 -31.56
CA GLU A 1080 -10.29 -1.14 -32.78
C GLU A 1080 -8.89 -1.60 -33.16
N ARG A 1081 -8.82 -2.69 -33.91
CA ARG A 1081 -7.54 -3.21 -34.35
C ARG A 1081 -6.92 -2.29 -35.41
N LEU A 1082 -5.64 -1.97 -35.24
CA LEU A 1082 -4.96 -1.02 -36.10
C LEU A 1082 -4.58 -1.59 -37.46
N ILE A 1083 -4.69 -2.90 -37.65
CA ILE A 1083 -4.26 -3.50 -38.91
C ILE A 1083 -5.12 -2.99 -40.07
N ASN A 1084 -6.42 -2.81 -39.83
CA ASN A 1084 -7.30 -2.30 -40.89
C ASN A 1084 -6.89 -0.88 -41.29
N ARG A 1085 -6.64 -0.02 -40.31
CA ARG A 1085 -6.23 1.36 -40.61
C ARG A 1085 -4.90 1.38 -41.33
N TYR A 1086 -3.95 0.54 -40.91
CA TYR A 1086 -2.66 0.50 -41.58
C TYR A 1086 -2.80 0.01 -43.01
N LYS A 1087 -3.64 -1.00 -43.25
CA LYS A 1087 -3.82 -1.52 -44.60
C LYS A 1087 -4.51 -0.50 -45.50
N GLU A 1088 -5.47 0.26 -44.96
CA GLU A 1088 -6.18 1.23 -45.77
C GLU A 1088 -5.25 2.35 -46.26
N HIS A 1089 -4.40 2.85 -45.37
CA HIS A 1089 -3.52 3.98 -45.70
C HIS A 1089 -2.27 3.88 -44.84
N PRO A 1090 -1.15 3.44 -45.42
CA PRO A 1090 0.07 3.16 -44.63
C PRO A 1090 0.90 4.37 -44.24
N VAL A 1091 0.47 5.05 -43.18
CA VAL A 1091 1.26 6.11 -42.55
C VAL A 1091 1.35 5.78 -41.06
N MET A 1092 2.58 5.74 -40.54
CA MET A 1092 2.79 5.23 -39.19
C MET A 1092 2.29 6.19 -38.12
N HIS A 1093 2.59 7.48 -38.27
CA HIS A 1093 2.34 8.43 -37.21
C HIS A 1093 0.97 9.10 -37.29
N GLU A 1094 0.14 8.72 -38.27
CA GLU A 1094 -1.18 9.30 -38.43
C GLU A 1094 -2.30 8.29 -38.17
N LEU A 1095 -2.00 7.22 -37.44
CA LEU A 1095 -3.01 6.19 -37.21
C LEU A 1095 -4.10 6.67 -36.25
N PHE A 1096 -3.72 7.50 -35.26
CA PHE A 1096 -4.66 7.92 -34.24
C PHE A 1096 -5.54 9.08 -34.66
N SER A 1097 -5.25 9.72 -35.79
CA SER A 1097 -5.99 10.92 -36.19
C SER A 1097 -7.38 10.52 -36.69
N SER A 1098 -8.41 11.10 -36.06
CA SER A 1098 -9.78 10.86 -36.49
C SER A 1098 -10.16 11.67 -37.73
N GLU A 1099 -9.35 12.66 -38.10
CA GLU A 1099 -9.67 13.47 -39.27
C GLU A 1099 -9.55 12.66 -40.55
N VAL A 1100 -8.75 11.60 -40.55
CA VAL A 1100 -8.54 10.78 -41.73
C VAL A 1100 -9.39 9.52 -41.69
N PHE A 1101 -9.53 8.91 -40.52
CA PHE A 1101 -10.24 7.64 -40.39
C PHE A 1101 -11.61 7.75 -39.74
N GLY A 1102 -11.76 8.60 -38.74
CA GLY A 1102 -13.01 8.74 -38.01
C GLY A 1102 -12.86 8.31 -36.56
N ASP A 1103 -13.94 8.53 -35.81
CA ASP A 1103 -13.95 8.21 -34.40
C ASP A 1103 -13.90 6.70 -34.18
N PRO A 1104 -13.24 6.25 -33.12
CA PRO A 1104 -13.16 4.81 -32.85
C PRO A 1104 -14.47 4.28 -32.30
N ALA A 1105 -14.55 2.94 -32.25
CA ALA A 1105 -15.74 2.26 -31.76
C ALA A 1105 -15.79 2.14 -30.25
N THR A 1106 -14.70 2.48 -29.56
CA THR A 1106 -14.68 2.43 -28.11
C THR A 1106 -15.56 3.55 -27.53
N PRO A 1107 -15.99 3.42 -26.28
CA PRO A 1107 -16.86 4.45 -25.69
C PRO A 1107 -16.21 5.82 -25.70
N LEU A 1108 -17.02 6.84 -25.92
CA LEU A 1108 -16.58 8.22 -26.02
C LEU A 1108 -17.17 9.03 -24.88
N PHE A 1109 -16.35 9.88 -24.27
CA PHE A 1109 -16.76 10.70 -23.14
C PHE A 1109 -16.55 12.17 -23.45
N GLU A 1110 -17.47 13.00 -22.94
CA GLU A 1110 -17.42 14.44 -23.17
C GLU A 1110 -17.67 15.15 -21.85
N ALA A 1111 -17.12 16.36 -21.75
CA ALA A 1111 -17.27 17.16 -20.55
C ALA A 1111 -16.88 18.60 -20.87
N TYR A 1112 -17.20 19.51 -19.95
CA TYR A 1112 -16.84 20.90 -20.01
C TYR A 1112 -15.77 21.21 -18.97
N PRO A 1113 -14.92 22.20 -19.20
CA PRO A 1113 -13.83 22.48 -18.26
C PRO A 1113 -14.35 22.80 -16.87
N GLY A 1114 -13.64 22.29 -15.86
CA GLY A 1114 -13.94 22.56 -14.47
C GLY A 1114 -14.99 21.66 -13.84
N GLU A 1115 -15.62 20.79 -14.61
CA GLU A 1115 -16.66 19.92 -14.07
C GLU A 1115 -16.03 18.71 -13.38
N PRO A 1116 -16.38 18.44 -12.12
CA PRO A 1116 -15.81 17.27 -11.43
C PRO A 1116 -16.16 15.98 -12.14
N VAL A 1117 -15.21 15.04 -12.14
CA VAL A 1117 -15.34 13.77 -12.85
C VAL A 1117 -14.84 12.65 -11.96
N VAL A 1118 -15.55 11.52 -11.97
CA VAL A 1118 -15.17 10.33 -11.22
C VAL A 1118 -15.26 9.13 -12.16
N MET A 1119 -14.26 8.25 -12.10
CA MET A 1119 -14.19 7.09 -12.99
C MET A 1119 -14.03 5.82 -12.16
N ARG A 1120 -14.55 4.73 -12.70
CA ARG A 1120 -14.54 3.43 -12.01
C ARG A 1120 -14.11 2.34 -12.99
N ILE A 1121 -13.32 1.39 -12.51
CA ILE A 1121 -12.71 0.35 -13.34
C ILE A 1121 -13.00 -1.01 -12.75
N THR A 1122 -13.12 -2.02 -13.61
CA THR A 1122 -13.27 -3.41 -13.20
C THR A 1122 -12.67 -4.29 -14.29
N THR A 1123 -12.24 -5.49 -13.89
CA THR A 1123 -11.63 -6.44 -14.83
C THR A 1123 -11.99 -7.86 -14.42
N PRO A 1124 -13.13 -8.38 -14.87
CA PRO A 1124 -13.46 -9.80 -14.71
C PRO A 1124 -12.93 -10.66 -15.85
N ALA A 1125 -11.62 -10.58 -16.10
CA ALA A 1125 -11.02 -11.25 -17.25
C ALA A 1125 -10.79 -12.73 -16.95
N GLU A 1126 -10.08 -13.39 -17.86
CA GLU A 1126 -9.80 -14.81 -17.76
C GLU A 1126 -8.33 -15.17 -17.81
N ARG A 1127 -7.52 -14.45 -18.58
CA ARG A 1127 -6.12 -14.82 -18.75
C ARG A 1127 -5.30 -14.38 -17.54
N ARG A 1128 -3.98 -14.58 -17.63
CA ARG A 1128 -3.10 -14.38 -16.48
C ARG A 1128 -2.20 -13.15 -16.61
N ARG A 1129 -1.87 -12.73 -17.83
CA ARG A 1129 -0.95 -11.60 -18.01
C ARG A 1129 -1.55 -10.32 -17.44
N ALA A 1130 -0.72 -9.58 -16.71
CA ALA A 1130 -1.17 -8.36 -16.07
C ALA A 1130 -1.24 -7.21 -17.06
N HIS A 1131 -1.93 -6.14 -16.66
CA HIS A 1131 -2.11 -4.98 -17.51
C HIS A 1131 -1.94 -3.72 -16.67
N THR A 1132 -1.80 -2.58 -17.37
CA THR A 1132 -1.71 -1.28 -16.72
C THR A 1132 -2.65 -0.32 -17.40
N PHE A 1133 -3.03 0.73 -16.67
CA PHE A 1133 -3.95 1.75 -17.16
C PHE A 1133 -3.31 3.11 -16.98
N HIS A 1134 -3.48 3.98 -17.98
CA HIS A 1134 -2.85 5.30 -17.95
C HIS A 1134 -3.72 6.28 -18.71
N LEU A 1135 -3.74 7.52 -18.22
CA LEU A 1135 -4.49 8.61 -18.83
C LEU A 1135 -3.59 9.82 -19.00
N HIS A 1136 -3.80 10.55 -20.09
CA HIS A 1136 -2.92 11.66 -20.46
C HIS A 1136 -3.31 12.93 -19.71
N GLY A 1137 -2.33 13.56 -19.09
CA GLY A 1137 -2.51 14.88 -18.49
C GLY A 1137 -3.46 14.94 -17.32
N HIS A 1138 -3.46 13.91 -16.48
CA HIS A 1138 -4.27 13.90 -15.26
C HIS A 1138 -3.60 13.02 -14.23
N TYR A 1139 -4.00 13.20 -12.97
CA TYR A 1139 -3.51 12.36 -11.88
C TYR A 1139 -4.53 12.36 -10.76
N TRP A 1140 -4.36 11.41 -9.83
CA TRP A 1140 -5.34 11.19 -8.78
C TRP A 1140 -4.63 10.65 -7.55
N LYS A 1141 -5.35 10.65 -6.43
CA LYS A 1141 -4.84 10.04 -5.21
C LYS A 1141 -4.85 8.53 -5.33
N PHE A 1142 -3.86 7.89 -4.71
CA PHE A 1142 -3.80 6.43 -4.72
C PHE A 1142 -4.99 5.83 -3.96
N ASP A 1143 -5.33 6.40 -2.81
CA ASP A 1143 -6.48 5.98 -2.02
C ASP A 1143 -7.39 7.19 -1.84
N SER A 1144 -8.64 7.06 -2.29
CA SER A 1144 -9.55 8.20 -2.26
C SER A 1144 -9.92 8.63 -0.85
N LYS A 1145 -9.87 7.72 0.12
CA LYS A 1145 -10.25 8.06 1.49
C LYS A 1145 -9.10 8.64 2.30
N ASP A 1146 -7.94 7.99 2.26
CA ASP A 1146 -6.77 8.46 2.99
C ASP A 1146 -6.17 9.64 2.22
N LEU A 1147 -6.28 10.85 2.78
CA LEU A 1147 -5.82 12.05 2.11
C LEU A 1147 -4.31 12.24 2.22
N ASP A 1148 -3.61 11.39 2.94
CA ASP A 1148 -2.16 11.48 3.07
C ASP A 1148 -1.41 10.53 2.13
N SER A 1149 -2.11 9.87 1.21
CA SER A 1149 -1.46 8.94 0.31
C SER A 1149 -0.66 9.68 -0.76
N ARG A 1150 -0.03 8.91 -1.64
CA ARG A 1150 0.80 9.49 -2.68
C ARG A 1150 -0.04 9.81 -3.92
N ILE A 1151 0.58 10.43 -4.91
CA ILE A 1151 -0.09 10.87 -6.13
C ILE A 1151 0.55 10.18 -7.31
N GLN A 1152 -0.28 9.61 -8.19
CA GLN A 1152 0.22 8.90 -9.36
C GLN A 1152 -0.85 8.98 -10.44
N SER A 1153 -0.48 8.53 -11.64
CA SER A 1153 -1.36 8.56 -12.80
C SER A 1153 -1.31 7.22 -13.54
N PHE A 1154 -1.37 6.13 -12.78
CA PHE A 1154 -1.36 4.80 -13.37
C PHE A 1154 -1.94 3.83 -12.34
N LEU A 1155 -2.27 2.63 -12.82
CA LEU A 1155 -2.66 1.53 -11.97
C LEU A 1155 -1.89 0.29 -12.39
N GLY A 1156 -1.34 -0.42 -11.41
CA GLY A 1156 -0.44 -1.52 -11.71
C GLY A 1156 -0.94 -2.89 -11.34
N HIS A 1157 -0.39 -3.90 -12.01
CA HIS A 1157 -0.68 -5.33 -11.81
C HIS A 1157 -2.18 -5.58 -11.65
N MET A 1158 -2.90 -5.33 -12.74
CA MET A 1158 -4.33 -5.60 -12.80
C MET A 1158 -4.54 -7.03 -13.27
N VAL A 1159 -5.29 -7.80 -12.51
CA VAL A 1159 -5.69 -9.15 -12.86
C VAL A 1159 -7.19 -9.29 -12.55
N THR A 1160 -7.70 -10.51 -12.71
CA THR A 1160 -9.12 -10.76 -12.49
C THR A 1160 -9.55 -10.34 -11.08
N GLY A 1161 -10.68 -9.64 -11.00
CA GLY A 1161 -11.26 -9.23 -9.75
C GLY A 1161 -10.84 -7.87 -9.25
N HIS A 1162 -9.91 -7.19 -9.92
CA HIS A 1162 -9.45 -5.90 -9.47
C HIS A 1162 -10.53 -4.84 -9.62
N THR A 1163 -10.69 -4.01 -8.59
CA THR A 1163 -11.66 -2.92 -8.60
C THR A 1163 -11.01 -1.67 -8.03
N ASP A 1164 -11.32 -0.53 -8.62
CA ASP A 1164 -10.80 0.75 -8.14
C ASP A 1164 -11.70 1.88 -8.60
N ASP A 1165 -11.64 2.99 -7.85
CA ASP A 1165 -12.36 4.21 -8.19
C ASP A 1165 -11.36 5.37 -8.23
N LEU A 1166 -11.56 6.27 -9.19
CA LEU A 1166 -10.65 7.38 -9.43
C LEU A 1166 -11.40 8.71 -9.35
N ARG A 1167 -10.79 9.69 -8.70
CA ARG A 1167 -11.29 11.06 -8.67
C ARG A 1167 -10.20 11.98 -9.19
N LEU A 1168 -10.51 12.73 -10.25
CA LEU A 1168 -9.52 13.58 -10.88
C LEU A 1168 -9.31 14.86 -10.08
N ILE A 1169 -8.06 15.29 -10.02
CA ILE A 1169 -7.68 16.49 -9.28
C ILE A 1169 -7.97 17.72 -10.15
N GLY A 1170 -8.73 18.66 -9.61
CA GLY A 1170 -9.02 19.88 -10.33
C GLY A 1170 -10.08 19.77 -11.41
N GLY A 1171 -10.75 18.63 -11.52
CA GLY A 1171 -11.76 18.47 -12.54
C GLY A 1171 -11.16 18.26 -13.93
N ALA A 1172 -12.04 18.36 -14.92
CA ALA A 1172 -11.62 18.17 -16.30
C ALA A 1172 -10.68 19.29 -16.74
N GLY A 1173 -9.71 18.93 -17.57
CA GLY A 1173 -8.74 19.89 -18.06
C GLY A 1173 -7.60 20.21 -17.12
N GLY A 1174 -7.48 19.48 -16.01
CA GLY A 1174 -6.40 19.75 -15.09
C GLY A 1174 -6.63 21.03 -14.28
N VAL A 1175 -5.56 21.47 -13.62
CA VAL A 1175 -5.63 22.67 -12.81
C VAL A 1175 -5.89 23.90 -13.67
N PHE A 1176 -5.22 23.98 -14.82
CA PHE A 1176 -5.31 25.17 -15.66
C PHE A 1176 -6.49 25.16 -16.62
N ASN A 1177 -7.25 24.05 -16.69
CA ASN A 1177 -8.43 23.94 -17.54
C ASN A 1177 -8.08 24.18 -19.01
N PHE A 1178 -7.25 23.29 -19.54
CA PHE A 1178 -6.85 23.37 -20.94
C PHE A 1178 -7.74 22.46 -21.79
N PRO A 1179 -8.50 23.01 -22.73
CA PRO A 1179 -9.31 22.15 -23.61
C PRO A 1179 -8.46 21.41 -24.62
N GLY A 1180 -9.03 20.32 -25.12
CA GLY A 1180 -8.36 19.50 -26.12
C GLY A 1180 -8.85 18.07 -26.04
N ASP A 1181 -8.09 17.18 -26.68
CA ASP A 1181 -8.38 15.77 -26.71
C ASP A 1181 -7.31 14.99 -25.96
N TYR A 1182 -7.74 13.97 -25.23
CA TYR A 1182 -6.84 13.16 -24.40
C TYR A 1182 -7.07 11.69 -24.68
N LEU A 1183 -6.04 10.89 -24.44
CA LEU A 1183 -6.07 9.46 -24.72
C LEU A 1183 -5.97 8.67 -23.42
N TYR A 1184 -6.74 7.58 -23.34
CA TYR A 1184 -6.59 6.58 -22.30
C TYR A 1184 -6.31 5.24 -22.96
N ARG A 1185 -5.34 4.51 -22.42
CA ARG A 1185 -4.84 3.32 -23.10
C ARG A 1185 -4.17 2.42 -22.06
N SER A 1186 -3.58 1.33 -22.54
CA SER A 1186 -2.77 0.45 -21.72
C SER A 1186 -1.30 0.85 -21.82
N GLY A 1187 -0.47 0.20 -21.01
CA GLY A 1187 0.93 0.53 -20.98
C GLY A 1187 1.82 -0.50 -21.65
N ASN A 1188 1.27 -1.65 -21.99
CA ASN A 1188 2.03 -2.71 -22.65
C ASN A 1188 2.11 -2.41 -24.14
N ILE A 1189 3.30 -2.06 -24.62
CA ILE A 1189 3.47 -1.83 -26.05
C ILE A 1189 3.29 -3.14 -26.82
N ARG A 1190 3.75 -4.25 -26.24
CA ARG A 1190 3.71 -5.54 -26.90
C ARG A 1190 2.35 -6.19 -26.67
N TRP A 1191 1.60 -6.40 -27.76
CA TRP A 1191 0.36 -7.17 -27.85
C TRP A 1191 -0.86 -6.50 -27.24
N ASP A 1192 -0.76 -5.26 -26.78
CA ASP A 1192 -1.91 -4.60 -26.14
C ASP A 1192 -2.42 -3.40 -26.95
N ILE A 1193 -1.55 -2.43 -27.24
CA ILE A 1193 -2.01 -1.23 -27.93
C ILE A 1193 -2.41 -1.55 -29.36
N GLU A 1194 -1.61 -2.37 -30.05
CA GLU A 1194 -1.93 -2.74 -31.42
C GLU A 1194 -3.23 -3.54 -31.52
N LEU A 1195 -3.63 -4.21 -30.44
CA LEU A 1195 -4.85 -5.00 -30.45
C LEU A 1195 -6.11 -4.18 -30.26
N GLY A 1196 -5.97 -2.87 -30.01
CA GLY A 1196 -7.13 -2.00 -29.94
C GLY A 1196 -7.72 -1.79 -28.57
N MET A 1197 -6.90 -1.37 -27.62
CA MET A 1197 -7.36 -1.00 -26.28
C MET A 1197 -6.97 0.46 -26.06
N TRP A 1198 -7.82 1.38 -26.53
CA TRP A 1198 -7.58 2.81 -26.42
C TRP A 1198 -8.87 3.54 -26.75
N GLY A 1199 -8.95 4.79 -26.29
CA GLY A 1199 -10.12 5.60 -26.55
C GLY A 1199 -9.81 7.09 -26.56
N ILE A 1200 -10.84 7.93 -26.67
CA ILE A 1200 -10.66 9.37 -26.76
C ILE A 1200 -11.51 10.03 -25.68
N PHE A 1201 -10.90 10.91 -24.91
CA PHE A 1201 -11.60 11.74 -23.92
C PHE A 1201 -11.59 13.17 -24.46
N ARG A 1202 -12.78 13.69 -24.75
CA ARG A 1202 -12.93 14.97 -25.42
C ARG A 1202 -13.48 16.01 -24.45
N VAL A 1203 -12.84 17.18 -24.44
CA VAL A 1203 -13.28 18.32 -23.65
C VAL A 1203 -13.63 19.45 -24.61
N HIS A 1204 -14.91 19.79 -24.70
CA HIS A 1204 -15.34 20.82 -25.62
C HIS A 1204 -14.92 22.20 -25.14
N LYS A 1205 -14.86 23.14 -26.08
CA LYS A 1205 -14.55 24.52 -25.77
C LYS A 1205 -15.73 25.47 -25.94
N ASP A 1206 -16.64 25.16 -26.85
CA ASP A 1206 -17.81 25.99 -27.10
C ASP A 1206 -19.08 25.19 -26.79
N SER A 1207 -20.12 25.90 -26.36
CA SER A 1207 -21.36 25.26 -25.97
C SER A 1207 -22.00 24.56 -27.17
N LYS A 1208 -22.55 23.38 -26.91
CA LYS A 1208 -23.25 22.59 -27.92
C LYS A 1208 -24.69 22.39 -27.51
N GLU A 1209 -25.60 22.48 -28.47
CA GLU A 1209 -27.03 22.37 -28.19
C GLU A 1209 -27.42 20.99 -27.69
N ASN A 1210 -26.60 19.97 -27.95
CA ASN A 1210 -26.92 18.61 -27.55
C ASN A 1210 -26.31 18.21 -26.21
N LEU A 1211 -25.52 19.09 -25.58
CA LEU A 1211 -24.83 18.77 -24.34
C LEU A 1211 -25.11 19.89 -23.33
N PRO A 1212 -26.20 19.78 -22.57
CA PRO A 1212 -26.48 20.78 -21.54
C PRO A 1212 -25.39 20.82 -20.48
N ARG A 1213 -25.12 22.01 -19.97
CA ARG A 1213 -24.09 22.22 -18.97
C ARG A 1213 -24.65 21.98 -17.57
N LEU A 1214 -23.73 21.84 -16.60
CA LEU A 1214 -24.13 21.65 -15.22
C LEU A 1214 -24.69 22.92 -14.59
N GLU A 1215 -24.56 24.06 -15.27
CA GLU A 1215 -25.09 25.31 -14.73
C GLU A 1215 -26.62 25.26 -14.62
N GLU A 1216 -27.29 24.67 -15.60
CA GLU A 1216 -28.75 24.65 -15.61
C GLU A 1216 -29.33 23.89 -14.43
N VAL A 1217 -28.56 23.00 -13.82
CA VAL A 1217 -29.05 22.25 -12.67
C VAL A 1217 -28.50 22.82 -11.37
N ASN B 19 -23.13 23.47 42.25
CA ASN B 19 -22.80 22.06 42.15
C ASN B 19 -22.72 21.61 40.70
N ASP B 20 -22.17 20.42 40.48
CA ASP B 20 -21.95 19.91 39.13
C ASP B 20 -23.19 19.14 38.68
N PRO B 21 -23.91 19.60 37.66
CA PRO B 21 -25.12 18.87 37.24
C PRO B 21 -24.85 17.46 36.73
N LEU B 22 -23.71 17.23 36.08
CA LEU B 22 -23.43 15.90 35.55
C LEU B 22 -23.31 14.87 36.65
N PHE B 23 -22.82 15.27 37.83
CA PHE B 23 -22.77 14.37 38.97
C PHE B 23 -24.16 13.84 39.30
N ASP B 24 -25.13 14.75 39.47
CA ASP B 24 -26.49 14.34 39.77
C ASP B 24 -27.10 13.54 38.64
N PHE B 25 -26.83 13.93 37.39
CA PHE B 25 -27.39 13.22 36.25
C PHE B 25 -26.91 11.76 36.22
N PHE B 26 -25.61 11.56 36.38
CA PHE B 26 -25.07 10.20 36.34
C PHE B 26 -25.49 9.40 37.57
N ASN B 27 -25.67 10.08 38.71
CA ASN B 27 -26.23 9.39 39.87
C ASN B 27 -27.66 8.92 39.60
N LYS B 28 -28.44 9.74 38.91
CA LYS B 28 -29.80 9.35 38.55
C LYS B 28 -29.81 8.20 37.56
N HIS B 29 -28.87 8.20 36.60
CA HIS B 29 -28.80 7.15 35.58
C HIS B 29 -27.89 6.00 35.97
N MET B 30 -27.73 5.73 37.27
CA MET B 30 -26.88 4.65 37.71
C MET B 30 -27.51 3.29 37.40
N GLY B 31 -26.67 2.34 36.99
CA GLY B 31 -27.10 0.97 36.80
C GLY B 31 -27.64 0.63 35.43
N LYS B 32 -27.52 1.52 34.45
CA LYS B 32 -28.02 1.28 33.11
C LYS B 32 -26.88 1.27 32.10
N GLN B 33 -27.16 0.72 30.93
CA GLN B 33 -26.19 0.71 29.84
C GLN B 33 -25.99 2.12 29.29
N ILE B 34 -24.85 2.33 28.64
CA ILE B 34 -24.50 3.63 28.07
C ILE B 34 -23.46 3.42 26.98
N LEU B 35 -23.39 4.38 26.06
CA LEU B 35 -22.45 4.37 24.96
C LEU B 35 -21.69 5.69 24.97
N ILE B 36 -20.36 5.61 25.00
CA ILE B 36 -19.51 6.78 25.17
C ILE B 36 -18.43 6.80 24.10
N ILE B 37 -18.21 7.99 23.53
CA ILE B 37 -17.17 8.21 22.55
C ILE B 37 -16.28 9.36 23.01
N THR B 38 -14.97 9.15 22.99
CA THR B 38 -14.00 10.15 23.41
C THR B 38 -13.60 10.99 22.19
N GLU B 39 -12.53 11.78 22.36
CA GLU B 39 -12.14 12.75 21.34
C GLU B 39 -10.92 12.31 20.53
N SER B 40 -10.12 11.38 21.03
CA SER B 40 -8.88 11.01 20.35
C SER B 40 -9.18 10.36 19.01
N SER B 41 -8.28 10.58 18.04
CA SER B 41 -8.47 10.04 16.71
C SER B 41 -8.35 8.52 16.69
N GLN B 42 -7.30 7.98 17.31
CA GLN B 42 -7.08 6.54 17.30
C GLN B 42 -6.13 6.18 18.43
N LEU B 43 -6.28 4.95 18.93
CA LEU B 43 -5.46 4.42 20.00
C LEU B 43 -4.71 3.18 19.51
N ASN B 44 -3.64 2.83 20.21
CA ASN B 44 -2.82 1.69 19.87
C ASN B 44 -2.54 0.87 21.12
N ILE B 45 -2.68 -0.45 20.99
CA ILE B 45 -2.39 -1.39 22.09
C ILE B 45 -1.65 -2.58 21.49
N LEU B 46 -0.33 -2.61 21.67
CA LEU B 46 0.50 -3.73 21.23
C LEU B 46 0.29 -4.05 19.75
N GLY B 47 0.32 -3.00 18.93
CA GLY B 47 0.15 -3.16 17.50
C GLY B 47 -1.28 -3.24 17.02
N GLN B 48 -2.26 -3.14 17.91
CA GLN B 48 -3.67 -3.14 17.53
C GLN B 48 -4.23 -1.73 17.61
N THR B 49 -4.83 -1.27 16.51
CA THR B 49 -5.37 0.07 16.42
C THR B 49 -6.88 0.01 16.28
N PHE B 50 -7.57 0.98 16.90
CA PHE B 50 -9.02 1.00 16.89
C PHE B 50 -9.50 2.40 17.24
N ARG B 51 -10.76 2.67 16.94
CA ARG B 51 -11.39 3.92 17.33
C ARG B 51 -11.89 3.84 18.77
N PRO B 52 -11.89 4.96 19.49
CA PRO B 52 -12.30 4.96 20.91
C PRO B 52 -13.81 4.97 21.13
N ILE B 53 -14.40 3.78 21.06
CA ILE B 53 -15.82 3.58 21.30
C ILE B 53 -15.99 2.55 22.41
N PHE B 54 -16.86 2.84 23.37
CA PHE B 54 -17.04 1.99 24.54
C PHE B 54 -18.53 1.76 24.78
N CYS B 55 -18.83 0.61 25.39
CA CYS B 55 -20.20 0.24 25.71
C CYS B 55 -20.17 -0.59 26.98
N GLY B 56 -21.08 -0.29 27.91
CA GLY B 56 -21.13 -1.04 29.15
C GLY B 56 -22.05 -0.36 30.15
N LYS B 57 -21.96 -0.85 31.39
CA LYS B 57 -22.76 -0.35 32.50
C LYS B 57 -21.94 0.59 33.37
N VAL B 58 -22.63 1.50 34.05
CA VAL B 58 -22.00 2.40 35.01
C VAL B 58 -22.12 1.77 36.40
N ALA B 59 -21.03 1.84 37.16
CA ALA B 59 -20.99 1.19 38.46
C ALA B 59 -20.55 2.12 39.59
N GLU B 60 -19.72 3.11 39.30
CA GLU B 60 -19.17 3.99 40.32
C GLU B 60 -19.08 5.39 39.74
N VAL B 61 -19.45 6.39 40.54
CA VAL B 61 -19.47 7.78 40.11
C VAL B 61 -18.61 8.59 41.08
N GLU B 62 -17.75 9.44 40.52
CA GLU B 62 -16.85 10.29 41.29
C GLU B 62 -16.98 11.73 40.78
N PRO B 63 -16.59 12.72 41.57
CA PRO B 63 -16.69 14.12 41.08
C PRO B 63 -15.88 14.38 39.82
N GLY B 64 -14.89 13.55 39.51
CA GLY B 64 -14.07 13.80 38.34
C GLY B 64 -14.05 12.67 37.32
N HIS B 65 -14.61 11.51 37.66
CA HIS B 65 -14.54 10.37 36.77
C HIS B 65 -15.67 9.40 37.10
N LEU B 66 -15.72 8.32 36.32
CA LEU B 66 -16.70 7.26 36.52
C LEU B 66 -16.07 5.93 36.12
N THR B 67 -16.62 4.84 36.64
CA THR B 67 -16.09 3.50 36.42
C THR B 67 -17.12 2.63 35.75
N LEU B 68 -16.68 1.85 34.76
CA LEU B 68 -17.56 0.99 33.97
C LEU B 68 -17.16 -0.46 34.18
N SER B 69 -18.13 -1.32 34.45
CA SER B 69 -17.90 -2.76 34.58
C SER B 69 -19.22 -3.52 34.47
N PRO B 70 -19.33 -4.49 33.55
CA PRO B 70 -18.34 -4.89 32.54
C PRO B 70 -18.32 -3.93 31.35
N VAL B 71 -17.27 -3.95 30.53
CA VAL B 71 -17.12 -2.99 29.45
C VAL B 71 -16.80 -3.75 28.16
N THR B 72 -17.23 -3.17 27.04
CA THR B 72 -17.01 -3.76 25.73
C THR B 72 -16.42 -2.72 24.80
N ILE B 73 -15.42 -3.13 24.01
CA ILE B 73 -14.74 -2.25 23.06
C ILE B 73 -15.12 -2.70 21.65
N LYS B 74 -15.55 -1.74 20.83
CA LYS B 74 -16.01 -2.02 19.47
C LYS B 74 -14.80 -2.01 18.53
N ILE B 75 -14.24 -3.19 18.29
CA ILE B 75 -13.17 -3.38 17.33
C ILE B 75 -13.78 -3.87 16.02
N LEU B 76 -13.22 -3.39 14.90
CA LEU B 76 -13.80 -3.68 13.60
C LEU B 76 -13.85 -5.18 13.32
N ASN B 77 -12.76 -5.89 13.63
CA ASN B 77 -12.71 -7.33 13.41
C ASN B 77 -13.16 -8.13 14.62
N ALA B 78 -13.59 -7.47 15.69
CA ALA B 78 -14.11 -8.14 16.88
C ALA B 78 -15.10 -7.24 17.60
N PRO B 79 -16.32 -7.11 17.08
CA PRO B 79 -17.26 -6.13 17.66
C PRO B 79 -17.85 -6.54 19.00
N PHE B 80 -17.38 -7.61 19.63
CA PHE B 80 -17.90 -8.03 20.92
C PHE B 80 -16.79 -8.43 21.87
N HIS B 81 -15.59 -7.87 21.70
CA HIS B 81 -14.49 -8.13 22.61
C HIS B 81 -14.70 -7.36 23.91
N LYS B 82 -14.54 -8.04 25.04
CA LYS B 82 -14.77 -7.47 26.35
C LYS B 82 -13.47 -7.42 27.14
N PHE B 83 -13.26 -6.33 27.87
CA PHE B 83 -12.03 -6.17 28.64
C PHE B 83 -12.11 -6.96 29.94
N PRO B 84 -10.96 -7.42 30.47
CA PRO B 84 -10.98 -8.18 31.71
C PRO B 84 -10.98 -7.35 32.97
N ILE B 85 -10.78 -6.04 32.89
CA ILE B 85 -10.71 -5.18 34.07
C ILE B 85 -11.56 -3.94 33.84
N PRO B 86 -12.05 -3.33 34.92
CA PRO B 86 -12.83 -2.10 34.78
C PRO B 86 -11.98 -0.94 34.30
N LEU B 87 -12.65 0.06 33.74
CA LEU B 87 -12.01 1.24 33.18
C LEU B 87 -12.62 2.50 33.77
N SER B 88 -11.83 3.57 33.77
CA SER B 88 -12.26 4.87 34.27
C SER B 88 -11.95 5.95 33.25
N ILE B 89 -12.88 6.90 33.11
CA ILE B 89 -12.74 7.97 32.12
C ILE B 89 -12.95 9.32 32.80
N PRO B 90 -12.11 10.31 32.54
CA PRO B 90 -12.35 11.66 33.07
C PRO B 90 -13.54 12.33 32.40
N PHE B 91 -14.10 13.31 33.10
CA PHE B 91 -15.27 14.01 32.59
C PHE B 91 -14.92 14.87 31.38
N GLU B 92 -13.73 15.45 31.36
CA GLU B 92 -13.37 16.41 30.33
C GLU B 92 -13.04 15.78 28.98
N LYS B 93 -13.00 14.46 28.89
CA LYS B 93 -12.62 13.77 27.66
C LYS B 93 -13.80 13.09 26.98
N ILE B 94 -15.03 13.54 27.26
CA ILE B 94 -16.23 12.94 26.71
C ILE B 94 -16.78 13.86 25.64
N ALA B 95 -17.12 13.29 24.47
CA ALA B 95 -17.66 14.07 23.35
C ALA B 95 -19.15 13.85 23.16
N HIS B 96 -19.58 12.61 22.97
CA HIS B 96 -20.99 12.29 22.79
C HIS B 96 -21.34 11.06 23.60
N PHE B 97 -22.59 10.98 24.03
CA PHE B 97 -23.08 9.79 24.72
C PHE B 97 -24.60 9.76 24.64
N THR B 98 -25.15 8.56 24.83
CA THR B 98 -26.59 8.36 24.83
C THR B 98 -26.92 7.21 25.77
N THR B 99 -28.18 7.13 26.18
CA THR B 99 -28.64 6.18 27.16
C THR B 99 -29.46 5.08 26.49
N ASP B 100 -30.05 4.20 27.32
CA ASP B 100 -30.94 3.09 26.99
C ASP B 100 -30.63 2.45 25.64
N VAL B 101 -29.39 1.97 25.46
CA VAL B 101 -29.02 1.19 24.30
C VAL B 101 -28.33 -0.09 24.77
N ASP B 102 -28.85 -1.23 24.33
CA ASP B 102 -28.25 -2.51 24.68
C ASP B 102 -26.92 -2.68 23.96
N CYS B 103 -25.91 -3.17 24.68
CA CYS B 103 -24.59 -3.36 24.07
C CYS B 103 -24.56 -4.55 23.13
N SER B 104 -25.49 -5.49 23.26
CA SER B 104 -25.43 -6.70 22.45
C SER B 104 -25.91 -6.46 21.03
N MET B 105 -26.65 -5.38 20.79
CA MET B 105 -27.14 -5.09 19.45
C MET B 105 -25.99 -4.75 18.52
N ARG B 106 -26.17 -5.06 17.24
CA ARG B 106 -25.15 -4.81 16.23
C ARG B 106 -25.38 -3.44 15.60
N ILE B 107 -24.34 -2.62 15.59
CA ILE B 107 -24.43 -1.26 15.06
C ILE B 107 -23.45 -1.14 13.91
N PRO B 108 -23.72 -0.26 12.94
CA PRO B 108 -22.78 -0.07 11.83
C PRO B 108 -21.45 0.47 12.32
N LEU B 109 -20.36 0.01 11.69
CA LEU B 109 -19.02 0.44 12.03
C LEU B 109 -18.27 1.11 10.89
N VAL B 110 -18.56 0.74 9.64
CA VAL B 110 -17.89 1.34 8.49
C VAL B 110 -18.91 1.85 7.49
N ASN C 19 7.86 28.52 44.28
CA ASN C 19 6.75 28.81 43.38
C ASN C 19 6.39 27.60 42.53
N ASP C 20 6.60 27.71 41.22
CA ASP C 20 6.29 26.61 40.32
C ASP C 20 7.35 25.52 40.46
N PRO C 21 6.96 24.30 40.84
CA PRO C 21 7.97 23.24 41.01
C PRO C 21 8.70 22.88 39.72
N LEU C 22 8.04 23.00 38.56
CA LEU C 22 8.69 22.65 37.31
C LEU C 22 9.89 23.53 37.02
N PHE C 23 9.77 24.82 37.31
CA PHE C 23 10.89 25.74 37.12
C PHE C 23 12.08 25.32 37.96
N ASP C 24 11.85 25.00 39.24
CA ASP C 24 12.94 24.59 40.11
C ASP C 24 13.55 23.27 39.65
N PHE C 25 12.71 22.33 39.22
CA PHE C 25 13.23 21.03 38.78
C PHE C 25 14.11 21.19 37.53
N PHE C 26 13.65 22.00 36.57
CA PHE C 26 14.43 22.18 35.35
C PHE C 26 15.70 22.97 35.62
N ASN C 27 15.66 23.90 36.59
CA ASN C 27 16.89 24.55 37.02
C ASN C 27 17.85 23.54 37.65
N LYS C 28 17.32 22.59 38.42
CA LYS C 28 18.16 21.57 39.03
C LYS C 28 18.81 20.68 37.98
N HIS C 29 18.08 20.37 36.91
CA HIS C 29 18.58 19.48 35.87
C HIS C 29 19.29 20.23 34.74
N MET C 30 19.92 21.36 35.04
CA MET C 30 20.60 22.15 34.03
C MET C 30 21.81 21.42 33.47
N GLY C 31 22.00 21.51 32.16
CA GLY C 31 23.18 20.99 31.50
C GLY C 31 23.25 19.50 31.31
N LYS C 32 22.13 18.79 31.37
CA LYS C 32 22.11 17.35 31.21
C LYS C 32 21.31 16.96 29.96
N GLN C 33 21.40 15.67 29.62
CA GLN C 33 20.63 15.12 28.51
C GLN C 33 19.17 14.93 28.91
N ILE C 34 18.31 14.87 27.90
CA ILE C 34 16.87 14.73 28.13
C ILE C 34 16.22 14.32 26.81
N LEU C 35 15.20 13.47 26.91
CA LEU C 35 14.38 13.07 25.77
C LEU C 35 12.97 13.61 25.96
N ILE C 36 12.45 14.29 24.95
CA ILE C 36 11.17 15.00 25.06
C ILE C 36 10.28 14.62 23.90
N ILE C 37 9.00 14.41 24.19
CA ILE C 37 7.98 14.12 23.18
C ILE C 37 6.79 15.03 23.42
N THR C 38 6.29 15.65 22.34
CA THR C 38 5.12 16.50 22.41
C THR C 38 3.87 15.64 22.18
N GLU C 39 2.72 16.29 21.98
CA GLU C 39 1.45 15.57 21.88
C GLU C 39 0.85 15.59 20.47
N SER C 40 1.34 16.44 19.58
CA SER C 40 0.77 16.53 18.24
C SER C 40 0.97 15.22 17.49
N SER C 41 0.00 14.89 16.63
CA SER C 41 0.04 13.63 15.91
C SER C 41 1.26 13.54 15.00
N GLN C 42 1.45 14.57 14.16
CA GLN C 42 2.58 14.58 13.24
C GLN C 42 2.83 16.00 12.78
N LEU C 43 4.05 16.23 12.29
CA LEU C 43 4.46 17.53 11.77
C LEU C 43 4.94 17.37 10.33
N ASN C 44 4.89 18.46 9.57
CA ASN C 44 5.30 18.46 8.18
C ASN C 44 6.24 19.64 7.95
N ILE C 45 7.32 19.38 7.22
CA ILE C 45 8.27 20.43 6.85
C ILE C 45 8.66 20.25 5.39
N LEU C 46 8.10 21.09 4.51
CA LEU C 46 8.41 21.09 3.08
C LEU C 46 8.23 19.70 2.48
N GLY C 47 7.12 19.05 2.84
CA GLY C 47 6.81 17.73 2.34
C GLY C 47 7.44 16.59 3.11
N GLN C 48 8.14 16.87 4.20
CA GLN C 48 8.74 15.84 5.04
C GLN C 48 7.91 15.69 6.30
N THR C 49 7.46 14.46 6.57
CA THR C 49 6.60 14.17 7.70
C THR C 49 7.31 13.26 8.69
N PHE C 50 7.08 13.50 9.98
CA PHE C 50 7.74 12.74 11.03
C PHE C 50 6.97 12.92 12.33
N ARG C 51 7.30 12.05 13.31
CA ARG C 51 6.75 12.17 14.66
C ARG C 51 7.62 13.11 15.50
N PRO C 52 7.01 13.84 16.44
CA PRO C 52 7.74 14.85 17.25
C PRO C 52 8.52 14.29 18.43
N ILE C 53 9.74 13.82 18.16
CA ILE C 53 10.66 13.35 19.19
C ILE C 53 11.94 14.15 19.09
N PHE C 54 12.41 14.65 20.23
CA PHE C 54 13.62 15.49 20.27
C PHE C 54 14.53 15.02 21.40
N CYS C 55 15.82 15.25 21.22
CA CYS C 55 16.81 14.97 22.24
C CYS C 55 17.93 16.01 22.16
N GLY C 56 18.56 16.28 23.29
CA GLY C 56 19.67 17.21 23.32
C GLY C 56 19.88 17.76 24.72
N LYS C 57 20.83 18.69 24.80
CA LYS C 57 21.14 19.35 26.05
C LYS C 57 20.10 20.43 26.36
N VAL C 58 20.09 20.85 27.62
CA VAL C 58 19.30 21.99 28.06
C VAL C 58 20.24 23.15 28.33
N ALA C 59 19.88 24.33 27.85
CA ALA C 59 20.80 25.48 27.87
C ALA C 59 20.26 26.68 28.62
N GLU C 60 18.95 26.91 28.60
CA GLU C 60 18.38 28.09 29.23
C GLU C 60 16.93 27.81 29.62
N VAL C 61 16.50 28.38 30.73
CA VAL C 61 15.16 28.16 31.28
C VAL C 61 14.49 29.51 31.51
N GLU C 62 13.25 29.63 31.08
CA GLU C 62 12.38 30.76 31.35
C GLU C 62 11.18 30.24 32.12
N PRO C 63 10.43 31.13 32.80
CA PRO C 63 9.22 30.65 33.49
C PRO C 63 8.16 30.07 32.57
N GLY C 64 8.34 30.13 31.26
CA GLY C 64 7.34 29.61 30.34
C GLY C 64 7.86 28.64 29.31
N HIS C 65 9.18 28.59 29.12
CA HIS C 65 9.76 27.75 28.07
C HIS C 65 11.21 27.47 28.40
N LEU C 66 11.78 26.50 27.67
CA LEU C 66 13.18 26.13 27.80
C LEU C 66 13.78 25.96 26.42
N THR C 67 15.10 26.11 26.34
CA THR C 67 15.82 26.07 25.07
C THR C 67 16.82 24.92 25.08
N LEU C 68 16.91 24.22 23.96
CA LEU C 68 17.82 23.09 23.81
C LEU C 68 18.88 23.42 22.76
N SER C 69 20.14 23.11 23.08
CA SER C 69 21.23 23.32 22.15
C SER C 69 22.43 22.46 22.54
N PRO C 70 22.93 21.60 21.63
CA PRO C 70 22.38 21.30 20.30
C PRO C 70 21.17 20.37 20.39
N VAL C 71 20.40 20.23 19.32
CA VAL C 71 19.17 19.44 19.35
C VAL C 71 19.20 18.43 18.21
N THR C 72 18.54 17.31 18.41
CA THR C 72 18.48 16.23 17.43
C THR C 72 17.02 15.82 17.23
N ILE C 73 16.66 15.60 15.97
CA ILE C 73 15.32 15.17 15.59
C ILE C 73 15.39 13.74 15.07
N LYS C 74 14.53 12.88 15.61
CA LYS C 74 14.52 11.47 15.24
C LYS C 74 13.73 11.32 13.94
N ILE C 75 14.46 11.23 12.83
CA ILE C 75 13.87 11.05 11.51
C ILE C 75 14.07 9.59 11.11
N LEU C 76 13.06 9.03 10.43
CA LEU C 76 13.11 7.62 10.04
C LEU C 76 14.35 7.33 9.19
N ASN C 77 14.65 8.20 8.24
CA ASN C 77 15.80 8.01 7.37
C ASN C 77 17.11 8.50 8.00
N ALA C 78 17.04 9.29 9.07
CA ALA C 78 18.25 9.84 9.70
C ALA C 78 17.96 10.06 11.18
N PRO C 79 18.18 9.06 12.01
CA PRO C 79 17.91 9.20 13.44
C PRO C 79 18.99 9.97 14.17
N PHE C 80 19.89 10.63 13.44
CA PHE C 80 20.97 11.39 14.03
C PHE C 80 21.16 12.73 13.32
N HIS C 81 20.10 13.26 12.73
CA HIS C 81 20.17 14.56 12.08
C HIS C 81 20.20 15.67 13.12
N LYS C 82 21.12 16.62 12.95
CA LYS C 82 21.29 17.71 13.89
C LYS C 82 20.78 19.00 13.27
N PHE C 83 19.83 19.65 13.94
CA PHE C 83 19.30 20.91 13.47
C PHE C 83 20.36 22.00 13.64
N PRO C 84 20.37 23.00 12.75
CA PRO C 84 21.40 24.04 12.81
C PRO C 84 21.09 25.22 13.73
N ILE C 85 19.97 25.21 14.45
CA ILE C 85 19.62 26.31 15.33
C ILE C 85 18.99 25.76 16.61
N PRO C 86 19.04 26.48 17.73
CA PRO C 86 18.35 26.03 18.94
C PRO C 86 16.84 26.05 18.79
N LEU C 87 16.13 25.46 19.76
CA LEU C 87 14.68 25.39 19.70
C LEU C 87 14.12 25.65 21.09
N SER C 88 12.88 26.14 21.13
CA SER C 88 12.19 26.44 22.38
C SER C 88 10.86 25.71 22.41
N ILE C 89 10.51 25.18 23.58
CA ILE C 89 9.29 24.41 23.77
C ILE C 89 8.47 25.03 24.89
N PRO C 90 7.20 25.36 24.67
CA PRO C 90 6.35 25.81 25.79
C PRO C 90 6.10 24.68 26.78
N PHE C 91 5.89 25.08 28.04
CA PHE C 91 5.67 24.08 29.09
C PHE C 91 4.38 23.31 28.86
N GLU C 92 3.32 23.99 28.42
CA GLU C 92 2.02 23.35 28.26
C GLU C 92 1.98 22.36 27.10
N LYS C 93 3.02 22.33 26.25
CA LYS C 93 3.06 21.44 25.11
C LYS C 93 3.95 20.22 25.34
N ILE C 94 3.94 19.68 26.56
CA ILE C 94 4.79 18.57 26.95
C ILE C 94 3.92 17.36 27.26
N ALA C 95 4.28 16.21 26.72
CA ALA C 95 3.54 14.97 26.94
C ALA C 95 4.30 13.99 27.82
N HIS C 96 5.51 13.59 27.43
CA HIS C 96 6.33 12.69 28.22
C HIS C 96 7.78 13.10 28.08
N PHE C 97 8.58 12.81 29.12
CA PHE C 97 10.00 13.06 29.06
C PHE C 97 10.71 12.21 30.11
N THR C 98 12.02 12.08 29.93
CA THR C 98 12.86 11.32 30.86
C THR C 98 14.26 11.92 30.84
N THR C 99 15.04 11.57 31.85
CA THR C 99 16.37 12.13 32.05
C THR C 99 17.43 11.04 31.94
N ASP C 100 18.67 11.43 32.25
CA ASP C 100 19.85 10.55 32.36
C ASP C 100 19.86 9.43 31.32
N VAL C 101 19.55 9.79 30.07
CA VAL C 101 19.62 8.88 28.94
C VAL C 101 20.33 9.58 27.79
N ASP C 102 21.39 8.97 27.27
CA ASP C 102 22.11 9.50 26.13
C ASP C 102 21.47 8.96 24.85
N CYS C 103 21.09 9.87 23.95
CA CYS C 103 20.42 9.45 22.72
C CYS C 103 21.37 8.99 21.63
N SER C 104 22.69 9.01 21.87
CA SER C 104 23.61 8.42 20.91
C SER C 104 23.42 6.92 20.80
N MET C 105 22.77 6.29 21.78
CA MET C 105 22.45 4.88 21.69
C MET C 105 21.38 4.64 20.64
N ARG C 106 21.39 3.44 20.08
CA ARG C 106 20.41 3.04 19.06
C ARG C 106 19.17 2.48 19.75
N ILE C 107 18.01 3.02 19.41
CA ILE C 107 16.76 2.57 20.00
C ILE C 107 15.77 2.24 18.90
N PRO C 108 14.87 1.27 19.11
CA PRO C 108 13.81 1.03 18.13
C PRO C 108 12.89 2.24 18.02
N LEU C 109 12.39 2.48 16.82
CA LEU C 109 11.52 3.61 16.57
C LEU C 109 10.14 3.20 16.06
N VAL C 110 10.02 2.07 15.39
CA VAL C 110 8.73 1.58 14.92
C VAL C 110 8.53 0.15 15.39
N ASN D 19 -13.17 46.27 25.97
CA ASN D 19 -13.57 44.92 25.61
C ASN D 19 -12.52 44.26 24.73
N ASP D 20 -12.91 43.18 24.05
CA ASP D 20 -11.98 42.42 23.22
C ASP D 20 -11.69 43.22 21.95
N PRO D 21 -10.42 43.57 21.69
CA PRO D 21 -10.12 44.32 20.45
C PRO D 21 -10.43 43.57 19.18
N LEU D 22 -10.44 42.23 19.22
CA LEU D 22 -10.73 41.45 18.03
C LEU D 22 -12.13 41.72 17.51
N PHE D 23 -13.08 41.97 18.43
CA PHE D 23 -14.43 42.31 18.02
C PHE D 23 -14.44 43.59 17.20
N ASP D 24 -13.74 44.62 17.68
CA ASP D 24 -13.66 45.88 16.92
C ASP D 24 -12.94 45.69 15.60
N PHE D 25 -11.89 44.85 15.59
CA PHE D 25 -11.18 44.59 14.34
C PHE D 25 -12.09 43.97 13.30
N PHE D 26 -12.83 42.93 13.69
CA PHE D 26 -13.73 42.28 12.74
C PHE D 26 -14.89 43.18 12.35
N ASN D 27 -15.33 44.05 13.26
CA ASN D 27 -16.34 45.04 12.91
C ASN D 27 -15.81 45.99 11.84
N LYS D 28 -14.56 46.43 11.99
CA LYS D 28 -13.96 47.32 10.99
C LYS D 28 -13.81 46.62 9.65
N HIS D 29 -13.42 45.34 9.66
CA HIS D 29 -13.20 44.59 8.43
C HIS D 29 -14.47 43.99 7.85
N MET D 30 -15.65 44.52 8.20
CA MET D 30 -16.90 44.00 7.67
C MET D 30 -17.01 44.26 6.17
N GLY D 31 -17.50 43.25 5.44
CA GLY D 31 -17.77 43.41 4.03
C GLY D 31 -16.63 43.04 3.10
N LYS D 32 -15.59 42.38 3.58
CA LYS D 32 -14.44 42.01 2.76
C LYS D 32 -14.27 40.50 2.76
N GLN D 33 -13.62 40.00 1.71
CA GLN D 33 -13.37 38.57 1.59
C GLN D 33 -12.10 38.19 2.34
N ILE D 34 -12.19 37.15 3.16
CA ILE D 34 -11.07 36.65 3.95
C ILE D 34 -11.01 35.14 3.84
N LEU D 35 -9.90 34.57 4.33
CA LEU D 35 -9.65 33.15 4.30
C LEU D 35 -9.32 32.68 5.70
N ILE D 36 -9.98 31.61 6.15
CA ILE D 36 -9.84 31.12 7.51
C ILE D 36 -9.52 29.62 7.49
N ILE D 37 -8.68 29.20 8.44
CA ILE D 37 -8.37 27.79 8.66
C ILE D 37 -8.54 27.49 10.14
N THR D 38 -9.21 26.37 10.43
CA THR D 38 -9.38 25.92 11.80
C THR D 38 -8.24 24.96 12.17
N GLU D 39 -8.35 24.33 13.35
CA GLU D 39 -7.28 23.49 13.84
C GLU D 39 -7.55 21.99 13.70
N SER D 40 -8.78 21.60 13.37
CA SER D 40 -9.09 20.18 13.24
C SER D 40 -8.31 19.57 12.08
N SER D 41 -7.92 18.31 12.26
CA SER D 41 -7.11 17.64 11.24
C SER D 41 -7.88 17.47 9.93
N GLN D 42 -9.10 16.94 10.01
CA GLN D 42 -9.93 16.73 8.82
C GLN D 42 -11.36 16.48 9.26
N LEU D 43 -12.28 16.60 8.31
CA LEU D 43 -13.70 16.40 8.55
C LEU D 43 -14.25 15.43 7.52
N ASN D 44 -15.45 14.90 7.81
CA ASN D 44 -16.10 13.93 6.96
C ASN D 44 -17.57 14.34 6.81
N ILE D 45 -18.07 14.26 5.57
CA ILE D 45 -19.46 14.57 5.29
C ILE D 45 -20.02 13.50 4.35
N LEU D 46 -20.72 12.52 4.93
CA LEU D 46 -21.27 11.37 4.21
C LEU D 46 -20.27 10.79 3.20
N GLY D 47 -19.14 10.33 3.71
CA GLY D 47 -18.15 9.67 2.89
C GLY D 47 -17.20 10.59 2.16
N GLN D 48 -17.32 11.91 2.33
CA GLN D 48 -16.43 12.87 1.68
C GLN D 48 -15.52 13.48 2.75
N THR D 49 -14.21 13.37 2.54
CA THR D 49 -13.22 13.87 3.48
C THR D 49 -12.45 15.03 2.87
N PHE D 50 -12.13 16.02 3.71
CA PHE D 50 -11.46 17.23 3.24
C PHE D 50 -10.86 17.94 4.45
N ARG D 51 -9.98 18.88 4.16
CA ARG D 51 -9.35 19.72 5.17
C ARG D 51 -10.19 20.97 5.40
N PRO D 52 -10.15 21.52 6.63
CA PRO D 52 -11.01 22.68 6.97
C PRO D 52 -10.47 24.04 6.51
N ILE D 53 -10.73 24.37 5.25
CA ILE D 53 -10.39 25.67 4.68
C ILE D 53 -11.66 26.29 4.11
N PHE D 54 -11.89 27.56 4.42
CA PHE D 54 -13.11 28.25 4.01
C PHE D 54 -12.77 29.60 3.42
N CYS D 55 -13.67 30.11 2.58
CA CYS D 55 -13.57 31.44 2.01
C CYS D 55 -14.96 32.02 1.83
N GLY D 56 -15.05 33.34 1.85
CA GLY D 56 -16.31 34.01 1.65
C GLY D 56 -16.26 35.43 2.18
N LYS D 57 -17.44 36.04 2.24
CA LYS D 57 -17.61 37.40 2.72
C LYS D 57 -18.13 37.38 4.16
N VAL D 58 -17.60 38.26 4.99
CA VAL D 58 -18.07 38.39 6.36
C VAL D 58 -19.37 39.19 6.35
N ALA D 59 -20.43 38.61 6.92
CA ALA D 59 -21.74 39.22 6.90
C ALA D 59 -22.23 39.66 8.27
N GLU D 60 -21.83 38.97 9.33
CA GLU D 60 -22.34 39.30 10.67
C GLU D 60 -21.31 38.82 11.68
N VAL D 61 -21.06 39.65 12.68
CA VAL D 61 -20.12 39.35 13.75
C VAL D 61 -20.86 39.40 15.07
N GLU D 62 -20.38 38.63 16.04
CA GLU D 62 -20.98 38.48 17.35
C GLU D 62 -19.89 38.46 18.40
N PRO D 63 -20.24 38.64 19.68
CA PRO D 63 -19.22 38.60 20.73
C PRO D 63 -18.45 37.29 20.79
N GLY D 64 -18.98 36.21 20.22
CA GLY D 64 -18.30 34.93 20.29
C GLY D 64 -18.05 34.25 18.96
N HIS D 65 -18.74 34.69 17.90
CA HIS D 65 -18.65 34.00 16.63
C HIS D 65 -18.90 34.98 15.50
N LEU D 66 -18.62 34.53 14.28
CA LEU D 66 -18.86 35.30 13.07
C LEU D 66 -19.54 34.42 12.03
N THR D 67 -20.24 35.06 11.09
CA THR D 67 -21.02 34.35 10.08
C THR D 67 -20.56 34.77 8.70
N LEU D 68 -20.47 33.80 7.79
CA LEU D 68 -20.02 34.01 6.42
C LEU D 68 -21.13 33.60 5.46
N SER D 69 -21.40 34.45 4.47
CA SER D 69 -22.37 34.14 3.43
C SER D 69 -22.17 35.07 2.23
N PRO D 70 -22.00 34.53 1.02
CA PRO D 70 -21.90 33.10 0.67
C PRO D 70 -20.53 32.53 1.05
N VAL D 71 -20.42 31.21 1.20
CA VAL D 71 -19.18 30.59 1.64
C VAL D 71 -18.76 29.53 0.63
N THR D 72 -17.47 29.53 0.31
CA THR D 72 -16.89 28.55 -0.61
C THR D 72 -15.91 27.67 0.16
N ILE D 73 -16.04 26.36 -0.03
CA ILE D 73 -15.19 25.38 0.62
C ILE D 73 -14.23 24.82 -0.42
N LYS D 74 -12.94 24.80 -0.09
CA LYS D 74 -11.90 24.37 -1.02
C LYS D 74 -11.74 22.85 -0.90
N ILE D 75 -12.15 22.13 -1.94
CA ILE D 75 -12.01 20.69 -2.01
C ILE D 75 -10.99 20.36 -3.10
N LEU D 76 -10.35 19.20 -2.96
CA LEU D 76 -9.30 18.81 -3.90
C LEU D 76 -9.85 18.69 -5.32
N ASN D 77 -11.00 18.03 -5.48
CA ASN D 77 -11.60 17.86 -6.79
C ASN D 77 -12.69 18.90 -7.09
N ALA D 78 -13.06 19.70 -6.10
CA ALA D 78 -14.06 20.76 -6.29
C ALA D 78 -13.55 22.05 -5.64
N PRO D 79 -12.58 22.72 -6.27
CA PRO D 79 -11.99 23.90 -5.65
C PRO D 79 -12.87 25.14 -5.72
N PHE D 80 -14.10 24.98 -6.22
CA PHE D 80 -15.02 26.10 -6.30
C PHE D 80 -16.44 25.73 -5.91
N HIS D 81 -16.63 24.69 -5.10
CA HIS D 81 -17.97 24.30 -4.68
C HIS D 81 -18.55 25.36 -3.75
N LYS D 82 -19.82 25.68 -3.95
CA LYS D 82 -20.51 26.72 -3.19
C LYS D 82 -21.56 26.06 -2.29
N PHE D 83 -21.50 26.38 -1.00
CA PHE D 83 -22.46 25.84 -0.06
C PHE D 83 -23.80 26.58 -0.18
N PRO D 84 -24.92 25.91 0.09
CA PRO D 84 -26.22 26.55 -0.03
C PRO D 84 -26.70 27.32 1.20
N ILE D 85 -25.99 27.23 2.32
CA ILE D 85 -26.42 27.90 3.55
C ILE D 85 -25.22 28.59 4.20
N PRO D 86 -25.46 29.65 4.96
CA PRO D 86 -24.36 30.31 5.68
C PRO D 86 -23.82 29.42 6.80
N LEU D 87 -22.65 29.82 7.30
CA LEU D 87 -21.97 29.08 8.35
C LEU D 87 -21.46 30.03 9.42
N SER D 88 -21.27 29.50 10.63
CA SER D 88 -20.76 30.26 11.75
C SER D 88 -19.59 29.53 12.37
N ILE D 89 -18.62 30.29 12.87
CA ILE D 89 -17.39 29.73 13.42
C ILE D 89 -17.09 30.37 14.77
N PRO D 90 -16.83 29.58 15.81
CA PRO D 90 -16.44 30.15 17.10
C PRO D 90 -15.07 30.80 17.02
N PHE D 91 -14.86 31.79 17.90
CA PHE D 91 -13.60 32.53 17.91
C PHE D 91 -12.43 31.64 18.29
N GLU D 92 -12.62 30.74 19.25
CA GLU D 92 -11.52 29.93 19.77
C GLU D 92 -11.05 28.85 18.80
N LYS D 93 -11.76 28.64 17.69
CA LYS D 93 -11.43 27.58 16.75
C LYS D 93 -10.63 28.06 15.55
N ILE D 94 -10.20 29.32 15.55
CA ILE D 94 -9.48 29.89 14.41
C ILE D 94 -7.98 29.70 14.63
N ALA D 95 -7.31 29.18 13.61
CA ALA D 95 -5.87 28.97 13.65
C ALA D 95 -5.08 30.07 12.95
N HIS D 96 -5.34 30.26 11.65
CA HIS D 96 -4.69 31.32 10.88
C HIS D 96 -5.71 31.95 9.95
N PHE D 97 -5.50 33.23 9.63
CA PHE D 97 -6.35 33.90 8.65
C PHE D 97 -5.62 35.09 8.08
N THR D 98 -6.10 35.55 6.93
CA THR D 98 -5.53 36.69 6.24
C THR D 98 -6.65 37.45 5.53
N THR D 99 -6.26 38.50 4.81
CA THR D 99 -7.24 39.35 4.13
C THR D 99 -6.90 39.50 2.65
N ASP D 100 -7.58 40.43 1.99
CA ASP D 100 -7.35 40.84 0.59
C ASP D 100 -7.01 39.66 -0.33
N VAL D 101 -7.78 38.59 -0.20
CA VAL D 101 -7.68 37.43 -1.07
C VAL D 101 -9.04 37.22 -1.74
N ASP D 102 -9.02 37.12 -3.07
CA ASP D 102 -10.23 36.81 -3.84
C ASP D 102 -10.07 35.34 -4.23
N CYS D 103 -10.88 34.47 -3.62
CA CYS D 103 -10.71 33.04 -3.80
C CYS D 103 -11.25 32.53 -5.14
N SER D 104 -11.82 33.38 -5.99
CA SER D 104 -12.08 32.96 -7.36
C SER D 104 -10.80 32.76 -8.15
N MET D 105 -9.67 33.23 -7.63
CA MET D 105 -8.36 32.97 -8.22
C MET D 105 -7.87 31.57 -7.83
N ARG D 106 -6.71 31.21 -8.37
CA ARG D 106 -6.16 29.89 -8.13
C ARG D 106 -5.10 29.95 -7.03
N ILE D 107 -5.20 29.05 -6.06
CA ILE D 107 -4.23 28.92 -4.98
C ILE D 107 -3.86 27.45 -4.82
N PRO D 108 -2.65 27.17 -4.33
CA PRO D 108 -2.29 25.78 -4.05
C PRO D 108 -3.19 25.19 -2.97
N LEU D 109 -3.49 23.90 -3.10
CA LEU D 109 -4.33 23.18 -2.14
C LEU D 109 -3.63 21.98 -1.51
N VAL D 110 -2.49 21.58 -2.04
CA VAL D 110 -1.80 20.40 -1.51
C VAL D 110 -1.13 20.74 -0.19
N VAL E 17 -15.08 25.39 37.31
CA VAL E 17 -15.43 23.99 37.49
C VAL E 17 -14.36 23.09 36.88
N ASN E 18 -13.67 23.61 35.86
CA ASN E 18 -12.56 22.87 35.26
C ASN E 18 -11.44 22.67 36.28
N GLU E 19 -11.11 23.71 37.03
CA GLU E 19 -10.12 23.56 38.10
C GLU E 19 -10.62 22.62 39.18
N ILE E 20 -11.93 22.60 39.43
CA ILE E 20 -12.49 21.65 40.39
C ILE E 20 -12.27 20.23 39.92
N HIS E 21 -12.52 19.96 38.63
CA HIS E 21 -12.28 18.62 38.09
C HIS E 21 -10.81 18.26 38.16
N ASP E 22 -9.92 19.20 37.83
CA ASP E 22 -8.50 18.93 37.91
C ASP E 22 -8.08 18.63 39.34
N SER E 23 -8.62 19.37 40.31
CA SER E 23 -8.31 19.12 41.71
C SER E 23 -8.80 17.74 42.14
N ALA E 24 -10.01 17.36 41.71
CA ALA E 24 -10.53 16.04 42.04
C ALA E 24 -9.64 14.94 41.48
N ILE E 25 -9.21 15.08 40.22
CA ILE E 25 -8.33 14.08 39.62
C ILE E 25 -7.00 14.03 40.37
N LEU E 26 -6.46 15.19 40.74
CA LEU E 26 -5.20 15.22 41.46
C LEU E 26 -5.31 14.54 42.81
N GLU E 27 -6.40 14.78 43.54
CA GLU E 27 -6.60 14.11 44.81
C GLU E 27 -6.75 12.61 44.64
N HIS E 28 -7.49 12.18 43.60
CA HIS E 28 -7.65 10.76 43.35
C HIS E 28 -6.30 10.10 43.06
N PHE E 29 -5.46 10.76 42.27
CA PHE E 29 -4.14 10.20 42.00
C PHE E 29 -3.26 10.20 43.25
N ARG E 30 -3.35 11.26 44.05
CA ARG E 30 -2.52 11.35 45.24
C ARG E 30 -2.87 10.28 46.27
N ASN E 31 -4.16 9.98 46.42
CA ASN E 31 -4.58 8.97 47.38
C ASN E 31 -4.05 7.59 47.02
N GLY E 32 -3.69 7.38 45.75
CA GLY E 32 -3.24 6.08 45.29
C GLY E 32 -1.73 5.91 45.27
N ILE E 33 -1.01 6.74 46.02
CA ILE E 33 0.45 6.66 46.03
C ILE E 33 0.90 5.33 46.59
N GLY E 34 1.83 4.69 45.88
CA GLY E 34 2.38 3.41 46.32
C GLY E 34 1.69 2.19 45.75
N HIS E 35 0.68 2.36 44.91
CA HIS E 35 -0.05 1.24 44.33
C HIS E 35 0.32 1.05 42.86
N LYS E 36 -0.18 -0.04 42.29
CA LYS E 36 0.04 -0.34 40.89
C LYS E 36 -1.08 0.25 40.05
N THR E 37 -0.76 0.60 38.80
CA THR E 37 -1.72 1.27 37.94
C THR E 37 -1.34 1.03 36.48
N LEU E 38 -2.27 1.38 35.60
CA LEU E 38 -2.08 1.28 34.16
C LEU E 38 -2.61 2.54 33.50
N VAL E 39 -1.86 3.06 32.53
CA VAL E 39 -2.19 4.32 31.86
C VAL E 39 -2.04 4.13 30.36
N ILE E 40 -3.02 4.62 29.61
CA ILE E 40 -3.02 4.55 28.15
C ILE E 40 -3.07 5.97 27.60
N SER E 41 -2.17 6.28 26.68
CA SER E 41 -2.07 7.60 26.08
C SER E 41 -2.02 7.49 24.57
N PRO E 42 -2.57 8.47 23.86
CA PRO E 42 -2.56 8.39 22.39
C PRO E 42 -1.20 8.62 21.78
N SER E 43 -0.25 9.20 22.52
CA SER E 43 1.06 9.49 21.98
C SER E 43 2.05 8.38 22.30
N TYR E 44 3.15 8.38 21.56
CA TYR E 44 4.20 7.39 21.75
C TYR E 44 4.75 7.49 23.17
N PRO E 45 5.06 6.36 23.84
CA PRO E 45 4.97 4.96 23.38
C PRO E 45 3.65 4.26 23.68
N TYR E 46 2.58 5.01 23.96
CA TYR E 46 1.18 4.59 23.99
C TYR E 46 0.76 3.79 25.22
N MET E 47 1.66 3.39 26.12
CA MET E 47 1.21 2.59 27.25
C MET E 47 2.29 2.54 28.32
N PHE E 48 1.85 2.63 29.58
CA PHE E 48 2.74 2.50 30.73
C PHE E 48 2.09 1.62 31.78
N VAL E 49 2.92 0.85 32.48
CA VAL E 49 2.48 0.05 33.63
C VAL E 49 3.59 0.10 34.67
N GLY E 50 3.23 0.51 35.89
CA GLY E 50 4.24 0.64 36.93
C GLY E 50 3.63 1.07 38.25
N ILE E 51 4.48 1.62 39.11
CA ILE E 51 4.12 2.03 40.46
C ILE E 51 4.29 3.53 40.58
N ILE E 52 3.29 4.19 41.15
CA ILE E 52 3.35 5.63 41.39
C ILE E 52 4.36 5.90 42.50
N LYS E 53 5.14 6.98 42.34
CA LYS E 53 6.13 7.36 43.33
C LYS E 53 5.80 8.66 44.03
N GLU E 54 5.63 9.75 43.29
CA GLU E 54 5.46 11.07 43.86
C GLU E 54 4.95 12.01 42.77
N LEU E 55 4.41 13.15 43.18
CA LEU E 55 3.66 14.04 42.29
C LEU E 55 4.24 15.44 42.33
N ILE E 56 4.31 16.07 41.16
CA ILE E 56 4.86 17.42 41.02
C ILE E 56 3.87 18.25 40.21
N GLY E 57 3.20 19.19 40.86
CA GLY E 57 2.28 20.08 40.15
C GLY E 57 1.19 19.30 39.47
N ASP E 58 1.04 19.53 38.15
CA ASP E 58 0.12 18.76 37.32
C ASP E 58 0.81 17.61 36.60
N THR E 59 1.94 17.13 37.13
CA THR E 59 2.70 16.05 36.52
C THR E 59 2.89 14.95 37.55
N VAL E 60 2.76 13.70 37.10
CA VAL E 60 2.88 12.53 37.96
C VAL E 60 4.08 11.72 37.52
N MET E 61 4.79 11.15 38.49
CA MET E 61 6.01 10.40 38.26
C MET E 61 5.75 8.91 38.48
N ILE E 62 6.12 8.10 37.49
CA ILE E 62 5.84 6.67 37.50
C ILE E 62 7.13 5.90 37.29
N ASP E 63 7.34 4.87 38.09
CA ASP E 63 8.45 3.92 37.90
C ASP E 63 7.90 2.77 37.06
N VAL E 64 8.06 2.89 35.74
CA VAL E 64 7.47 1.91 34.84
C VAL E 64 8.15 0.56 35.01
N GLU E 65 7.37 -0.50 34.84
CA GLU E 65 7.89 -1.86 34.95
C GLU E 65 7.72 -2.67 33.65
N THR E 66 6.77 -2.31 32.80
CA THR E 66 6.61 -2.96 31.50
C THR E 66 5.92 -1.97 30.55
N THR E 67 6.43 -1.88 29.34
CA THR E 67 5.88 -0.96 28.35
C THR E 67 5.94 -1.62 26.97
N HIS E 68 5.73 -0.82 25.92
CA HIS E 68 5.67 -1.36 24.56
C HIS E 68 6.99 -2.00 24.15
N PHE E 69 8.10 -1.32 24.43
CA PHE E 69 9.42 -1.77 24.00
C PHE E 69 10.30 -2.02 25.22
N ALA E 70 10.98 -3.16 25.23
CA ALA E 70 11.82 -3.53 26.36
C ALA E 70 13.04 -2.62 26.51
N GLN E 71 13.52 -2.03 25.42
CA GLN E 71 14.70 -1.17 25.48
C GLN E 71 14.44 0.14 26.22
N LEU E 72 13.17 0.50 26.43
CA LEU E 72 12.82 1.70 27.17
C LEU E 72 12.35 1.39 28.59
N GLU E 73 12.60 0.17 29.06
CA GLU E 73 12.08 -0.30 30.33
C GLU E 73 13.10 -0.08 31.45
N ASN E 74 12.61 -0.20 32.69
CA ASN E 74 13.43 -0.10 33.89
C ASN E 74 14.07 1.29 34.01
N ARG E 75 13.21 2.30 34.07
CA ARG E 75 13.64 3.68 34.22
C ARG E 75 12.43 4.51 34.67
N GLU E 76 12.65 5.80 34.87
CA GLU E 76 11.61 6.71 35.33
C GLU E 76 10.99 7.45 34.15
N TRP E 77 9.76 7.90 34.36
CA TRP E 77 9.04 8.66 33.34
C TRP E 77 8.16 9.69 34.02
N TYR E 78 7.79 10.71 33.24
CA TYR E 78 6.91 11.78 33.72
C TYR E 78 5.79 11.98 32.70
N ILE E 79 4.57 12.15 33.21
CA ILE E 79 3.38 12.24 32.37
C ILE E 79 2.58 13.47 32.78
N HIS E 80 2.19 14.26 31.78
CA HIS E 80 1.30 15.39 32.00
C HIS E 80 -0.14 14.88 32.14
N ILE E 81 -0.87 15.48 33.09
CA ILE E 81 -2.19 14.97 33.44
C ILE E 81 -3.17 15.13 32.28
N HIS E 82 -3.11 16.27 31.58
CA HIS E 82 -4.14 16.63 30.61
C HIS E 82 -4.21 15.68 29.42
N ASN E 83 -3.22 14.83 29.20
CA ASN E 83 -3.18 13.96 28.04
C ASN E 83 -3.45 12.49 28.38
N ILE E 84 -4.12 12.23 29.48
CA ILE E 84 -4.46 10.86 29.88
C ILE E 84 -5.87 10.55 29.39
N GLU E 85 -6.01 9.41 28.70
CA GLU E 85 -7.31 9.02 28.16
C GLU E 85 -8.07 8.10 29.13
N VAL E 86 -7.49 6.95 29.46
CA VAL E 86 -8.10 6.01 30.39
C VAL E 86 -7.03 5.55 31.37
N PHE E 87 -7.49 5.09 32.54
CA PHE E 87 -6.58 4.67 33.59
C PHE E 87 -7.32 3.75 34.55
N TYR E 88 -6.54 3.01 35.34
CA TYR E 88 -7.09 2.17 36.39
C TYR E 88 -6.07 2.08 37.52
N ILE E 89 -6.57 2.10 38.75
CA ILE E 89 -5.71 2.04 39.94
C ILE E 89 -6.13 0.83 40.77
N GLU E 90 -5.16 -0.01 41.13
CA GLU E 90 -5.44 -1.18 41.93
C GLU E 90 -5.84 -0.76 43.35
N ARG E 91 -6.85 -1.42 43.89
CA ARG E 91 -7.35 -1.19 45.23
C ARG E 91 -7.53 -2.53 45.94
N PRO E 92 -7.28 -2.57 47.24
CA PRO E 92 -7.50 -3.82 47.99
C PRO E 92 -8.95 -4.29 47.86
N GLY E 93 -9.11 -5.59 47.67
CA GLY E 93 -10.43 -6.16 47.47
C GLY E 93 -10.98 -6.04 46.07
N ALA E 94 -10.20 -5.53 45.13
CA ALA E 94 -10.61 -5.33 43.75
C ALA E 94 -9.89 -6.31 42.83
N PRO E 95 -10.42 -6.54 41.62
CA PRO E 95 -9.74 -7.44 40.68
C PRO E 95 -8.33 -6.95 40.37
N LYS E 96 -7.41 -7.90 40.24
CA LYS E 96 -5.99 -7.60 40.07
C LYS E 96 -5.64 -7.51 38.59
N ILE E 97 -4.65 -6.67 38.28
CA ILE E 97 -4.13 -6.63 36.91
C ILE E 97 -3.49 -7.98 36.59
N PRO E 98 -3.72 -8.54 35.40
CA PRO E 98 -3.13 -9.86 35.10
C PRO E 98 -1.61 -9.82 35.19
N LYS E 99 -1.04 -10.93 35.67
CA LYS E 99 0.40 -11.03 35.83
C LYS E 99 1.04 -11.07 34.45
N LEU E 100 1.56 -9.94 34.00
CA LEU E 100 2.06 -9.77 32.63
C LEU E 100 3.59 -9.87 32.69
N GLU E 101 4.09 -11.10 32.58
CA GLU E 101 5.53 -11.35 32.57
C GLU E 101 5.89 -11.98 31.23
N ASP E 102 7.10 -11.70 30.75
CA ASP E 102 7.53 -12.13 29.42
C ASP E 102 8.24 -13.47 29.53
N TYR E 103 7.49 -14.54 29.25
CA TYR E 103 8.09 -15.87 29.07
C TYR E 103 7.76 -16.40 27.67
N VAL F 17 -2.21 29.55 37.30
CA VAL F 17 -0.92 29.10 36.80
C VAL F 17 -0.91 29.09 35.27
N ASN F 18 -2.00 28.62 34.67
CA ASN F 18 -2.11 28.64 33.22
C ASN F 18 -2.10 30.05 32.68
N GLU F 19 -2.85 30.96 33.33
CA GLU F 19 -2.83 32.36 32.91
C GLU F 19 -1.45 32.98 33.13
N ILE F 20 -0.75 32.55 34.17
CA ILE F 20 0.62 33.03 34.39
C ILE F 20 1.52 32.61 33.24
N HIS F 21 1.40 31.35 32.82
CA HIS F 21 2.19 30.86 31.69
C HIS F 21 1.86 31.63 30.42
N ASP F 22 0.57 31.86 30.17
CA ASP F 22 0.18 32.64 28.99
C ASP F 22 0.75 34.05 29.05
N SER F 23 0.70 34.68 30.22
CA SER F 23 1.25 36.03 30.37
C SER F 23 2.74 36.03 30.11
N ALA F 24 3.46 35.04 30.62
CA ALA F 24 4.89 34.95 30.37
C ALA F 24 5.19 34.81 28.88
N ILE F 25 4.42 33.96 28.19
CA ILE F 25 4.63 33.77 26.75
C ILE F 25 4.36 35.08 26.00
N LEU F 26 3.27 35.77 26.37
CA LEU F 26 2.95 37.03 25.70
C LEU F 26 4.02 38.08 25.95
N GLU F 27 4.54 38.18 27.18
CA GLU F 27 5.62 39.13 27.43
C GLU F 27 6.86 38.79 26.62
N HIS F 28 7.21 37.50 26.56
CA HIS F 28 8.39 37.09 25.79
C HIS F 28 8.23 37.45 24.32
N PHE F 29 7.04 37.23 23.76
CA PHE F 29 6.81 37.58 22.36
C PHE F 29 6.80 39.09 22.16
N ARG F 30 6.26 39.83 23.13
CA ARG F 30 6.18 41.28 23.00
C ARG F 30 7.56 41.92 23.05
N ASN F 31 8.46 41.38 23.86
CA ASN F 31 9.81 41.92 23.93
C ASN F 31 10.59 41.68 22.65
N GLY F 32 10.09 40.83 21.75
CA GLY F 32 10.79 40.50 20.53
C GLY F 32 10.29 41.21 19.29
N ILE F 33 9.57 42.33 19.47
CA ILE F 33 9.02 43.04 18.33
C ILE F 33 10.14 43.58 17.46
N GLY F 34 10.02 43.38 16.15
CA GLY F 34 11.02 43.84 15.21
C GLY F 34 12.17 42.89 14.97
N HIS F 35 11.99 41.60 15.25
CA HIS F 35 13.02 40.60 15.08
C HIS F 35 12.52 39.44 14.23
N LYS F 36 13.44 38.81 13.51
CA LYS F 36 13.08 37.71 12.64
C LYS F 36 12.89 36.42 13.45
N THR F 37 11.80 35.72 13.17
CA THR F 37 11.47 34.51 13.92
C THR F 37 11.09 33.39 12.96
N LEU F 38 10.92 32.20 13.52
CA LEU F 38 10.46 31.03 12.79
C LEU F 38 9.45 30.30 13.65
N VAL F 39 8.34 29.88 13.03
CA VAL F 39 7.24 29.23 13.74
C VAL F 39 6.82 28.00 12.96
N ILE F 40 6.60 26.90 13.68
CA ILE F 40 6.13 25.65 13.09
C ILE F 40 4.82 25.26 13.77
N SER F 41 3.81 24.96 12.96
CA SER F 41 2.49 24.60 13.46
C SER F 41 2.00 23.33 12.77
N PRO F 42 1.22 22.51 13.47
CA PRO F 42 0.70 21.28 12.85
C PRO F 42 -0.29 21.54 11.73
N SER F 43 -0.87 22.73 11.65
CA SER F 43 -1.89 23.01 10.65
C SER F 43 -1.29 23.67 9.41
N TYR F 44 -2.00 23.53 8.31
CA TYR F 44 -1.57 24.13 7.05
C TYR F 44 -1.52 25.65 7.18
N PRO F 45 -0.54 26.33 6.56
CA PRO F 45 0.51 25.83 5.67
C PRO F 45 1.80 25.37 6.37
N TYR F 46 1.75 25.13 7.69
CA TYR F 46 2.75 24.42 8.49
C TYR F 46 4.03 25.21 8.77
N MET F 47 4.23 26.40 8.22
CA MET F 47 5.48 27.09 8.48
C MET F 47 5.34 28.57 8.17
N PHE F 48 6.01 29.40 8.95
CA PHE F 48 6.06 30.84 8.73
C PHE F 48 7.43 31.38 9.13
N VAL F 49 7.97 32.27 8.31
CA VAL F 49 9.21 32.97 8.59
C VAL F 49 9.02 34.44 8.23
N GLY F 50 9.38 35.33 9.14
CA GLY F 50 9.20 36.75 8.89
C GLY F 50 9.50 37.58 10.12
N ILE F 51 8.89 38.76 10.15
CA ILE F 51 9.13 39.76 11.19
C ILE F 51 7.84 40.01 11.96
N ILE F 52 7.95 40.16 13.27
CA ILE F 52 6.83 40.51 14.12
C ILE F 52 6.58 42.01 14.03
N LYS F 53 5.32 42.40 13.84
CA LYS F 53 4.95 43.81 13.77
C LYS F 53 4.06 44.23 14.93
N GLU F 54 2.91 43.58 15.11
CA GLU F 54 1.91 43.99 16.07
C GLU F 54 1.56 42.84 17.00
N LEU F 55 0.74 43.14 18.00
CA LEU F 55 0.19 42.15 18.92
C LEU F 55 -1.24 42.54 19.27
N ILE F 56 -2.17 41.62 19.05
CA ILE F 56 -3.58 41.86 19.29
C ILE F 56 -4.12 40.71 20.14
N GLY F 57 -4.44 40.99 21.40
CA GLY F 57 -4.96 39.96 22.28
C GLY F 57 -3.98 38.81 22.40
N ASP F 58 -4.47 37.60 22.14
CA ASP F 58 -3.61 36.42 22.06
C ASP F 58 -3.26 36.04 20.62
N THR F 59 -3.21 37.03 19.72
CA THR F 59 -2.90 36.81 18.32
C THR F 59 -1.70 37.66 17.94
N VAL F 60 -0.79 37.08 17.15
CA VAL F 60 0.45 37.74 16.78
C VAL F 60 0.36 38.21 15.33
N MET F 61 1.20 39.20 15.01
CA MET F 61 1.32 39.77 13.68
C MET F 61 2.67 39.44 13.09
N ILE F 62 2.67 38.85 11.89
CA ILE F 62 3.89 38.48 11.20
C ILE F 62 3.80 38.93 9.75
N ASP F 63 4.86 39.57 9.27
CA ASP F 63 5.02 39.87 7.84
C ASP F 63 5.85 38.73 7.26
N VAL F 64 5.18 37.84 6.51
CA VAL F 64 5.82 36.61 6.07
C VAL F 64 6.94 36.91 5.08
N GLU F 65 7.92 36.02 5.04
CA GLU F 65 9.08 36.14 4.16
C GLU F 65 9.32 34.87 3.35
N THR F 66 9.09 33.70 3.94
CA THR F 66 9.30 32.44 3.24
C THR F 66 8.44 31.38 3.88
N THR F 67 7.72 30.62 3.06
CA THR F 67 6.84 29.58 3.57
C THR F 67 6.82 28.43 2.55
N HIS F 68 5.82 27.56 2.67
CA HIS F 68 5.77 26.35 1.84
C HIS F 68 5.66 26.69 0.36
N PHE F 69 4.81 27.65 0.01
CA PHE F 69 4.53 28.00 -1.38
C PHE F 69 4.90 29.44 -1.65
N ALA F 70 5.60 29.67 -2.76
CA ALA F 70 6.02 31.02 -3.13
C ALA F 70 4.84 31.90 -3.51
N GLN F 71 3.71 31.31 -3.91
CA GLN F 71 2.55 32.10 -4.31
C GLN F 71 1.89 32.80 -3.14
N LEU F 72 2.16 32.35 -1.91
CA LEU F 72 1.56 32.92 -0.72
C LEU F 72 2.50 33.88 0.01
N GLU F 73 3.28 34.66 -0.73
CA GLU F 73 4.30 35.50 -0.12
C GLU F 73 3.95 36.98 -0.20
N ASN F 74 4.71 37.78 0.56
CA ASN F 74 4.60 39.24 0.57
C ASN F 74 3.20 39.69 0.98
N ARG F 75 2.78 39.25 2.15
CA ARG F 75 1.50 39.63 2.73
C ARG F 75 1.57 39.47 4.23
N GLU F 76 0.42 39.56 4.89
CA GLU F 76 0.33 39.59 6.35
C GLU F 76 -0.53 38.44 6.83
N TRP F 77 -0.19 37.92 8.02
CA TRP F 77 -0.85 36.74 8.56
C TRP F 77 -1.15 36.93 10.04
N TYR F 78 -2.12 36.16 10.53
CA TYR F 78 -2.51 36.16 11.93
C TYR F 78 -2.37 34.74 12.47
N ILE F 79 -1.82 34.62 13.68
CA ILE F 79 -1.60 33.32 14.30
C ILE F 79 -2.10 33.37 15.74
N HIS F 80 -2.84 32.33 16.13
CA HIS F 80 -3.27 32.16 17.51
C HIS F 80 -2.16 31.49 18.32
N ILE F 81 -2.02 31.90 19.57
CA ILE F 81 -0.90 31.44 20.40
C ILE F 81 -1.00 29.93 20.66
N HIS F 82 -2.21 29.45 20.93
CA HIS F 82 -2.39 28.06 21.38
C HIS F 82 -1.92 27.04 20.35
N ASN F 83 -1.79 27.42 19.09
CA ASN F 83 -1.42 26.47 18.04
C ASN F 83 0.07 26.51 17.72
N ILE F 84 0.87 27.24 18.47
CA ILE F 84 2.32 27.28 18.26
C ILE F 84 2.94 26.06 18.92
N GLU F 85 3.76 25.33 18.17
CA GLU F 85 4.44 24.15 18.69
C GLU F 85 5.89 24.45 19.08
N VAL F 86 6.69 24.93 18.13
CA VAL F 86 8.07 25.32 18.40
C VAL F 86 8.31 26.69 17.78
N PHE F 87 9.29 27.41 18.30
CA PHE F 87 9.57 28.76 17.84
C PHE F 87 11.00 29.12 18.21
N TYR F 88 11.51 30.16 17.55
CA TYR F 88 12.84 30.68 17.83
C TYR F 88 12.89 32.14 17.42
N ILE F 89 13.61 32.93 18.23
CA ILE F 89 13.79 34.36 17.97
C ILE F 89 15.29 34.66 18.00
N GLU F 90 15.77 35.34 16.97
CA GLU F 90 17.18 35.65 16.87
C GLU F 90 17.51 36.88 17.72
N ARG F 91 18.72 36.90 18.26
CA ARG F 91 19.20 37.94 19.15
C ARG F 91 20.67 38.20 18.83
N PRO F 92 21.15 39.42 19.05
CA PRO F 92 22.57 39.70 18.82
C PRO F 92 23.46 38.72 19.58
N GLY F 93 24.47 38.19 18.90
CA GLY F 93 25.31 37.16 19.47
C GLY F 93 24.77 35.76 19.37
N ALA F 94 23.80 35.51 18.51
CA ALA F 94 23.17 34.21 18.31
C ALA F 94 23.21 33.86 16.84
N PRO F 95 23.19 32.56 16.52
CA PRO F 95 23.23 32.16 15.10
C PRO F 95 22.05 32.71 14.32
N LYS F 96 22.33 33.08 13.07
CA LYS F 96 21.31 33.66 12.19
C LYS F 96 20.51 32.56 11.51
N ILE F 97 19.25 32.83 11.25
CA ILE F 97 18.39 31.87 10.56
C ILE F 97 18.90 31.69 9.13
N PRO F 98 19.12 30.46 8.66
CA PRO F 98 19.57 30.27 7.28
C PRO F 98 18.55 30.79 6.29
N LYS F 99 19.05 31.40 5.21
CA LYS F 99 18.19 31.99 4.19
C LYS F 99 17.89 30.95 3.11
N LEU F 100 16.61 30.62 2.94
CA LEU F 100 16.18 29.72 1.87
C LEU F 100 16.08 30.56 0.61
N GLU F 101 17.18 30.59 -0.15
CA GLU F 101 17.25 31.36 -1.38
C GLU F 101 16.85 30.48 -2.55
N ASP F 102 16.10 31.06 -3.48
CA ASP F 102 15.64 30.35 -4.67
C ASP F 102 16.66 30.67 -5.76
N TYR F 103 17.58 29.75 -6.00
CA TYR F 103 18.59 29.94 -7.02
C TYR F 103 18.05 29.65 -8.41
N VAL G 17 -10.52 35.39 28.86
CA VAL G 17 -11.41 35.67 27.75
C VAL G 17 -12.15 34.40 27.35
N ASN G 18 -11.60 33.24 27.75
CA ASN G 18 -12.25 31.97 27.44
C ASN G 18 -13.61 31.87 28.10
N GLU G 19 -13.71 32.33 29.36
CA GLU G 19 -14.99 32.31 30.05
C GLU G 19 -16.01 33.21 29.35
N ILE G 20 -15.57 34.39 28.90
CA ILE G 20 -16.47 35.30 28.20
C ILE G 20 -16.96 34.67 26.90
N HIS G 21 -16.05 34.06 26.13
CA HIS G 21 -16.44 33.43 24.87
C HIS G 21 -17.41 32.28 25.12
N ASP G 22 -17.12 31.45 26.13
CA ASP G 22 -18.03 30.35 26.45
C ASP G 22 -19.39 30.88 26.87
N SER G 23 -19.42 31.95 27.67
CA SER G 23 -20.70 32.53 28.07
C SER G 23 -21.49 33.03 26.87
N ALA G 24 -20.80 33.69 25.92
CA ALA G 24 -21.48 34.16 24.72
C ALA G 24 -22.07 33.01 23.93
N ILE G 25 -21.29 31.93 23.76
CA ILE G 25 -21.79 30.78 23.01
C ILE G 25 -22.99 30.15 23.72
N LEU G 26 -22.91 30.02 25.05
CA LEU G 26 -24.01 29.42 25.79
C LEU G 26 -25.27 30.27 25.71
N GLU G 27 -25.15 31.60 25.80
CA GLU G 27 -26.33 32.44 25.63
C GLU G 27 -26.90 32.32 24.23
N HIS G 28 -26.04 32.28 23.21
CA HIS G 28 -26.54 32.12 21.84
C HIS G 28 -27.30 30.82 21.67
N PHE G 29 -26.77 29.73 22.25
CA PHE G 29 -27.46 28.45 22.15
C PHE G 29 -28.76 28.45 22.95
N ARG G 30 -28.76 29.09 24.13
CA ARG G 30 -29.94 29.12 24.97
C ARG G 30 -31.07 29.90 24.32
N ASN G 31 -30.75 31.00 23.63
CA ASN G 31 -31.78 31.78 22.97
C ASN G 31 -32.45 31.05 21.82
N GLY G 32 -31.87 29.93 21.37
CA GLY G 32 -32.37 29.18 20.24
C GLY G 32 -33.17 27.94 20.56
N ILE G 33 -33.70 27.81 21.78
CA ILE G 33 -34.44 26.61 22.15
C ILE G 33 -35.70 26.50 21.30
N GLY G 34 -35.92 25.31 20.74
CA GLY G 34 -37.09 25.07 19.92
C GLY G 34 -36.90 25.29 18.43
N HIS G 35 -35.65 25.42 17.97
CA HIS G 35 -35.37 25.68 16.57
C HIS G 35 -34.64 24.49 15.95
N LYS G 36 -34.57 24.49 14.63
CA LYS G 36 -33.84 23.47 13.88
C LYS G 36 -32.42 23.95 13.61
N THR G 37 -31.47 23.01 13.64
CA THR G 37 -30.07 23.38 13.52
C THR G 37 -29.28 22.20 12.96
N LEU G 38 -28.04 22.49 12.56
CA LEU G 38 -27.12 21.49 12.03
C LEU G 38 -25.77 21.65 12.74
N VAL G 39 -25.12 20.53 13.02
CA VAL G 39 -23.87 20.52 13.77
C VAL G 39 -22.89 19.57 13.10
N ILE G 40 -21.66 20.04 12.91
CA ILE G 40 -20.58 19.24 12.33
C ILE G 40 -19.48 19.12 13.37
N SER G 41 -19.04 17.88 13.62
CA SER G 41 -17.99 17.60 14.58
C SER G 41 -16.94 16.70 13.95
N PRO G 42 -15.67 16.83 14.37
CA PRO G 42 -14.62 15.97 13.81
C PRO G 42 -14.64 14.54 14.32
N SER G 43 -15.47 14.23 15.30
CA SER G 43 -15.54 12.90 15.88
C SER G 43 -16.78 12.16 15.41
N TYR G 44 -16.71 10.83 15.48
CA TYR G 44 -17.82 9.99 15.07
C TYR G 44 -19.05 10.31 15.91
N PRO G 45 -20.26 10.34 15.32
CA PRO G 45 -20.61 10.04 13.92
C PRO G 45 -20.58 11.25 12.98
N TYR G 46 -19.92 12.33 13.36
CA TYR G 46 -19.54 13.48 12.54
C TYR G 46 -20.68 14.44 12.17
N MET G 47 -21.94 14.13 12.49
CA MET G 47 -22.99 15.05 12.06
C MET G 47 -24.27 14.76 12.84
N PHE G 48 -24.96 15.84 13.23
CA PHE G 48 -26.26 15.76 13.87
C PHE G 48 -27.18 16.83 13.28
N VAL G 49 -28.44 16.46 13.06
CA VAL G 49 -29.47 17.40 12.61
C VAL G 49 -30.75 17.08 13.36
N GLY G 50 -31.36 18.11 13.95
CA GLY G 50 -32.57 17.89 14.72
C GLY G 50 -33.00 19.17 15.42
N ILE G 51 -33.84 18.99 16.43
CA ILE G 51 -34.42 20.09 17.20
C ILE G 51 -33.74 20.15 18.56
N ILE G 52 -33.20 21.33 18.89
CA ILE G 52 -32.59 21.52 20.20
C ILE G 52 -33.67 21.57 21.27
N LYS G 53 -33.43 20.90 22.39
CA LYS G 53 -34.42 20.80 23.45
C LYS G 53 -34.03 21.61 24.69
N GLU G 54 -32.85 21.36 25.25
CA GLU G 54 -32.39 22.06 26.44
C GLU G 54 -30.91 21.78 26.62
N LEU G 55 -30.31 22.39 27.63
CA LEU G 55 -28.88 22.26 27.90
C LEU G 55 -28.65 21.98 29.38
N ILE G 56 -27.57 21.25 29.66
CA ILE G 56 -27.17 20.91 31.02
C ILE G 56 -25.71 21.32 31.16
N GLY G 57 -25.43 22.29 32.03
CA GLY G 57 -24.07 22.75 32.21
C GLY G 57 -23.52 23.26 30.89
N ASP G 58 -22.39 22.69 30.46
CA ASP G 58 -21.82 22.97 29.15
C ASP G 58 -22.13 21.88 28.14
N THR G 59 -23.27 21.21 28.27
CA THR G 59 -23.69 20.16 27.37
C THR G 59 -25.09 20.44 26.86
N VAL G 60 -25.35 20.07 25.61
CA VAL G 60 -26.60 20.39 24.94
C VAL G 60 -27.31 19.11 24.55
N MET G 61 -28.61 19.04 24.87
CA MET G 61 -29.45 17.91 24.53
C MET G 61 -30.16 18.19 23.21
N ILE G 62 -30.07 17.25 22.28
CA ILE G 62 -30.66 17.40 20.95
C ILE G 62 -31.49 16.16 20.64
N ASP G 63 -32.68 16.38 20.08
CA ASP G 63 -33.55 15.30 19.62
C ASP G 63 -33.19 15.08 18.15
N VAL G 64 -32.33 14.08 17.90
CA VAL G 64 -31.80 13.87 16.56
C VAL G 64 -32.90 13.31 15.65
N GLU G 65 -32.96 13.85 14.43
CA GLU G 65 -33.92 13.41 13.43
C GLU G 65 -33.29 12.91 12.15
N THR G 66 -32.08 13.35 11.80
CA THR G 66 -31.35 12.82 10.66
C THR G 66 -29.87 12.86 10.96
N THR G 67 -29.18 11.74 10.71
CA THR G 67 -27.76 11.65 11.00
C THR G 67 -27.12 10.71 9.98
N HIS G 68 -25.90 10.25 10.27
CA HIS G 68 -25.14 9.47 9.31
C HIS G 68 -25.82 8.13 9.01
N PHE G 69 -26.21 7.40 10.05
CA PHE G 69 -26.75 6.06 9.89
C PHE G 69 -28.19 5.99 10.36
N ALA G 70 -28.96 5.09 9.74
CA ALA G 70 -30.36 4.95 10.07
C ALA G 70 -30.56 4.35 11.46
N GLN G 71 -29.67 3.46 11.88
CA GLN G 71 -29.83 2.79 13.17
C GLN G 71 -29.67 3.75 14.34
N LEU G 72 -29.07 4.91 14.11
CA LEU G 72 -28.83 5.89 15.17
C LEU G 72 -29.79 7.07 15.09
N GLU G 73 -31.04 6.82 14.76
CA GLU G 73 -32.05 7.85 14.58
C GLU G 73 -33.13 7.76 15.66
N ASN G 74 -33.92 8.82 15.76
CA ASN G 74 -35.09 8.89 16.62
C ASN G 74 -34.73 8.62 18.08
N ARG G 75 -33.84 9.45 18.61
CA ARG G 75 -33.42 9.35 20.00
C ARG G 75 -32.78 10.66 20.41
N GLU G 76 -32.20 10.67 21.60
CA GLU G 76 -31.58 11.87 22.16
C GLU G 76 -30.08 11.69 22.28
N TRP G 77 -29.35 12.79 22.13
CA TRP G 77 -27.90 12.78 22.22
C TRP G 77 -27.44 13.98 23.04
N TYR G 78 -26.25 13.84 23.61
CA TYR G 78 -25.64 14.91 24.40
C TYR G 78 -24.28 15.24 23.80
N ILE G 79 -24.03 16.53 23.59
CA ILE G 79 -22.83 17.01 22.92
C ILE G 79 -22.13 18.02 23.79
N HIS G 80 -20.82 17.83 23.98
CA HIS G 80 -20.00 18.80 24.70
C HIS G 80 -19.68 19.98 23.80
N ILE G 81 -19.69 21.18 24.39
CA ILE G 81 -19.54 22.40 23.61
C ILE G 81 -18.15 22.48 22.99
N HIS G 82 -17.12 22.02 23.71
CA HIS G 82 -15.74 22.22 23.28
C HIS G 82 -15.40 21.50 21.99
N ASN G 83 -16.22 20.56 21.54
CA ASN G 83 -15.97 19.84 20.30
C ASN G 83 -16.91 20.27 19.18
N ILE G 84 -17.36 21.52 19.21
CA ILE G 84 -18.22 22.06 18.17
C ILE G 84 -17.36 22.82 17.18
N GLU G 85 -17.45 22.46 15.89
CA GLU G 85 -16.62 23.06 14.86
C GLU G 85 -17.36 24.16 14.09
N VAL G 86 -18.46 23.79 13.43
CA VAL G 86 -19.31 24.75 12.74
C VAL G 86 -20.77 24.40 13.03
N PHE G 87 -21.63 25.41 12.90
CA PHE G 87 -23.03 25.22 13.21
C PHE G 87 -23.85 26.31 12.53
N TYR G 88 -25.15 26.08 12.46
CA TYR G 88 -26.09 27.05 11.93
C TYR G 88 -27.46 26.81 12.54
N ILE G 89 -28.14 27.89 12.92
CA ILE G 89 -29.45 27.83 13.56
C ILE G 89 -30.44 28.60 12.70
N GLU G 90 -31.61 28.01 12.48
CA GLU G 90 -32.63 28.66 11.68
C GLU G 90 -33.13 29.92 12.39
N ARG G 91 -33.42 30.94 11.61
CA ARG G 91 -33.98 32.19 12.10
C ARG G 91 -35.15 32.57 11.21
N PRO G 92 -36.11 33.34 11.73
CA PRO G 92 -37.19 33.85 10.87
C PRO G 92 -36.64 34.71 9.75
N GLY G 93 -37.22 34.55 8.56
CA GLY G 93 -36.76 35.31 7.42
C GLY G 93 -35.38 34.95 6.93
N ALA G 94 -34.90 33.76 7.27
CA ALA G 94 -33.58 33.27 6.90
C ALA G 94 -33.71 32.07 5.95
N PRO G 95 -32.65 31.76 5.20
CA PRO G 95 -32.70 30.59 4.32
C PRO G 95 -32.98 29.32 5.10
N LYS G 96 -33.79 28.45 4.50
CA LYS G 96 -34.20 27.23 5.17
C LYS G 96 -33.17 26.12 4.96
N ILE G 97 -33.05 25.25 5.96
CA ILE G 97 -32.23 24.05 5.78
C ILE G 97 -32.84 23.20 4.68
N PRO G 98 -32.06 22.64 3.75
CA PRO G 98 -32.65 21.87 2.65
C PRO G 98 -33.49 20.71 3.16
N LYS G 99 -34.59 20.46 2.46
CA LYS G 99 -35.54 19.42 2.87
C LYS G 99 -34.92 18.06 2.57
N LEU G 100 -34.05 17.63 3.49
CA LEU G 100 -33.34 16.36 3.36
C LEU G 100 -34.35 15.24 3.59
N GLU G 101 -34.83 14.66 2.51
CA GLU G 101 -35.83 13.60 2.55
C GLU G 101 -35.21 12.30 2.03
N ASP G 102 -35.61 11.18 2.64
CA ASP G 102 -35.02 9.88 2.33
C ASP G 102 -35.71 9.35 1.08
N TYR G 103 -35.02 9.47 -0.06
CA TYR G 103 -35.50 8.91 -1.31
C TYR G 103 -34.43 8.03 -1.96
#